data_6W4X
#
_entry.id   6W4X
#
_cell.length_a   1.00
_cell.length_b   1.00
_cell.length_c   1.00
_cell.angle_alpha   90.00
_cell.angle_beta   90.00
_cell.angle_gamma   90.00
#
_symmetry.space_group_name_H-M   'P 1'
#
loop_
_entity.id
_entity.type
_entity.pdbx_description
1 polymer 'Ribonucleoside-diphosphate reductase 1 subunit alpha'
2 polymer 'Ribonucleoside-diphosphate reductase 1 subunit beta'
3 non-polymer "THYMIDINE-5'-TRIPHOSPHATE"
4 non-polymer 'MAGNESIUM ION'
5 non-polymer "GUANOSINE-5'-DIPHOSPHATE"
6 non-polymer MU-OXO-DIIRON
7 water water
#
loop_
_entity_poly.entity_id
_entity_poly.type
_entity_poly.pdbx_seq_one_letter_code
_entity_poly.pdbx_strand_id
1 'polypeptide(L)'
;MNQNLLVTKRDGSTERINLDKIHRVLDWAAEGLHNVSISQVELRSHIQFYDGIKTSDIHETIIKAAADLISRDAPDYQYL
AARLAIFHLRKKAYGQFEPPALYDHVVKMVEMGKYDNHLLEDYTEEEFKQMDTFIDHDRDMTFSYAAVKQLEGKYLVQNR
VTGEIYESAQFLYILVAACLFSNYPRETRLQYVKRFYDAVSTFKISLPTPIMSGVRTPTRQFSSCVLIECGDSLDSINAT
SSAIVKYVSQRAGIGINAGRIRALGSPIRGGEAFHTGCIPFYKHFQTAVKSCSQGGVRGGAATLFYPMWHLEVESLLVLK
NNRGVEGNRVRHMDYGVQINKLMYTRLLKGEDITLFSPSDVPGLYDAFFADQEEFERLYTKYEKDDSIRKQRVKAVELFS
LMMQERASTGRIYIQNVDHCNTHSPFDPAIAPVRQSNLCLEIALPTKPLNDVNDENGEIALCTLSAFNLGAINNLDELEE
LAILAVRALDALLDYQDYPIPAAKRGAMGRRTLGIGVINFAYYLAKHGKRYSDGSANNLTHKTFEAIQYYLLKASNELAK
EQGACPWFNETTYAKGILPIDTYKKDLDTIANEPLHYDWEALRESIKTHGLRNSTLSALMPSETSSQISNATNGIEPPRG
YVSIKASKDGILRQVVPDYEHLHDAYELLWEMPGNDGYLQLVGIMQKFIDQSISANTNYDPSRFPSGKVPMQQLLKDLLT
AYKFGVKTLYYQNTRDGAEDAQDDLVPSIQDDGCESGACKI
;
A,B
2 'polypeptide(L)'
;MAYTTFSQTKNDQLKEPMFFGQPVNVARYDQQKYDIFEKLIEKQLSFFWRPEQVDVSRDRIDYQALPEHEKHIFISNLKY
QTLLDSIQGRSPNVALLPLISIPELETWVETWAFSETIHSRS(FY3)THIIRNIVNDPSVVFDDIVTNEQIQKRAEGISS
YYDELIEMTSYWHLLGEGTHTVNGKTVTVSLRELKKKLYLCLMSVNALEAIRFYVSFACSFAFAERELMEGNAKIIRLIA
RDEALHLTGTQHMLNLLRSGADDPEMAEIAEECKQECYDLFVQAAQQEKDWADYLFRDGSMIGLNKDILCQYVEYITNIR
MQAVGLDLPFQTRSNPIPWINTWLVSDNVQVAPQEVEVSSYLVGQIDSEVDTDDLSNFQL
;
C,D
#
loop_
_chem_comp.id
_chem_comp.type
_chem_comp.name
_chem_comp.formula
FEO non-polymer MU-OXO-DIIRON 'Fe2 O'
GDP RNA linking GUANOSINE-5'-DIPHOSPHATE 'C10 H15 N5 O11 P2'
MG non-polymer 'MAGNESIUM ION' 'Mg 2'
TTP non-polymer THYMIDINE-5'-TRIPHOSPHATE 'C10 H17 N2 O14 P3'
#
# COMPACT_ATOMS: atom_id res chain seq x y z
N MET A 1 -12.23 -55.94 -13.76
CA MET A 1 -13.48 -56.60 -13.42
C MET A 1 -14.53 -56.35 -14.49
N ASN A 2 -15.79 -56.66 -14.16
CA ASN A 2 -16.89 -56.44 -15.08
C ASN A 2 -17.15 -54.94 -15.26
N GLN A 3 -18.18 -54.62 -16.05
CA GLN A 3 -18.48 -53.23 -16.36
C GLN A 3 -18.73 -52.42 -15.08
N ASN A 4 -19.81 -52.73 -14.38
CA ASN A 4 -20.17 -52.11 -13.10
C ASN A 4 -19.88 -50.61 -13.09
N LEU A 5 -20.30 -49.90 -14.13
CA LEU A 5 -19.94 -48.49 -14.29
C LEU A 5 -20.71 -47.66 -13.26
N LEU A 6 -20.03 -47.30 -12.18
CA LEU A 6 -20.63 -46.51 -11.12
C LEU A 6 -20.52 -45.03 -11.43
N VAL A 7 -21.65 -44.32 -11.33
CA VAL A 7 -21.68 -42.88 -11.54
C VAL A 7 -22.48 -42.26 -10.40
N THR A 8 -22.18 -41.00 -10.11
CA THR A 8 -22.79 -40.28 -9.00
C THR A 8 -24.20 -39.82 -9.37
N LYS A 9 -25.13 -40.00 -8.44
CA LYS A 9 -26.54 -39.77 -8.69
C LYS A 9 -27.00 -38.43 -8.11
N ARG A 10 -28.13 -37.95 -8.64
CA ARG A 10 -28.88 -36.85 -8.06
C ARG A 10 -29.89 -37.34 -7.04
N ASP A 11 -30.57 -38.45 -7.33
CA ASP A 11 -31.53 -39.06 -6.42
C ASP A 11 -30.87 -40.01 -5.42
N GLY A 12 -29.54 -40.05 -5.38
CA GLY A 12 -28.81 -40.85 -4.41
C GLY A 12 -29.20 -42.31 -4.39
N SER A 13 -28.91 -43.03 -5.47
CA SER A 13 -29.34 -44.42 -5.62
C SER A 13 -28.14 -45.28 -5.96
N THR A 14 -27.89 -46.31 -5.14
CA THR A 14 -26.94 -47.35 -5.47
C THR A 14 -27.61 -48.51 -6.20
N GLU A 15 -28.33 -48.17 -7.26
CA GLU A 15 -29.15 -49.12 -8.00
C GLU A 15 -28.27 -49.89 -8.99
N ARG A 16 -28.93 -50.55 -9.95
CA ARG A 16 -28.24 -51.15 -11.08
C ARG A 16 -27.29 -50.15 -11.73
N ILE A 17 -26.26 -50.68 -12.40
CA ILE A 17 -25.20 -49.82 -12.93
C ILE A 17 -25.82 -48.78 -13.87
N ASN A 18 -25.29 -47.56 -13.80
CA ASN A 18 -25.90 -46.42 -14.47
C ASN A 18 -24.90 -45.74 -15.39
N LEU A 19 -25.44 -45.07 -16.41
CA LEU A 19 -24.69 -44.16 -17.26
C LEU A 19 -25.48 -42.87 -17.48
N ASP A 20 -26.34 -42.53 -16.52
CA ASP A 20 -27.35 -41.50 -16.74
C ASP A 20 -26.70 -40.15 -17.05
N LYS A 21 -25.80 -39.68 -16.18
CA LYS A 21 -25.26 -38.35 -16.35
C LYS A 21 -24.15 -38.32 -17.40
N ILE A 22 -23.31 -39.36 -17.44
CA ILE A 22 -22.28 -39.46 -18.47
C ILE A 22 -22.86 -39.71 -19.84
N HIS A 23 -24.17 -39.95 -19.95
CA HIS A 23 -24.86 -39.93 -21.23
C HIS A 23 -25.70 -38.67 -21.43
N ARG A 24 -26.18 -38.05 -20.35
CA ARG A 24 -26.87 -36.78 -20.49
C ARG A 24 -25.93 -35.64 -20.81
N VAL A 25 -24.62 -35.87 -20.70
CA VAL A 25 -23.66 -34.85 -21.13
C VAL A 25 -23.69 -34.67 -22.64
N LEU A 26 -23.64 -35.77 -23.40
CA LEU A 26 -23.52 -35.73 -24.86
C LEU A 26 -24.41 -36.77 -25.54
N ASP A 27 -25.65 -36.93 -25.08
CA ASP A 27 -26.55 -37.95 -25.61
C ASP A 27 -26.88 -37.86 -27.09
N TRP A 28 -27.56 -36.78 -27.50
CA TRP A 28 -28.40 -36.79 -28.68
C TRP A 28 -27.67 -36.34 -29.95
N ALA A 29 -26.41 -36.75 -30.13
CA ALA A 29 -25.65 -36.38 -31.32
C ALA A 29 -25.90 -37.28 -32.52
N ALA A 30 -26.52 -38.45 -32.33
CA ALA A 30 -26.62 -39.47 -33.37
C ALA A 30 -27.93 -39.42 -34.14
N GLU A 31 -28.54 -38.25 -34.27
CA GLU A 31 -29.83 -38.13 -34.95
C GLU A 31 -29.76 -37.04 -36.01
N GLY A 32 -29.34 -37.42 -37.22
CA GLY A 32 -29.47 -36.53 -38.37
C GLY A 32 -28.56 -35.32 -38.36
N LEU A 33 -27.30 -35.48 -37.96
CA LEU A 33 -26.34 -34.39 -38.06
C LEU A 33 -24.95 -34.99 -38.08
N HIS A 34 -23.98 -34.20 -38.56
CA HIS A 34 -22.63 -34.66 -38.78
C HIS A 34 -22.06 -35.34 -37.54
N ASN A 35 -21.28 -36.40 -37.77
CA ASN A 35 -20.54 -37.12 -36.71
C ASN A 35 -21.50 -37.71 -35.68
N VAL A 36 -22.40 -38.57 -36.16
CA VAL A 36 -23.32 -39.26 -35.27
C VAL A 36 -22.54 -40.07 -34.24
N SER A 37 -23.13 -40.24 -33.06
CA SER A 37 -22.43 -40.87 -31.95
C SER A 37 -23.40 -41.61 -31.03
N ILE A 38 -23.18 -42.90 -30.86
CA ILE A 38 -23.90 -43.70 -29.87
C ILE A 38 -22.99 -44.09 -28.72
N SER A 39 -21.72 -44.37 -29.01
CA SER A 39 -20.72 -44.60 -27.97
C SER A 39 -19.43 -43.83 -28.21
N GLN A 40 -19.36 -43.03 -29.28
CA GLN A 40 -18.20 -42.17 -29.52
C GLN A 40 -18.06 -41.09 -28.46
N VAL A 41 -19.09 -40.84 -27.65
CA VAL A 41 -18.97 -39.90 -26.56
C VAL A 41 -17.94 -40.38 -25.54
N GLU A 42 -17.88 -41.70 -25.34
CA GLU A 42 -16.91 -42.28 -24.41
C GLU A 42 -15.47 -42.13 -24.92
N LEU A 43 -15.28 -42.04 -26.23
CA LEU A 43 -13.96 -41.80 -26.78
C LEU A 43 -13.63 -40.32 -26.87
N ARG A 44 -14.65 -39.47 -26.96
CA ARG A 44 -14.42 -38.03 -27.11
C ARG A 44 -14.18 -37.35 -25.76
N SER A 45 -15.08 -37.55 -24.80
CA SER A 45 -15.09 -36.73 -23.60
C SER A 45 -13.98 -37.11 -22.60
N HIS A 46 -13.02 -37.93 -23.00
CA HIS A 46 -11.88 -38.30 -22.15
C HIS A 46 -12.37 -38.84 -20.80
N ILE A 47 -13.06 -39.97 -20.89
CA ILE A 47 -13.70 -40.56 -19.72
C ILE A 47 -12.65 -40.93 -18.68
N GLN A 48 -12.84 -40.43 -17.46
CA GLN A 48 -11.99 -40.77 -16.32
C GLN A 48 -12.89 -41.44 -15.27
N PHE A 49 -13.08 -42.74 -15.39
CA PHE A 49 -13.93 -43.49 -14.47
C PHE A 49 -13.17 -43.70 -13.17
N TYR A 50 -13.63 -43.03 -12.10
CA TYR A 50 -12.96 -43.05 -10.81
C TYR A 50 -14.01 -43.03 -9.72
N ASP A 51 -13.58 -43.42 -8.52
CA ASP A 51 -14.43 -43.34 -7.34
C ASP A 51 -14.61 -41.87 -6.97
N GLY A 52 -15.81 -41.34 -7.18
CA GLY A 52 -16.09 -39.95 -6.86
C GLY A 52 -15.88 -38.99 -8.01
N ILE A 53 -16.51 -39.27 -9.15
CA ILE A 53 -16.51 -38.37 -10.29
C ILE A 53 -17.89 -37.73 -10.38
N LYS A 54 -17.97 -36.44 -10.04
CA LYS A 54 -19.23 -35.71 -10.02
C LYS A 54 -19.46 -35.10 -11.40
N THR A 55 -20.48 -35.59 -12.10
CA THR A 55 -20.83 -35.02 -13.40
C THR A 55 -21.36 -33.59 -13.29
N SER A 56 -21.79 -33.18 -12.09
CA SER A 56 -22.16 -31.78 -11.90
C SER A 56 -20.92 -30.89 -11.95
N ASP A 57 -19.77 -31.41 -11.53
CA ASP A 57 -18.53 -30.65 -11.68
C ASP A 57 -18.24 -30.37 -13.14
N ILE A 58 -18.53 -31.33 -14.03
CA ILE A 58 -18.40 -31.06 -15.46
C ILE A 58 -19.49 -30.11 -15.93
N HIS A 59 -20.71 -30.28 -15.41
CA HIS A 59 -21.79 -29.35 -15.68
C HIS A 59 -21.39 -27.91 -15.40
N GLU A 60 -20.50 -27.71 -14.42
CA GLU A 60 -20.02 -26.38 -14.07
C GLU A 60 -18.74 -25.98 -14.79
N THR A 61 -17.86 -26.91 -15.14
CA THR A 61 -16.61 -26.55 -15.80
C THR A 61 -16.69 -26.58 -17.32
N ILE A 62 -17.85 -26.92 -17.90
CA ILE A 62 -17.98 -26.83 -19.35
C ILE A 62 -17.89 -25.39 -19.81
N ILE A 63 -18.29 -24.43 -18.97
CA ILE A 63 -18.20 -23.02 -19.35
C ILE A 63 -16.77 -22.62 -19.65
N LYS A 64 -15.78 -23.23 -18.99
CA LYS A 64 -14.39 -22.94 -19.30
C LYS A 64 -13.77 -23.93 -20.28
N ALA A 65 -14.15 -25.21 -20.24
CA ALA A 65 -13.68 -26.17 -21.25
C ALA A 65 -14.89 -26.87 -21.88
N ALA A 66 -15.54 -26.20 -22.82
CA ALA A 66 -16.53 -26.82 -23.70
C ALA A 66 -16.23 -26.44 -25.14
N ALA A 67 -15.52 -27.33 -25.84
CA ALA A 67 -15.24 -27.18 -27.25
C ALA A 67 -15.81 -28.38 -28.01
N ASP A 68 -17.07 -28.72 -27.72
CA ASP A 68 -17.64 -30.01 -28.08
C ASP A 68 -17.52 -30.32 -29.57
N LEU A 69 -18.26 -29.59 -30.41
CA LEU A 69 -18.03 -29.70 -31.84
C LEU A 69 -18.27 -28.39 -32.58
N ILE A 70 -18.47 -27.28 -31.89
CA ILE A 70 -18.81 -26.02 -32.55
C ILE A 70 -17.56 -25.40 -33.15
N SER A 71 -17.74 -24.72 -34.29
CA SER A 71 -16.67 -24.02 -34.96
C SER A 71 -17.29 -22.95 -35.84
N ARG A 72 -16.43 -22.21 -36.54
CA ARG A 72 -16.88 -21.13 -37.42
C ARG A 72 -17.40 -21.65 -38.76
N ASP A 73 -17.68 -22.94 -38.85
CA ASP A 73 -18.20 -23.55 -40.07
C ASP A 73 -19.49 -24.33 -39.88
N ALA A 74 -19.81 -24.78 -38.67
CA ALA A 74 -21.03 -25.55 -38.40
C ALA A 74 -21.88 -24.78 -37.39
N PRO A 75 -22.84 -23.98 -37.85
CA PRO A 75 -23.61 -23.12 -36.93
C PRO A 75 -24.83 -23.77 -36.31
N ASP A 76 -24.97 -25.11 -36.39
CA ASP A 76 -26.14 -25.78 -35.85
C ASP A 76 -25.86 -26.61 -34.61
N TYR A 77 -24.59 -26.93 -34.32
CA TYR A 77 -24.28 -27.67 -33.11
C TYR A 77 -24.64 -26.87 -31.87
N GLN A 78 -24.62 -25.54 -31.98
CA GLN A 78 -25.09 -24.71 -30.87
C GLN A 78 -26.54 -25.03 -30.54
N TYR A 79 -27.40 -25.08 -31.55
CA TYR A 79 -28.82 -25.35 -31.30
C TYR A 79 -29.03 -26.80 -30.86
N LEU A 80 -28.24 -27.74 -31.39
CA LEU A 80 -28.32 -29.12 -30.93
C LEU A 80 -28.04 -29.22 -29.44
N ALA A 81 -26.87 -28.73 -29.02
CA ALA A 81 -26.51 -28.74 -27.60
C ALA A 81 -27.50 -27.93 -26.78
N ALA A 82 -28.08 -26.88 -27.36
CA ALA A 82 -29.06 -26.07 -26.64
C ALA A 82 -30.31 -26.90 -26.32
N ARG A 83 -30.87 -27.57 -27.32
CA ARG A 83 -32.05 -28.40 -27.06
C ARG A 83 -31.73 -29.54 -26.11
N LEU A 84 -30.53 -30.12 -26.21
CA LEU A 84 -30.16 -31.18 -25.28
C LEU A 84 -30.11 -30.65 -23.84
N ALA A 85 -29.46 -29.50 -23.65
CA ALA A 85 -29.38 -28.90 -22.32
C ALA A 85 -30.76 -28.52 -21.80
N ILE A 86 -31.64 -28.02 -22.68
CA ILE A 86 -32.99 -27.67 -22.26
C ILE A 86 -33.74 -28.92 -21.79
N PHE A 87 -33.62 -30.02 -22.52
CA PHE A 87 -34.28 -31.25 -22.11
C PHE A 87 -33.77 -31.71 -20.76
N HIS A 88 -32.45 -31.71 -20.57
CA HIS A 88 -31.90 -32.17 -19.30
C HIS A 88 -32.29 -31.25 -18.16
N LEU A 89 -32.35 -29.94 -18.41
CA LEU A 89 -32.73 -29.00 -17.36
C LEU A 89 -34.18 -29.18 -16.97
N ARG A 90 -35.08 -29.32 -17.94
CA ARG A 90 -36.47 -29.60 -17.63
C ARG A 90 -36.58 -30.86 -16.78
N LYS A 91 -35.97 -31.96 -17.27
CA LYS A 91 -36.01 -33.23 -16.54
C LYS A 91 -35.55 -33.06 -15.10
N LYS A 92 -34.36 -32.49 -14.90
CA LYS A 92 -33.82 -32.35 -13.55
C LYS A 92 -34.69 -31.46 -12.68
N ALA A 93 -34.87 -30.20 -13.10
CA ALA A 93 -35.50 -29.20 -12.24
C ALA A 93 -37.00 -29.39 -12.09
N TYR A 94 -37.62 -30.30 -12.83
CA TYR A 94 -39.03 -30.61 -12.60
C TYR A 94 -39.26 -32.02 -12.07
N GLY A 95 -38.26 -32.89 -12.11
CA GLY A 95 -38.42 -34.28 -11.75
C GLY A 95 -38.86 -35.11 -12.93
N GLN A 96 -39.73 -34.56 -13.77
CA GLN A 96 -40.22 -35.21 -14.98
C GLN A 96 -40.24 -34.20 -16.10
N PHE A 97 -39.94 -34.67 -17.32
CA PHE A 97 -40.03 -33.79 -18.49
C PHE A 97 -41.45 -33.30 -18.71
N GLU A 98 -42.44 -34.02 -18.20
CA GLU A 98 -43.83 -33.63 -18.36
C GLU A 98 -44.04 -32.21 -17.81
N PRO A 99 -44.74 -31.34 -18.55
CA PRO A 99 -44.87 -29.95 -18.12
C PRO A 99 -45.66 -29.84 -16.84
N PRO A 100 -45.10 -29.17 -15.82
CA PRO A 100 -45.84 -29.01 -14.56
C PRO A 100 -46.95 -27.98 -14.68
N ALA A 101 -47.59 -27.66 -13.56
CA ALA A 101 -48.67 -26.68 -13.53
C ALA A 101 -48.21 -25.43 -12.79
N LEU A 102 -48.52 -24.26 -13.35
CA LEU A 102 -47.99 -23.02 -12.81
C LEU A 102 -48.50 -22.75 -11.41
N TYR A 103 -49.78 -23.03 -11.15
CA TYR A 103 -50.35 -22.66 -9.86
C TYR A 103 -49.68 -23.42 -8.73
N ASP A 104 -49.78 -24.75 -8.72
CA ASP A 104 -49.17 -25.50 -7.63
C ASP A 104 -47.65 -25.42 -7.68
N HIS A 105 -47.08 -25.17 -8.86
CA HIS A 105 -45.64 -24.95 -8.94
C HIS A 105 -45.23 -23.72 -8.14
N VAL A 106 -45.90 -22.58 -8.37
CA VAL A 106 -45.53 -21.37 -7.66
C VAL A 106 -45.90 -21.47 -6.19
N VAL A 107 -46.96 -22.22 -5.85
CA VAL A 107 -47.28 -22.44 -4.44
C VAL A 107 -46.13 -23.17 -3.75
N LYS A 108 -45.70 -24.30 -4.31
CA LYS A 108 -44.59 -25.04 -3.73
C LYS A 108 -43.31 -24.22 -3.71
N MET A 109 -43.12 -23.35 -4.70
CA MET A 109 -41.89 -22.58 -4.78
C MET A 109 -41.86 -21.47 -3.73
N VAL A 110 -42.98 -20.76 -3.54
CA VAL A 110 -43.01 -19.72 -2.53
C VAL A 110 -43.01 -20.34 -1.14
N GLU A 111 -43.50 -21.58 -1.01
CA GLU A 111 -43.38 -22.27 0.26
C GLU A 111 -41.98 -22.81 0.50
N MET A 112 -41.19 -23.01 -0.57
CA MET A 112 -39.77 -23.28 -0.40
C MET A 112 -39.01 -22.04 0.04
N GLY A 113 -39.52 -20.85 -0.25
CA GLY A 113 -38.87 -19.61 0.09
C GLY A 113 -38.14 -18.93 -1.05
N LYS A 114 -38.02 -19.60 -2.19
CA LYS A 114 -37.28 -19.04 -3.33
C LYS A 114 -38.04 -17.93 -4.04
N TYR A 115 -39.30 -17.68 -3.66
CA TYR A 115 -40.12 -16.65 -4.28
C TYR A 115 -40.55 -15.64 -3.22
N ASP A 116 -41.41 -14.71 -3.64
CA ASP A 116 -42.02 -13.75 -2.75
C ASP A 116 -43.52 -14.01 -2.65
N ASN A 117 -44.14 -13.42 -1.62
CA ASN A 117 -45.55 -13.64 -1.37
C ASN A 117 -46.45 -12.73 -2.19
N HIS A 118 -45.94 -11.59 -2.66
CA HIS A 118 -46.80 -10.61 -3.33
C HIS A 118 -47.48 -11.19 -4.55
N LEU A 119 -46.85 -12.16 -5.22
CA LEU A 119 -47.45 -12.76 -6.40
C LEU A 119 -48.79 -13.41 -6.08
N LEU A 120 -48.78 -14.38 -5.17
CA LEU A 120 -50.01 -15.09 -4.83
C LEU A 120 -50.90 -14.32 -3.85
N GLU A 121 -50.40 -13.22 -3.27
CA GLU A 121 -51.23 -12.38 -2.41
C GLU A 121 -51.72 -11.13 -3.14
N ASP A 122 -51.43 -11.01 -4.43
CA ASP A 122 -52.05 -10.01 -5.29
C ASP A 122 -52.75 -10.60 -6.51
N TYR A 123 -52.47 -11.85 -6.87
CA TYR A 123 -53.13 -12.53 -7.97
C TYR A 123 -54.00 -13.66 -7.44
N THR A 124 -55.00 -14.04 -8.23
CA THR A 124 -55.92 -15.10 -7.87
C THR A 124 -55.59 -16.39 -8.62
N GLU A 125 -56.11 -17.50 -8.09
CA GLU A 125 -55.78 -18.82 -8.65
C GLU A 125 -56.40 -19.01 -10.03
N GLU A 126 -57.65 -18.55 -10.21
CA GLU A 126 -58.26 -18.58 -11.53
C GLU A 126 -57.42 -17.78 -12.53
N GLU A 127 -56.87 -16.65 -12.09
CA GLU A 127 -55.99 -15.87 -12.96
C GLU A 127 -54.71 -16.64 -13.28
N PHE A 128 -54.16 -17.35 -12.29
CA PHE A 128 -53.01 -18.21 -12.57
C PHE A 128 -53.35 -19.27 -13.62
N LYS A 129 -54.54 -19.86 -13.54
CA LYS A 129 -54.96 -20.79 -14.59
C LYS A 129 -54.95 -20.11 -15.95
N GLN A 130 -55.68 -19.00 -16.08
CA GLN A 130 -55.85 -18.38 -17.38
C GLN A 130 -54.60 -17.64 -17.86
N MET A 131 -53.53 -17.59 -17.08
CA MET A 131 -52.23 -17.19 -17.64
C MET A 131 -51.31 -18.38 -17.84
N ASP A 132 -51.61 -19.53 -17.22
CA ASP A 132 -50.98 -20.77 -17.66
C ASP A 132 -51.44 -21.15 -19.06
N THR A 133 -52.67 -20.78 -19.41
CA THR A 133 -53.10 -20.93 -20.80
C THR A 133 -52.26 -20.08 -21.74
N PHE A 134 -51.75 -18.94 -21.25
CA PHE A 134 -51.00 -18.01 -22.10
C PHE A 134 -49.67 -18.60 -22.56
N ILE A 135 -49.11 -19.54 -21.81
CA ILE A 135 -47.74 -19.99 -22.03
C ILE A 135 -47.70 -21.05 -23.12
N ASP A 136 -46.69 -20.97 -23.97
CA ASP A 136 -46.42 -21.96 -25.02
C ASP A 136 -45.02 -22.52 -24.80
N HIS A 137 -44.94 -23.55 -23.96
CA HIS A 137 -43.65 -24.16 -23.62
C HIS A 137 -42.90 -24.69 -24.83
N ASP A 138 -43.53 -24.72 -26.01
CA ASP A 138 -42.80 -25.06 -27.23
C ASP A 138 -41.55 -24.19 -27.38
N ARG A 139 -41.66 -22.92 -26.99
CA ARG A 139 -40.51 -22.02 -27.10
C ARG A 139 -39.29 -22.55 -26.39
N ASP A 140 -39.47 -23.41 -25.38
CA ASP A 140 -38.37 -24.09 -24.70
C ASP A 140 -37.32 -24.57 -25.69
N MET A 141 -37.75 -25.05 -26.85
CA MET A 141 -36.80 -25.59 -27.83
C MET A 141 -36.34 -24.52 -28.83
N THR A 142 -35.92 -23.34 -28.33
CA THR A 142 -35.51 -22.29 -29.25
C THR A 142 -34.30 -21.50 -28.74
N PHE A 143 -33.39 -22.15 -28.02
CA PHE A 143 -32.28 -21.44 -27.37
C PHE A 143 -30.96 -21.74 -28.07
N SER A 144 -29.89 -21.16 -27.51
CA SER A 144 -28.52 -21.39 -27.94
C SER A 144 -27.70 -21.90 -26.76
N TYR A 145 -26.47 -22.33 -27.03
CA TYR A 145 -25.70 -23.05 -26.01
C TYR A 145 -25.14 -22.11 -24.95
N ALA A 146 -24.42 -21.06 -25.37
CA ALA A 146 -23.93 -20.09 -24.40
C ALA A 146 -25.10 -19.45 -23.65
N ALA A 147 -26.20 -19.20 -24.36
CA ALA A 147 -27.39 -18.64 -23.74
C ALA A 147 -27.91 -19.54 -22.62
N VAL A 148 -28.11 -20.82 -22.93
CA VAL A 148 -28.68 -21.72 -21.92
C VAL A 148 -27.70 -21.94 -20.78
N LYS A 149 -26.40 -21.98 -21.07
CA LYS A 149 -25.43 -22.17 -19.98
C LYS A 149 -25.45 -20.98 -19.03
N GLN A 150 -25.33 -19.77 -19.56
CA GLN A 150 -25.36 -18.59 -18.70
C GLN A 150 -26.69 -18.48 -17.96
N LEU A 151 -27.79 -18.82 -18.62
CA LEU A 151 -29.11 -18.73 -18.00
C LEU A 151 -29.22 -19.70 -16.82
N GLU A 152 -29.06 -21.00 -17.07
CA GLU A 152 -29.16 -21.96 -15.98
C GLU A 152 -28.01 -21.85 -14.99
N GLY A 153 -27.00 -21.04 -15.27
CA GLY A 153 -25.97 -20.80 -14.29
C GLY A 153 -26.27 -19.68 -13.33
N LYS A 154 -26.55 -18.48 -13.87
CA LYS A 154 -26.62 -17.27 -13.06
C LYS A 154 -27.97 -16.58 -13.06
N TYR A 155 -28.99 -17.14 -13.74
CA TYR A 155 -30.27 -16.46 -13.87
C TYR A 155 -31.39 -17.16 -13.13
N LEU A 156 -31.63 -18.44 -13.41
CA LEU A 156 -32.61 -19.18 -12.63
C LEU A 156 -32.13 -19.33 -11.19
N VAL A 157 -33.09 -19.43 -10.27
CA VAL A 157 -32.78 -19.49 -8.84
C VAL A 157 -31.96 -20.74 -8.55
N GLN A 158 -30.69 -20.56 -8.20
CA GLN A 158 -29.75 -21.66 -8.03
C GLN A 158 -29.13 -21.61 -6.65
N ASN A 159 -29.08 -22.77 -6.00
CA ASN A 159 -28.35 -22.90 -4.74
C ASN A 159 -26.85 -22.83 -5.01
N ARG A 160 -26.12 -22.10 -4.18
CA ARG A 160 -24.68 -21.98 -4.37
C ARG A 160 -23.94 -23.14 -3.72
N VAL A 161 -24.52 -23.77 -2.70
CA VAL A 161 -23.85 -24.89 -2.03
C VAL A 161 -24.04 -26.19 -2.82
N THR A 162 -25.26 -26.45 -3.29
CA THR A 162 -25.59 -27.68 -3.99
C THR A 162 -25.70 -27.49 -5.49
N GLY A 163 -26.39 -26.44 -5.94
CA GLY A 163 -26.60 -26.24 -7.36
C GLY A 163 -27.93 -26.79 -7.85
N GLU A 164 -29.02 -26.39 -7.19
CA GLU A 164 -30.35 -26.84 -7.54
C GLU A 164 -31.16 -25.68 -8.07
N ILE A 165 -31.71 -25.83 -9.27
CA ILE A 165 -32.63 -24.86 -9.84
C ILE A 165 -34.02 -25.50 -9.89
N TYR A 166 -35.04 -24.64 -9.93
CA TYR A 166 -36.42 -25.11 -9.83
C TYR A 166 -37.35 -24.58 -10.90
N GLU A 167 -36.92 -23.62 -11.73
CA GLU A 167 -37.77 -23.03 -12.74
C GLU A 167 -37.04 -23.02 -14.08
N SER A 168 -37.82 -22.93 -15.15
CA SER A 168 -37.31 -22.84 -16.51
C SER A 168 -37.42 -21.40 -17.03
N ALA A 169 -37.01 -21.23 -18.28
CA ALA A 169 -36.99 -19.89 -18.87
C ALA A 169 -38.39 -19.33 -19.05
N GLN A 170 -39.33 -20.16 -19.49
CA GLN A 170 -40.69 -19.67 -19.72
C GLN A 170 -41.37 -19.30 -18.40
N PHE A 171 -41.19 -20.13 -17.37
CA PHE A 171 -41.73 -19.77 -16.05
C PHE A 171 -41.06 -18.51 -15.53
N LEU A 172 -39.75 -18.38 -15.72
CA LEU A 172 -39.06 -17.16 -15.31
C LEU A 172 -39.65 -15.93 -16.01
N TYR A 173 -39.91 -16.03 -17.31
CA TYR A 173 -40.43 -14.90 -18.06
C TYR A 173 -41.85 -14.55 -17.62
N ILE A 174 -42.71 -15.55 -17.51
CA ILE A 174 -44.08 -15.29 -17.10
C ILE A 174 -44.14 -14.74 -15.68
N LEU A 175 -43.16 -15.10 -14.85
CA LEU A 175 -43.19 -14.60 -13.49
C LEU A 175 -42.56 -13.21 -13.38
N VAL A 176 -41.59 -12.88 -14.23
CA VAL A 176 -41.20 -11.49 -14.39
C VAL A 176 -42.42 -10.65 -14.76
N ALA A 177 -43.20 -11.14 -15.72
CA ALA A 177 -44.42 -10.42 -16.12
C ALA A 177 -45.37 -10.27 -14.93
N ALA A 178 -45.62 -11.37 -14.21
CA ALA A 178 -46.61 -11.34 -13.13
C ALA A 178 -46.15 -10.48 -11.97
N CYS A 179 -44.85 -10.45 -11.68
CA CYS A 179 -44.34 -9.69 -10.54
C CYS A 179 -44.10 -8.23 -10.89
N LEU A 180 -43.95 -7.90 -12.17
CA LEU A 180 -43.76 -6.52 -12.57
C LEU A 180 -45.05 -5.83 -12.99
N PHE A 181 -46.09 -6.58 -13.34
CA PHE A 181 -47.38 -6.00 -13.71
C PHE A 181 -48.45 -6.37 -12.69
N SER A 182 -48.12 -6.28 -11.41
CA SER A 182 -49.04 -6.61 -10.32
C SER A 182 -49.79 -5.39 -9.80
N ASN A 183 -49.80 -4.28 -10.55
CA ASN A 183 -50.43 -3.06 -10.08
C ASN A 183 -51.60 -2.60 -10.93
N TYR A 184 -51.62 -2.92 -12.22
CA TYR A 184 -52.64 -2.40 -13.11
C TYR A 184 -54.01 -3.01 -12.78
N PRO A 185 -55.09 -2.29 -13.07
CA PRO A 185 -56.42 -2.83 -12.78
C PRO A 185 -56.71 -4.09 -13.58
N ARG A 186 -57.60 -4.92 -13.03
CA ARG A 186 -57.88 -6.25 -13.57
C ARG A 186 -58.61 -6.21 -14.91
N GLU A 187 -58.87 -5.03 -15.43
CA GLU A 187 -59.59 -4.92 -16.69
C GLU A 187 -58.69 -5.14 -17.90
N THR A 188 -57.39 -4.87 -17.75
CA THR A 188 -56.44 -5.10 -18.83
C THR A 188 -55.11 -5.67 -18.34
N ARG A 189 -55.01 -5.97 -17.04
CA ARG A 189 -53.73 -6.39 -16.47
C ARG A 189 -53.21 -7.66 -17.14
N LEU A 190 -54.04 -8.69 -17.23
CA LEU A 190 -53.57 -9.95 -17.80
C LEU A 190 -53.38 -9.86 -19.31
N GLN A 191 -54.10 -8.98 -20.00
CA GLN A 191 -53.79 -8.72 -21.40
C GLN A 191 -52.40 -8.14 -21.55
N TYR A 192 -52.05 -7.15 -20.72
CA TYR A 192 -50.69 -6.61 -20.75
C TYR A 192 -49.67 -7.67 -20.38
N VAL A 193 -50.02 -8.56 -19.44
CA VAL A 193 -49.09 -9.63 -19.05
C VAL A 193 -48.82 -10.56 -20.22
N LYS A 194 -49.87 -10.94 -20.95
CA LYS A 194 -49.68 -11.79 -22.11
C LYS A 194 -48.85 -11.09 -23.18
N ARG A 195 -49.13 -9.80 -23.42
CA ARG A 195 -48.35 -9.04 -24.40
C ARG A 195 -46.87 -9.03 -24.04
N PHE A 196 -46.57 -8.71 -22.78
CA PHE A 196 -45.17 -8.63 -22.36
C PHE A 196 -44.50 -9.99 -22.39
N TYR A 197 -45.22 -11.05 -21.99
CA TYR A 197 -44.64 -12.38 -22.03
C TYR A 197 -44.29 -12.77 -23.47
N ASP A 198 -45.19 -12.51 -24.41
CA ASP A 198 -44.89 -12.78 -25.81
C ASP A 198 -43.67 -11.99 -26.27
N ALA A 199 -43.66 -10.68 -26.00
CA ALA A 199 -42.62 -9.80 -26.49
C ALA A 199 -41.29 -9.96 -25.75
N VAL A 200 -41.24 -10.74 -24.67
CA VAL A 200 -39.98 -11.00 -23.99
C VAL A 200 -39.53 -12.44 -24.17
N SER A 201 -40.42 -13.38 -24.47
CA SER A 201 -40.02 -14.74 -24.74
C SER A 201 -39.74 -14.98 -26.22
N THR A 202 -40.24 -14.11 -27.10
CA THR A 202 -39.87 -14.14 -28.50
C THR A 202 -38.52 -13.43 -28.76
N PHE A 203 -37.79 -13.15 -27.68
CA PHE A 203 -36.50 -12.47 -27.75
C PHE A 203 -36.62 -11.13 -28.46
N LYS A 204 -37.66 -10.37 -28.12
CA LYS A 204 -37.87 -9.04 -28.68
C LYS A 204 -37.66 -7.93 -27.67
N ILE A 205 -37.39 -8.25 -26.40
CA ILE A 205 -37.07 -7.26 -25.39
C ILE A 205 -35.97 -7.83 -24.50
N SER A 206 -34.80 -7.20 -24.53
CA SER A 206 -33.67 -7.61 -23.71
C SER A 206 -33.69 -6.81 -22.41
N LEU A 207 -34.06 -7.46 -21.32
CA LEU A 207 -34.03 -6.88 -19.99
C LEU A 207 -32.83 -7.41 -19.21
N PRO A 208 -32.14 -6.54 -18.46
CA PRO A 208 -30.83 -6.91 -17.92
C PRO A 208 -30.85 -8.00 -16.86
N THR A 209 -29.65 -8.43 -16.47
CA THR A 209 -29.47 -9.51 -15.51
C THR A 209 -29.97 -9.20 -14.10
N PRO A 210 -29.85 -7.97 -13.57
CA PRO A 210 -30.42 -7.73 -12.24
C PRO A 210 -31.91 -7.94 -12.21
N ILE A 211 -32.64 -7.41 -13.19
CA ILE A 211 -34.08 -7.66 -13.28
C ILE A 211 -34.35 -9.14 -13.45
N MET A 212 -33.68 -9.77 -14.43
CA MET A 212 -34.02 -11.15 -14.77
C MET A 212 -33.71 -12.13 -13.65
N SER A 213 -32.77 -11.78 -12.77
CA SER A 213 -32.48 -12.62 -11.62
C SER A 213 -33.14 -12.15 -10.35
N GLY A 214 -33.76 -10.97 -10.36
CA GLY A 214 -34.37 -10.45 -9.17
C GLY A 214 -35.88 -10.54 -9.08
N VAL A 215 -36.60 -10.27 -10.16
CA VAL A 215 -38.04 -10.05 -9.96
C VAL A 215 -38.80 -11.37 -9.98
N ARG A 216 -38.58 -12.18 -8.95
CA ARG A 216 -39.51 -13.18 -8.44
C ARG A 216 -39.45 -13.29 -6.92
N THR A 217 -38.47 -12.65 -6.28
CA THR A 217 -37.97 -13.00 -4.96
C THR A 217 -38.18 -11.85 -3.98
N PRO A 218 -37.93 -12.04 -2.68
CA PRO A 218 -38.06 -10.91 -1.74
C PRO A 218 -36.98 -9.85 -1.93
N THR A 219 -35.96 -10.10 -2.74
CA THR A 219 -34.88 -9.14 -2.96
C THR A 219 -35.41 -7.98 -3.79
N ARG A 220 -35.73 -6.87 -3.12
CA ARG A 220 -36.15 -5.65 -3.81
C ARG A 220 -34.95 -4.75 -4.08
N GLN A 221 -33.97 -5.30 -4.79
CA GLN A 221 -32.71 -4.61 -5.02
C GLN A 221 -32.19 -5.01 -6.40
N PHE A 222 -32.33 -4.10 -7.35
CA PHE A 222 -31.90 -4.31 -8.74
C PHE A 222 -30.88 -3.22 -9.04
N SER A 223 -29.62 -3.50 -8.70
CA SER A 223 -28.58 -2.48 -8.65
C SER A 223 -27.75 -2.48 -9.93
N SER A 224 -27.36 -1.28 -10.35
CA SER A 224 -26.58 -1.03 -11.55
C SER A 224 -25.72 0.18 -11.30
N CYS A 225 -25.33 0.88 -12.37
CA CYS A 225 -24.51 2.08 -12.26
C CYS A 225 -25.07 3.03 -11.21
N VAL A 226 -24.20 3.85 -10.66
CA VAL A 226 -24.62 4.94 -9.78
C VAL A 226 -23.77 6.17 -10.08
N LEU A 227 -24.43 7.27 -10.41
CA LEU A 227 -23.78 8.55 -10.66
C LEU A 227 -23.84 9.38 -9.39
N ILE A 228 -22.67 9.77 -8.89
CA ILE A 228 -22.53 10.55 -7.67
C ILE A 228 -21.65 11.77 -7.93
N GLU A 229 -21.94 12.85 -7.22
CA GLU A 229 -21.16 14.06 -7.29
C GLU A 229 -20.54 14.33 -5.93
N CYS A 230 -19.32 14.85 -5.92
CA CYS A 230 -18.57 15.08 -4.69
C CYS A 230 -18.20 16.56 -4.62
N GLY A 231 -18.83 17.28 -3.70
CA GLY A 231 -18.55 18.68 -3.51
C GLY A 231 -17.14 18.90 -2.98
N ASP A 232 -16.87 20.15 -2.64
CA ASP A 232 -15.58 20.55 -2.09
C ASP A 232 -15.80 20.90 -0.63
N SER A 233 -15.85 19.86 0.21
CA SER A 233 -16.01 20.00 1.65
C SER A 233 -15.82 18.64 2.29
N LEU A 234 -15.30 18.63 3.51
CA LEU A 234 -15.11 17.37 4.22
C LEU A 234 -16.43 16.65 4.43
N ASP A 235 -17.50 17.40 4.68
CA ASP A 235 -18.81 16.78 4.84
C ASP A 235 -19.22 16.05 3.57
N SER A 236 -19.10 16.72 2.42
CA SER A 236 -19.50 16.11 1.16
C SER A 236 -18.61 14.93 0.80
N ILE A 237 -17.32 14.99 1.12
CA ILE A 237 -16.43 13.87 0.82
C ILE A 237 -16.76 12.67 1.70
N ASN A 238 -17.02 12.91 3.00
CA ASN A 238 -17.47 11.84 3.87
C ASN A 238 -18.74 11.20 3.33
N ALA A 239 -19.71 12.03 2.92
CA ALA A 239 -20.96 11.50 2.39
C ALA A 239 -20.73 10.70 1.11
N THR A 240 -19.81 11.17 0.26
CA THR A 240 -19.52 10.47 -0.98
C THR A 240 -18.91 9.11 -0.72
N SER A 241 -17.91 9.05 0.17
CA SER A 241 -17.29 7.76 0.49
C SER A 241 -18.30 6.82 1.13
N SER A 242 -19.15 7.34 2.01
CA SER A 242 -20.18 6.50 2.62
C SER A 242 -21.13 5.95 1.57
N ALA A 243 -21.54 6.79 0.62
CA ALA A 243 -22.46 6.33 -0.42
C ALA A 243 -21.80 5.28 -1.30
N ILE A 244 -20.53 5.49 -1.67
CA ILE A 244 -19.90 4.55 -2.60
C ILE A 244 -19.68 3.21 -1.92
N VAL A 245 -19.33 3.19 -0.63
CA VAL A 245 -19.19 1.90 0.04
C VAL A 245 -20.55 1.25 0.23
N LYS A 246 -21.59 2.04 0.53
CA LYS A 246 -22.91 1.46 0.73
C LYS A 246 -23.47 0.88 -0.57
N TYR A 247 -23.09 1.44 -1.72
CA TYR A 247 -23.55 0.86 -2.98
C TYR A 247 -22.70 -0.31 -3.43
N VAL A 248 -21.38 -0.18 -3.32
CA VAL A 248 -20.49 -1.29 -3.67
C VAL A 248 -20.83 -2.54 -2.86
N SER A 249 -21.27 -2.36 -1.61
CA SER A 249 -21.78 -3.50 -0.86
C SER A 249 -22.98 -4.15 -1.53
N GLN A 250 -23.64 -3.45 -2.45
CA GLN A 250 -24.79 -3.96 -3.18
C GLN A 250 -24.43 -4.45 -4.58
N ARG A 251 -23.14 -4.55 -4.89
CA ARG A 251 -22.66 -5.03 -6.18
C ARG A 251 -23.10 -4.10 -7.31
N ALA A 252 -22.71 -2.84 -7.21
CA ALA A 252 -22.99 -1.82 -8.21
C ALA A 252 -21.66 -1.29 -8.76
N GLY A 253 -21.73 -0.23 -9.57
CA GLY A 253 -20.53 0.39 -10.11
C GLY A 253 -20.66 1.89 -10.15
N ILE A 254 -19.61 2.61 -9.76
CA ILE A 254 -19.75 4.01 -9.38
C ILE A 254 -19.09 4.92 -10.41
N GLY A 255 -19.69 6.09 -10.61
CA GLY A 255 -19.09 7.15 -11.39
C GLY A 255 -19.18 8.46 -10.64
N ILE A 256 -18.03 9.05 -10.33
CA ILE A 256 -17.93 10.18 -9.42
C ILE A 256 -17.50 11.42 -10.20
N ASN A 257 -18.13 12.55 -9.91
CA ASN A 257 -17.65 13.84 -10.42
C ASN A 257 -16.83 14.53 -9.34
N ALA A 258 -15.63 13.99 -9.11
CA ALA A 258 -14.75 14.52 -8.08
C ALA A 258 -13.88 15.67 -8.57
N GLY A 259 -14.25 16.31 -9.68
CA GLY A 259 -13.45 17.39 -10.22
C GLY A 259 -13.56 18.71 -9.50
N ARG A 260 -14.43 18.81 -8.50
CA ARG A 260 -14.60 20.06 -7.76
C ARG A 260 -13.59 20.23 -6.65
N ILE A 261 -13.00 19.14 -6.16
CA ILE A 261 -12.04 19.22 -5.07
C ILE A 261 -10.90 20.14 -5.47
N ARG A 262 -10.73 21.22 -4.70
CA ARG A 262 -9.69 22.20 -5.00
C ARG A 262 -8.31 21.55 -5.04
N ALA A 263 -7.38 22.23 -5.69
CA ALA A 263 -6.09 21.65 -6.03
C ALA A 263 -5.04 22.00 -4.98
N LEU A 264 -3.89 21.36 -5.11
CA LEU A 264 -2.79 21.53 -4.16
C LEU A 264 -2.38 22.98 -4.05
N GLY A 265 -1.94 23.38 -2.85
CA GLY A 265 -1.38 24.68 -2.62
C GLY A 265 -2.37 25.76 -2.24
N SER A 266 -3.66 25.53 -2.44
CA SER A 266 -4.67 26.54 -2.11
C SER A 266 -4.95 26.51 -0.62
N PRO A 267 -4.81 27.63 0.10
CA PRO A 267 -4.94 27.61 1.56
C PRO A 267 -6.30 27.09 2.01
N ILE A 268 -6.32 26.60 3.25
CA ILE A 268 -7.52 26.11 3.91
C ILE A 268 -7.77 27.00 5.11
N ARG A 269 -9.00 27.49 5.24
CA ARG A 269 -9.38 28.41 6.30
C ARG A 269 -8.48 29.64 6.30
N GLY A 270 -8.45 30.32 5.15
CA GLY A 270 -7.74 31.57 4.99
C GLY A 270 -6.31 31.56 5.45
N GLY A 271 -5.50 30.66 4.89
CA GLY A 271 -4.12 30.53 5.29
C GLY A 271 -3.89 29.73 6.55
N GLU A 272 -4.95 29.29 7.23
CA GLU A 272 -4.78 28.57 8.48
C GLU A 272 -4.07 27.23 8.26
N ALA A 273 -4.28 26.59 7.11
CA ALA A 273 -3.68 25.29 6.85
C ALA A 273 -3.31 25.18 5.37
N PHE A 274 -2.44 24.22 5.09
CA PHE A 274 -1.99 23.93 3.73
C PHE A 274 -2.80 22.77 3.18
N HIS A 275 -3.07 22.79 1.88
CA HIS A 275 -3.87 21.75 1.23
C HIS A 275 -2.95 20.79 0.50
N THR A 276 -3.29 19.50 0.56
CA THR A 276 -2.42 18.46 0.02
C THR A 276 -2.73 18.08 -1.41
N GLY A 277 -3.98 18.22 -1.85
CA GLY A 277 -4.30 18.02 -3.25
C GLY A 277 -5.53 17.16 -3.42
N CYS A 278 -5.65 16.59 -4.61
CA CYS A 278 -6.75 15.67 -4.92
C CYS A 278 -6.38 14.21 -4.73
N ILE A 279 -5.09 13.87 -4.75
CA ILE A 279 -4.70 12.47 -4.74
C ILE A 279 -5.10 11.75 -3.46
N PRO A 280 -4.92 12.32 -2.26
CA PRO A 280 -5.41 11.63 -1.06
C PRO A 280 -6.89 11.28 -1.13
N PHE A 281 -7.74 12.21 -1.56
CA PHE A 281 -9.17 11.91 -1.60
C PHE A 281 -9.52 10.94 -2.71
N TYR A 282 -8.81 11.00 -3.84
CA TYR A 282 -9.02 10.02 -4.90
C TYR A 282 -8.71 8.62 -4.42
N LYS A 283 -7.55 8.44 -3.77
CA LYS A 283 -7.24 7.12 -3.24
C LYS A 283 -8.16 6.74 -2.08
N HIS A 284 -8.74 7.72 -1.38
CA HIS A 284 -9.72 7.40 -0.35
C HIS A 284 -10.96 6.79 -0.97
N PHE A 285 -11.47 7.41 -2.03
CA PHE A 285 -12.59 6.82 -2.76
C PHE A 285 -12.23 5.46 -3.33
N GLN A 286 -10.96 5.27 -3.71
CA GLN A 286 -10.53 3.98 -4.24
C GLN A 286 -10.57 2.89 -3.17
N THR A 287 -9.96 3.15 -2.01
CA THR A 287 -10.00 2.17 -0.93
C THR A 287 -11.41 1.97 -0.40
N ALA A 288 -12.30 2.95 -0.57
CA ALA A 288 -13.69 2.73 -0.20
C ALA A 288 -14.39 1.83 -1.20
N VAL A 289 -14.13 2.03 -2.50
CA VAL A 289 -14.82 1.28 -3.53
C VAL A 289 -14.30 -0.15 -3.64
N LYS A 290 -13.07 -0.40 -3.19
CA LYS A 290 -12.43 -1.70 -3.38
C LYS A 290 -12.62 -2.65 -2.20
N SER A 291 -13.62 -2.44 -1.35
CA SER A 291 -13.60 -3.10 -0.05
C SER A 291 -14.10 -4.55 -0.11
N CYS A 292 -15.38 -4.75 -0.38
CA CYS A 292 -16.01 -6.04 -0.06
C CYS A 292 -17.01 -6.48 -1.12
N SER A 293 -16.63 -6.39 -2.39
CA SER A 293 -17.47 -6.89 -3.49
C SER A 293 -16.87 -8.12 -4.14
N GLN A 294 -16.23 -8.98 -3.35
CA GLN A 294 -15.59 -10.18 -3.87
C GLN A 294 -16.46 -11.42 -3.77
N GLY A 295 -17.49 -11.39 -2.93
CA GLY A 295 -18.42 -12.51 -2.83
C GLY A 295 -19.70 -12.24 -3.59
N GLY A 296 -19.60 -11.53 -4.70
CA GLY A 296 -20.77 -11.15 -5.47
C GLY A 296 -20.63 -11.37 -6.96
N VAL A 297 -20.91 -10.35 -7.76
CA VAL A 297 -20.96 -10.48 -9.20
C VAL A 297 -19.96 -9.56 -9.87
N ARG A 298 -19.61 -8.46 -9.21
CA ARG A 298 -18.73 -7.46 -9.79
C ARG A 298 -17.78 -6.91 -8.73
N GLY A 299 -16.48 -6.93 -9.03
CA GLY A 299 -15.53 -6.26 -8.19
C GLY A 299 -15.76 -4.76 -8.14
N GLY A 300 -15.14 -4.11 -7.16
CA GLY A 300 -15.29 -2.68 -7.00
C GLY A 300 -14.83 -1.91 -8.22
N ALA A 301 -15.77 -1.35 -8.96
CA ALA A 301 -15.49 -0.68 -10.22
C ALA A 301 -15.99 0.75 -10.16
N ALA A 302 -15.10 1.70 -10.46
CA ALA A 302 -15.45 3.11 -10.35
C ALA A 302 -14.66 3.91 -11.36
N THR A 303 -15.26 5.01 -11.80
CA THR A 303 -14.57 5.96 -12.67
C THR A 303 -14.79 7.37 -12.15
N LEU A 304 -13.70 8.11 -12.01
CA LEU A 304 -13.77 9.50 -11.59
C LEU A 304 -13.76 10.42 -12.82
N PHE A 305 -14.15 11.66 -12.61
CA PHE A 305 -14.12 12.66 -13.67
C PHE A 305 -13.48 13.94 -13.17
N TYR A 306 -12.84 14.67 -14.07
CA TYR A 306 -12.21 15.93 -13.69
C TYR A 306 -12.02 16.77 -14.94
N PRO A 307 -11.96 18.10 -14.81
CA PRO A 307 -11.79 18.96 -15.97
C PRO A 307 -10.34 19.17 -16.35
N MET A 308 -10.11 19.37 -17.65
CA MET A 308 -8.75 19.49 -18.14
C MET A 308 -8.06 20.74 -17.60
N TRP A 309 -8.80 21.83 -17.41
CA TRP A 309 -8.19 23.06 -16.92
C TRP A 309 -7.88 23.01 -15.42
N HIS A 310 -8.03 21.85 -14.79
CA HIS A 310 -7.66 21.69 -13.39
C HIS A 310 -6.16 21.85 -13.21
N LEU A 311 -5.76 22.59 -12.17
CA LEU A 311 -4.35 22.89 -11.95
C LEU A 311 -3.48 21.65 -11.94
N GLU A 312 -4.01 20.52 -11.48
CA GLU A 312 -3.25 19.29 -11.33
C GLU A 312 -3.64 18.24 -12.38
N VAL A 313 -3.94 18.69 -13.59
CA VAL A 313 -4.30 17.73 -14.62
C VAL A 313 -3.06 17.00 -15.13
N GLU A 314 -1.90 17.67 -15.14
CA GLU A 314 -0.67 17.05 -15.58
C GLU A 314 -0.21 15.96 -14.61
N SER A 315 -0.73 15.97 -13.38
CA SER A 315 -0.46 14.93 -12.41
C SER A 315 -1.58 13.90 -12.30
N LEU A 316 -2.83 14.31 -12.50
CA LEU A 316 -3.94 13.38 -12.48
C LEU A 316 -4.11 12.62 -13.77
N LEU A 317 -3.40 13.00 -14.83
CA LEU A 317 -3.44 12.26 -16.08
C LEU A 317 -2.52 11.04 -16.06
N VAL A 318 -1.65 10.92 -15.05
CA VAL A 318 -0.63 9.89 -15.02
C VAL A 318 -0.81 9.00 -13.80
N LEU A 319 -2.05 8.82 -13.35
CA LEU A 319 -2.33 8.05 -12.14
C LEU A 319 -2.63 6.58 -12.42
N LYS A 320 -2.50 6.13 -13.67
CA LYS A 320 -2.77 4.74 -13.98
C LYS A 320 -1.55 3.96 -14.44
N ASN A 321 -0.46 4.63 -14.80
CA ASN A 321 0.72 3.93 -15.32
C ASN A 321 1.60 3.44 -14.18
N ASN A 322 2.37 2.39 -14.46
CA ASN A 322 3.26 1.79 -13.50
C ASN A 322 4.59 2.51 -13.38
N ARG A 323 4.77 3.63 -14.07
CA ARG A 323 6.00 4.40 -14.03
C ARG A 323 6.17 5.19 -12.74
N GLY A 324 5.32 4.96 -11.75
CA GLY A 324 5.37 5.73 -10.53
C GLY A 324 5.09 4.86 -9.32
N VAL A 325 5.47 5.38 -8.16
CA VAL A 325 5.36 4.61 -6.92
C VAL A 325 3.93 4.69 -6.39
N GLU A 326 3.55 3.68 -5.61
CA GLU A 326 2.20 3.61 -5.07
C GLU A 326 1.79 4.90 -4.39
N GLY A 327 2.73 5.52 -3.67
CA GLY A 327 2.44 6.73 -2.90
C GLY A 327 1.94 7.90 -3.72
N ASN A 328 2.06 7.84 -5.05
CA ASN A 328 1.42 8.85 -5.88
C ASN A 328 0.78 8.20 -7.10
N ARG A 329 0.13 7.05 -6.91
CA ARG A 329 -0.56 6.39 -8.01
C ARG A 329 -1.81 5.70 -7.50
N VAL A 330 -2.88 5.79 -8.28
CA VAL A 330 -4.15 5.13 -7.97
C VAL A 330 -4.53 4.30 -9.19
N ARG A 331 -4.11 3.04 -9.22
CA ARG A 331 -4.31 2.21 -10.40
C ARG A 331 -5.77 1.89 -10.63
N HIS A 332 -6.41 1.25 -9.66
CA HIS A 332 -7.63 0.48 -9.88
C HIS A 332 -8.88 1.34 -10.16
N MET A 333 -8.84 2.65 -10.32
CA MET A 333 -10.00 3.41 -10.75
C MET A 333 -9.80 3.89 -12.18
N ASP A 334 -10.89 3.94 -12.94
CA ASP A 334 -10.85 4.50 -14.27
C ASP A 334 -11.07 6.01 -14.20
N TYR A 335 -10.63 6.71 -15.23
CA TYR A 335 -10.66 8.17 -15.20
C TYR A 335 -11.37 8.72 -16.42
N GLY A 336 -11.82 9.96 -16.30
CA GLY A 336 -12.52 10.64 -17.36
C GLY A 336 -12.22 12.13 -17.39
N VAL A 337 -11.92 12.64 -18.57
CA VAL A 337 -11.50 14.03 -18.75
C VAL A 337 -12.66 14.81 -19.35
N GLN A 338 -13.06 15.88 -18.66
CA GLN A 338 -14.08 16.79 -19.13
C GLN A 338 -13.42 17.84 -20.03
N ILE A 339 -13.76 17.81 -21.31
CA ILE A 339 -13.08 18.60 -22.33
C ILE A 339 -14.07 19.58 -22.94
N ASN A 340 -13.56 20.75 -23.33
CA ASN A 340 -14.38 21.87 -23.76
C ASN A 340 -14.02 22.28 -25.19
N LYS A 341 -15.00 22.88 -25.88
CA LYS A 341 -14.76 23.41 -27.21
C LYS A 341 -13.57 24.36 -27.23
N LEU A 342 -13.46 25.22 -26.21
CA LEU A 342 -12.33 26.14 -26.16
C LEU A 342 -11.00 25.41 -26.03
N MET A 343 -10.98 24.28 -25.33
CA MET A 343 -9.75 23.50 -25.24
C MET A 343 -9.42 22.83 -26.57
N TYR A 344 -10.42 22.27 -27.25
CA TYR A 344 -10.20 21.74 -28.58
C TYR A 344 -9.65 22.81 -29.52
N THR A 345 -10.16 24.04 -29.40
CA THR A 345 -9.69 25.13 -30.25
C THR A 345 -8.25 25.49 -29.94
N ARG A 346 -7.94 25.75 -28.67
CA ARG A 346 -6.57 26.05 -28.29
C ARG A 346 -5.60 24.92 -28.63
N LEU A 347 -6.11 23.70 -28.81
CA LEU A 347 -5.29 22.65 -29.40
C LEU A 347 -5.12 22.90 -30.90
N LEU A 348 -6.22 23.10 -31.62
CA LEU A 348 -6.20 23.25 -33.07
C LEU A 348 -5.43 24.48 -33.52
N LYS A 349 -5.02 25.32 -32.57
CA LYS A 349 -4.06 26.37 -32.86
C LYS A 349 -2.79 26.25 -32.05
N GLY A 350 -2.70 25.27 -31.15
CA GLY A 350 -1.45 24.97 -30.47
C GLY A 350 -0.97 26.03 -29.50
N GLU A 351 -1.87 26.88 -29.00
CA GLU A 351 -1.48 27.97 -28.13
C GLU A 351 -1.40 27.45 -26.69
N ASP A 352 -1.21 28.36 -25.73
CA ASP A 352 -1.00 28.00 -24.34
C ASP A 352 -2.33 27.88 -23.61
N ILE A 353 -2.50 26.78 -22.88
CA ILE A 353 -3.63 26.59 -21.97
C ILE A 353 -3.18 26.95 -20.57
N THR A 354 -4.00 27.72 -19.87
CA THR A 354 -3.76 27.96 -18.45
C THR A 354 -4.55 26.95 -17.63
N LEU A 355 -4.07 26.71 -16.41
CA LEU A 355 -4.69 25.76 -15.50
C LEU A 355 -4.92 26.45 -14.17
N PHE A 356 -6.16 26.40 -13.68
CA PHE A 356 -6.55 27.06 -12.45
C PHE A 356 -6.97 26.02 -11.41
N SER A 357 -7.17 26.49 -10.20
CA SER A 357 -7.74 25.68 -9.14
C SER A 357 -9.23 25.98 -9.03
N PRO A 358 -10.09 24.98 -9.01
CA PRO A 358 -11.54 25.26 -9.06
C PRO A 358 -12.08 26.00 -7.85
N SER A 359 -11.20 26.38 -6.92
CA SER A 359 -11.63 27.17 -5.75
C SER A 359 -11.38 28.66 -5.95
N ASP A 360 -10.32 29.02 -6.66
CA ASP A 360 -9.98 30.43 -6.88
C ASP A 360 -10.55 30.97 -8.18
N VAL A 361 -11.54 30.31 -8.76
CA VAL A 361 -12.20 30.78 -9.98
C VAL A 361 -13.70 30.87 -9.74
N PRO A 362 -14.20 31.99 -9.23
CA PRO A 362 -15.65 32.11 -8.96
C PRO A 362 -16.46 31.96 -10.23
N GLY A 363 -17.47 31.10 -10.18
CA GLY A 363 -18.38 30.89 -11.28
C GLY A 363 -17.80 30.21 -12.50
N LEU A 364 -16.48 30.01 -12.55
CA LEU A 364 -15.87 29.50 -13.78
C LEU A 364 -16.25 28.05 -14.02
N TYR A 365 -16.38 27.26 -12.96
CA TYR A 365 -16.74 25.85 -13.12
C TYR A 365 -18.15 25.71 -13.69
N ASP A 366 -19.12 26.37 -13.05
CA ASP A 366 -20.49 26.35 -13.55
C ASP A 366 -20.57 26.93 -14.95
N ALA A 367 -19.78 27.96 -15.24
CA ALA A 367 -19.78 28.55 -16.58
C ALA A 367 -19.29 27.55 -17.61
N PHE A 368 -18.10 26.99 -17.38
CA PHE A 368 -17.52 25.89 -18.13
C PHE A 368 -18.56 24.82 -18.45
N PHE A 369 -19.39 24.47 -17.47
CA PHE A 369 -20.33 23.39 -17.70
C PHE A 369 -21.62 23.83 -18.39
N ALA A 370 -22.03 25.09 -18.23
CA ALA A 370 -23.35 25.51 -18.70
C ALA A 370 -23.30 26.51 -19.85
N ASP A 371 -22.65 27.65 -19.67
CA ASP A 371 -22.77 28.76 -20.63
C ASP A 371 -21.43 29.02 -21.30
N GLN A 372 -21.38 28.81 -22.61
CA GLN A 372 -20.11 28.79 -23.33
C GLN A 372 -19.47 30.18 -23.36
N GLU A 373 -20.21 31.19 -23.80
CA GLU A 373 -19.61 32.53 -23.93
C GLU A 373 -19.23 33.10 -22.57
N GLU A 374 -20.01 32.82 -21.53
CA GLU A 374 -19.64 33.24 -20.19
C GLU A 374 -18.36 32.53 -19.74
N PHE A 375 -18.26 31.23 -20.02
CA PHE A 375 -17.02 30.52 -19.69
C PHE A 375 -15.82 31.13 -20.41
N GLU A 376 -15.97 31.45 -21.69
CA GLU A 376 -14.84 32.00 -22.44
C GLU A 376 -14.44 33.36 -21.90
N ARG A 377 -15.42 34.23 -21.63
CA ARG A 377 -15.10 35.55 -21.10
C ARG A 377 -14.43 35.46 -19.74
N LEU A 378 -14.94 34.59 -18.87
CA LEU A 378 -14.31 34.40 -17.56
C LEU A 378 -12.89 33.86 -17.71
N TYR A 379 -12.70 32.91 -18.62
CA TYR A 379 -11.41 32.29 -18.84
C TYR A 379 -10.38 33.35 -19.26
N THR A 380 -10.74 34.18 -20.23
CA THR A 380 -9.81 35.22 -20.67
C THR A 380 -9.61 36.29 -19.60
N LYS A 381 -10.65 36.61 -18.84
CA LYS A 381 -10.51 37.58 -17.76
C LYS A 381 -9.52 37.10 -16.71
N TYR A 382 -9.62 35.83 -16.32
CA TYR A 382 -8.72 35.32 -15.30
C TYR A 382 -7.31 35.12 -15.85
N GLU A 383 -7.18 34.75 -17.12
CA GLU A 383 -5.85 34.77 -17.72
C GLU A 383 -5.25 36.17 -17.72
N LYS A 384 -6.09 37.19 -17.85
CA LYS A 384 -5.60 38.56 -17.75
C LYS A 384 -5.29 38.92 -16.30
N ASP A 385 -5.91 38.24 -15.35
CA ASP A 385 -5.75 38.57 -13.94
C ASP A 385 -4.29 38.36 -13.51
N ASP A 386 -3.91 39.05 -12.44
CA ASP A 386 -2.53 39.04 -11.95
C ASP A 386 -2.38 38.41 -10.58
N SER A 387 -3.40 38.48 -9.72
CA SER A 387 -3.33 37.98 -8.35
C SER A 387 -3.98 36.62 -8.19
N ILE A 388 -4.01 35.81 -9.24
CA ILE A 388 -4.57 34.48 -9.20
C ILE A 388 -3.48 33.48 -9.54
N ARG A 389 -3.52 32.31 -8.90
CA ARG A 389 -2.48 31.30 -9.05
C ARG A 389 -2.87 30.35 -10.18
N LYS A 390 -2.06 30.35 -11.25
CA LYS A 390 -2.35 29.54 -12.41
C LYS A 390 -1.06 28.96 -12.96
N GLN A 391 -1.19 27.86 -13.71
CA GLN A 391 -0.05 27.15 -14.28
C GLN A 391 -0.25 27.05 -15.79
N ARG A 392 0.68 27.64 -16.55
CA ARG A 392 0.60 27.64 -17.99
C ARG A 392 1.24 26.39 -18.58
N VAL A 393 0.70 25.93 -19.70
CA VAL A 393 1.21 24.75 -20.40
C VAL A 393 0.90 24.94 -21.88
N LYS A 394 1.50 24.10 -22.71
CA LYS A 394 1.25 24.10 -24.15
C LYS A 394 0.17 23.07 -24.48
N ALA A 395 -0.84 23.50 -25.22
CA ALA A 395 -2.00 22.64 -25.47
C ALA A 395 -1.62 21.38 -26.24
N VAL A 396 -0.65 21.48 -27.14
CA VAL A 396 -0.23 20.30 -27.90
C VAL A 396 0.40 19.27 -26.97
N GLU A 397 1.24 19.73 -26.03
CA GLU A 397 1.86 18.80 -25.08
C GLU A 397 0.82 18.15 -24.18
N LEU A 398 -0.14 18.94 -23.68
CA LEU A 398 -1.15 18.40 -22.79
C LEU A 398 -2.04 17.39 -23.50
N PHE A 399 -2.51 17.73 -24.69
CA PHE A 399 -3.36 16.79 -25.43
C PHE A 399 -2.59 15.54 -25.84
N SER A 400 -1.30 15.69 -26.19
CA SER A 400 -0.51 14.52 -26.53
C SER A 400 -0.29 13.63 -25.32
N LEU A 401 -0.09 14.24 -24.14
CA LEU A 401 0.03 13.46 -22.91
C LEU A 401 -1.26 12.69 -22.64
N MET A 402 -2.40 13.38 -22.76
CA MET A 402 -3.69 12.74 -22.52
C MET A 402 -3.88 11.55 -23.46
N MET A 403 -3.61 11.75 -24.76
CA MET A 403 -3.82 10.67 -25.72
C MET A 403 -2.78 9.57 -25.56
N GLN A 404 -1.57 9.90 -25.10
CA GLN A 404 -0.56 8.88 -24.85
C GLN A 404 -0.99 7.99 -23.70
N GLU A 405 -1.49 8.57 -22.62
CA GLU A 405 -1.97 7.77 -21.51
C GLU A 405 -3.21 6.97 -21.89
N ARG A 406 -4.09 7.57 -22.71
CA ARG A 406 -5.24 6.82 -23.21
C ARG A 406 -4.78 5.60 -24.01
N ALA A 407 -3.80 5.78 -24.89
CA ALA A 407 -3.30 4.66 -25.69
C ALA A 407 -2.63 3.61 -24.83
N SER A 408 -1.82 4.04 -23.86
CA SER A 408 -1.08 3.10 -23.02
C SER A 408 -2.02 2.27 -22.15
N THR A 409 -2.84 2.94 -21.34
CA THR A 409 -3.63 2.23 -20.34
C THR A 409 -4.96 1.73 -20.88
N GLY A 410 -5.60 2.45 -21.81
CA GLY A 410 -6.89 2.07 -22.32
C GLY A 410 -8.07 2.52 -21.49
N ARG A 411 -7.82 3.21 -20.38
CA ARG A 411 -8.86 3.57 -19.41
C ARG A 411 -8.77 5.04 -19.03
N ILE A 412 -8.64 5.92 -20.00
CA ILE A 412 -8.77 7.36 -19.78
C ILE A 412 -9.84 7.82 -20.76
N TYR A 413 -11.09 7.83 -20.31
CA TYR A 413 -12.20 8.19 -21.17
C TYR A 413 -12.25 9.70 -21.37
N ILE A 414 -12.93 10.11 -22.43
CA ILE A 414 -12.99 11.53 -22.80
C ILE A 414 -14.44 11.93 -22.93
N GLN A 415 -14.91 12.77 -22.02
CA GLN A 415 -16.28 13.28 -22.06
C GLN A 415 -16.24 14.77 -22.33
N ASN A 416 -17.08 15.21 -23.26
CA ASN A 416 -17.16 16.63 -23.57
C ASN A 416 -18.08 17.34 -22.57
N VAL A 417 -18.04 18.67 -22.60
CA VAL A 417 -18.95 19.47 -21.80
C VAL A 417 -19.68 20.45 -22.71
N ASP A 418 -19.79 20.10 -23.98
CA ASP A 418 -20.51 20.89 -24.96
C ASP A 418 -21.69 20.14 -25.55
N HIS A 419 -21.50 18.89 -25.97
CA HIS A 419 -22.60 18.14 -26.55
C HIS A 419 -23.60 17.73 -25.47
N CYS A 420 -23.12 17.39 -24.28
CA CYS A 420 -24.00 16.96 -23.20
C CYS A 420 -24.76 18.11 -22.56
N ASN A 421 -24.35 19.36 -22.82
CA ASN A 421 -25.07 20.51 -22.32
C ASN A 421 -25.60 21.40 -23.44
N THR A 422 -25.54 20.95 -24.68
CA THR A 422 -26.20 21.61 -25.79
C THR A 422 -27.23 20.72 -26.45
N HIS A 423 -26.90 19.48 -26.76
CA HIS A 423 -27.88 18.49 -27.21
C HIS A 423 -28.45 17.73 -26.02
N SER A 424 -28.96 18.48 -25.05
CA SER A 424 -29.36 17.94 -23.77
C SER A 424 -30.85 18.11 -23.53
N PRO A 425 -31.51 17.11 -22.94
CA PRO A 425 -32.92 17.27 -22.55
C PRO A 425 -33.06 17.99 -21.22
N PHE A 426 -31.98 18.63 -20.75
CA PHE A 426 -31.96 19.28 -19.45
C PHE A 426 -31.49 20.73 -19.61
N ASP A 427 -32.20 21.65 -18.97
CA ASP A 427 -31.81 23.05 -18.98
C ASP A 427 -30.50 23.22 -18.21
N PRO A 428 -29.43 23.69 -18.83
CA PRO A 428 -28.14 23.79 -18.12
C PRO A 428 -28.15 24.80 -16.99
N ALA A 429 -29.09 25.74 -16.96
CA ALA A 429 -29.14 26.72 -15.88
C ALA A 429 -29.87 26.21 -14.65
N ILE A 430 -30.49 25.03 -14.72
CA ILE A 430 -31.22 24.43 -13.61
C ILE A 430 -30.70 23.04 -13.29
N ALA A 431 -30.57 22.19 -14.30
CA ALA A 431 -30.13 20.81 -14.12
C ALA A 431 -29.03 20.48 -15.12
N PRO A 432 -27.83 21.03 -14.92
CA PRO A 432 -26.73 20.75 -15.85
C PRO A 432 -26.25 19.31 -15.71
N VAL A 433 -25.69 18.79 -16.80
CA VAL A 433 -25.11 17.45 -16.83
C VAL A 433 -23.60 17.58 -16.68
N ARG A 434 -23.06 16.98 -15.63
CA ARG A 434 -21.66 17.18 -15.28
C ARG A 434 -20.82 15.90 -15.25
N GLN A 435 -21.42 14.74 -15.45
CA GLN A 435 -20.65 13.51 -15.35
C GLN A 435 -21.37 12.40 -16.13
N SER A 436 -20.95 11.16 -15.90
CA SER A 436 -21.57 9.99 -16.50
C SER A 436 -21.21 8.79 -15.64
N ASN A 437 -21.87 7.67 -15.90
CA ASN A 437 -21.69 6.50 -15.06
C ASN A 437 -20.41 5.77 -15.44
N LEU A 438 -20.23 4.56 -14.91
CA LEU A 438 -19.05 3.76 -15.22
C LEU A 438 -19.00 3.40 -16.70
N CYS A 439 -20.13 2.98 -17.27
CA CYS A 439 -20.16 2.56 -18.66
C CYS A 439 -20.30 3.73 -19.62
N LEU A 440 -20.32 4.97 -19.13
CA LEU A 440 -20.45 6.18 -19.95
C LEU A 440 -21.78 6.23 -20.70
N GLU A 441 -22.66 5.27 -20.41
CA GLU A 441 -23.97 5.22 -21.03
C GLU A 441 -24.82 6.43 -20.61
N ILE A 442 -25.10 6.52 -19.32
CA ILE A 442 -26.02 7.50 -18.76
C ILE A 442 -25.34 8.86 -18.67
N ALA A 443 -26.11 9.92 -18.96
CA ALA A 443 -25.64 11.31 -18.77
C ALA A 443 -26.80 12.07 -18.12
N LEU A 444 -26.81 12.09 -16.80
CA LEU A 444 -27.89 12.66 -16.00
C LEU A 444 -27.34 13.71 -15.04
N PRO A 445 -28.19 14.60 -14.55
CA PRO A 445 -27.75 15.61 -13.58
C PRO A 445 -27.84 15.13 -12.15
N THR A 446 -26.88 15.57 -11.34
CA THR A 446 -26.79 15.20 -9.94
C THR A 446 -26.38 16.44 -9.13
N LYS A 447 -26.33 16.28 -7.81
CA LYS A 447 -25.94 17.37 -6.93
C LYS A 447 -25.21 16.77 -5.73
N PRO A 448 -24.32 17.55 -5.10
CA PRO A 448 -23.51 16.98 -4.01
C PRO A 448 -24.30 16.88 -2.70
N LEU A 449 -24.13 15.76 -2.02
CA LEU A 449 -24.74 15.54 -0.72
C LEU A 449 -23.96 16.28 0.37
N ASN A 450 -24.50 16.24 1.58
CA ASN A 450 -23.80 16.78 2.74
C ASN A 450 -23.79 15.76 3.88
N ASP A 451 -24.80 14.89 3.89
CA ASP A 451 -24.86 13.77 4.82
C ASP A 451 -25.11 12.51 4.03
N VAL A 452 -25.11 11.37 4.72
CA VAL A 452 -25.36 10.11 4.05
C VAL A 452 -26.83 10.02 3.63
N ASN A 453 -27.74 10.37 4.53
CA ASN A 453 -29.18 10.35 4.26
C ASN A 453 -29.72 11.74 3.95
N ASP A 454 -28.91 12.60 3.34
CA ASP A 454 -29.33 13.95 3.01
C ASP A 454 -30.44 13.93 1.96
N GLU A 455 -31.29 14.94 1.99
CA GLU A 455 -32.43 15.04 1.09
C GLU A 455 -32.31 16.20 0.10
N ASN A 456 -31.20 16.93 0.10
CA ASN A 456 -30.98 18.04 -0.81
C ASN A 456 -29.90 17.70 -1.83
N GLY A 457 -29.87 16.45 -2.28
CA GLY A 457 -28.93 16.01 -3.28
C GLY A 457 -29.43 14.79 -4.03
N GLU A 458 -29.20 14.74 -5.34
CA GLU A 458 -29.67 13.66 -6.18
C GLU A 458 -28.50 12.87 -6.74
N ILE A 459 -28.63 11.55 -6.75
CA ILE A 459 -27.68 10.67 -7.41
C ILE A 459 -28.48 9.72 -8.31
N ALA A 460 -27.88 9.33 -9.44
CA ALA A 460 -28.65 8.65 -10.48
C ALA A 460 -28.20 7.21 -10.63
N LEU A 461 -28.92 6.46 -11.47
CA LEU A 461 -28.66 5.04 -11.63
C LEU A 461 -28.91 4.61 -13.07
N CYS A 462 -28.13 3.62 -13.53
CA CYS A 462 -28.49 2.88 -14.73
C CYS A 462 -29.82 2.16 -14.53
N THR A 463 -30.86 2.56 -15.26
CA THR A 463 -32.12 1.83 -15.31
C THR A 463 -32.31 1.45 -16.78
N LEU A 464 -31.74 0.31 -17.16
CA LEU A 464 -31.49 -0.02 -18.55
C LEU A 464 -32.44 -1.08 -19.07
N SER A 465 -32.68 -1.03 -20.38
CA SER A 465 -33.36 -2.08 -21.12
C SER A 465 -32.95 -1.94 -22.59
N ALA A 466 -33.42 -2.86 -23.43
CA ALA A 466 -33.08 -2.73 -24.84
C ALA A 466 -34.08 -3.49 -25.71
N PHE A 467 -34.12 -3.09 -26.98
CA PHE A 467 -34.91 -3.77 -28.00
C PHE A 467 -34.14 -4.99 -28.51
N ASN A 468 -34.63 -5.59 -29.60
CA ASN A 468 -33.89 -6.62 -30.34
C ASN A 468 -34.09 -6.31 -31.82
N LEU A 469 -33.21 -5.49 -32.38
CA LEU A 469 -33.38 -5.04 -33.76
C LEU A 469 -33.26 -6.19 -34.75
N GLY A 470 -32.46 -7.19 -34.43
CA GLY A 470 -32.33 -8.33 -35.31
C GLY A 470 -33.58 -9.17 -35.34
N ALA A 471 -34.06 -9.58 -34.17
CA ALA A 471 -35.21 -10.47 -34.08
C ALA A 471 -36.53 -9.82 -34.51
N ILE A 472 -36.56 -8.50 -34.71
CA ILE A 472 -37.75 -7.82 -35.20
C ILE A 472 -37.61 -7.62 -36.71
N ASN A 473 -38.73 -7.68 -37.41
CA ASN A 473 -38.73 -7.67 -38.86
C ASN A 473 -39.30 -6.39 -39.47
N ASN A 474 -39.96 -5.55 -38.69
CA ASN A 474 -40.52 -4.31 -39.21
C ASN A 474 -40.57 -3.30 -38.08
N LEU A 475 -41.26 -2.18 -38.32
CA LEU A 475 -41.25 -1.03 -37.43
C LEU A 475 -42.66 -0.66 -36.97
N ASP A 476 -43.48 -1.66 -36.68
CA ASP A 476 -44.71 -1.52 -35.92
C ASP A 476 -44.70 -2.37 -34.66
N GLU A 477 -44.16 -3.58 -34.75
CA GLU A 477 -43.67 -4.26 -33.56
C GLU A 477 -42.77 -3.34 -32.75
N LEU A 478 -42.08 -2.42 -33.42
CA LEU A 478 -41.33 -1.39 -32.71
C LEU A 478 -42.23 -0.58 -31.78
N GLU A 479 -43.41 -0.19 -32.26
CA GLU A 479 -44.32 0.59 -31.43
C GLU A 479 -44.90 -0.26 -30.30
N GLU A 480 -45.28 -1.50 -30.61
CA GLU A 480 -45.77 -2.39 -29.56
C GLU A 480 -44.73 -2.58 -28.46
N LEU A 481 -43.48 -2.83 -28.86
CA LEU A 481 -42.40 -3.04 -27.90
C LEU A 481 -42.10 -1.76 -27.14
N ALA A 482 -42.19 -0.60 -27.79
CA ALA A 482 -41.98 0.66 -27.08
C ALA A 482 -43.00 0.81 -25.96
N ILE A 483 -44.29 0.65 -26.28
CA ILE A 483 -45.33 0.70 -25.27
C ILE A 483 -45.00 -0.23 -24.11
N LEU A 484 -44.81 -1.52 -24.43
CA LEU A 484 -44.63 -2.52 -23.39
C LEU A 484 -43.39 -2.23 -22.54
N ALA A 485 -42.28 -1.87 -23.19
CA ALA A 485 -41.02 -1.72 -22.47
C ALA A 485 -41.03 -0.48 -21.60
N VAL A 486 -41.53 0.65 -22.09
CA VAL A 486 -41.58 1.84 -21.25
C VAL A 486 -42.50 1.63 -20.06
N ARG A 487 -43.66 1.00 -20.29
CA ARG A 487 -44.57 0.73 -19.18
C ARG A 487 -43.90 -0.18 -18.15
N ALA A 488 -43.28 -1.26 -18.61
CA ALA A 488 -42.65 -2.20 -17.69
C ALA A 488 -41.50 -1.57 -16.92
N LEU A 489 -40.73 -0.71 -17.59
CA LEU A 489 -39.58 -0.10 -16.93
C LEU A 489 -40.02 0.93 -15.91
N ASP A 490 -41.08 1.68 -16.20
CA ASP A 490 -41.64 2.57 -15.18
C ASP A 490 -42.15 1.77 -13.99
N ALA A 491 -42.83 0.65 -14.24
CA ALA A 491 -43.33 -0.19 -13.16
C ALA A 491 -42.20 -0.66 -12.26
N LEU A 492 -41.12 -1.19 -12.84
CA LEU A 492 -40.00 -1.63 -12.01
C LEU A 492 -39.32 -0.46 -11.32
N LEU A 493 -39.26 0.71 -11.99
CA LEU A 493 -38.63 1.87 -11.39
C LEU A 493 -39.34 2.28 -10.11
N ASP A 494 -40.66 2.21 -10.08
CA ASP A 494 -41.36 2.53 -8.84
C ASP A 494 -41.56 1.32 -7.94
N TYR A 495 -41.18 0.12 -8.40
CA TYR A 495 -41.31 -1.08 -7.57
C TYR A 495 -40.04 -1.43 -6.81
N GLN A 496 -38.86 -0.98 -7.28
CA GLN A 496 -37.60 -1.35 -6.64
C GLN A 496 -37.42 -0.56 -5.34
N ASP A 497 -36.26 -0.72 -4.71
CA ASP A 497 -35.94 -0.01 -3.47
C ASP A 497 -34.64 0.74 -3.63
N TYR A 498 -34.48 1.77 -2.80
CA TYR A 498 -33.32 2.67 -2.86
C TYR A 498 -32.69 2.76 -1.48
N PRO A 499 -31.48 2.21 -1.29
CA PRO A 499 -30.86 2.25 0.03
C PRO A 499 -30.50 3.65 0.51
N ILE A 500 -30.57 4.66 -0.34
CA ILE A 500 -30.25 6.03 0.03
C ILE A 500 -31.46 6.91 -0.28
N PRO A 501 -31.93 7.71 0.67
CA PRO A 501 -33.04 8.63 0.37
C PRO A 501 -32.72 9.61 -0.73
N ALA A 502 -31.46 10.00 -0.90
CA ALA A 502 -31.09 10.86 -2.01
C ALA A 502 -31.35 10.17 -3.35
N ALA A 503 -30.98 8.90 -3.45
CA ALA A 503 -31.24 8.14 -4.68
C ALA A 503 -32.73 7.98 -4.91
N LYS A 504 -33.48 7.64 -3.86
CA LYS A 504 -34.93 7.52 -4.02
C LYS A 504 -35.53 8.84 -4.50
N ARG A 505 -35.10 9.96 -3.92
CA ARG A 505 -35.60 11.26 -4.32
C ARG A 505 -35.35 11.51 -5.80
N GLY A 506 -34.08 11.40 -6.21
CA GLY A 506 -33.75 11.67 -7.60
C GLY A 506 -34.49 10.76 -8.58
N ALA A 507 -34.50 9.46 -8.29
CA ALA A 507 -35.16 8.50 -9.17
C ALA A 507 -36.65 8.78 -9.26
N MET A 508 -37.36 8.69 -8.14
CA MET A 508 -38.80 8.92 -8.15
C MET A 508 -39.16 10.33 -8.61
N GLY A 509 -38.21 11.26 -8.65
CA GLY A 509 -38.49 12.59 -9.15
C GLY A 509 -38.38 12.72 -10.65
N ARG A 510 -37.29 12.25 -11.23
CA ARG A 510 -37.07 12.47 -12.66
C ARG A 510 -37.51 11.30 -13.54
N ARG A 511 -37.63 10.09 -13.00
CA ARG A 511 -38.08 8.92 -13.74
C ARG A 511 -37.20 8.59 -14.94
N THR A 512 -35.99 9.14 -14.97
CA THR A 512 -35.09 8.97 -16.10
C THR A 512 -34.69 7.51 -16.26
N LEU A 513 -35.02 6.92 -17.41
CA LEU A 513 -34.66 5.55 -17.73
C LEU A 513 -33.99 5.51 -19.09
N GLY A 514 -33.30 4.41 -19.37
CA GLY A 514 -32.63 4.25 -20.64
C GLY A 514 -32.92 2.93 -21.33
N ILE A 515 -33.51 3.00 -22.51
CA ILE A 515 -33.76 1.81 -23.33
C ILE A 515 -33.03 2.01 -24.65
N GLY A 516 -32.17 1.03 -24.97
CA GLY A 516 -31.28 1.12 -26.12
C GLY A 516 -31.51 -0.02 -27.08
N VAL A 517 -30.48 -0.30 -27.86
CA VAL A 517 -30.57 -1.22 -28.98
C VAL A 517 -29.43 -2.23 -28.95
N ILE A 518 -29.70 -3.42 -29.50
CA ILE A 518 -28.68 -4.42 -29.75
C ILE A 518 -28.93 -4.99 -31.15
N ASN A 519 -28.15 -6.01 -31.51
CA ASN A 519 -28.25 -6.66 -32.82
C ASN A 519 -28.02 -5.69 -33.96
N PHE A 520 -27.20 -4.66 -33.73
CA PHE A 520 -26.95 -3.68 -34.78
C PHE A 520 -26.18 -4.28 -35.94
N ALA A 521 -25.12 -5.04 -35.64
CA ALA A 521 -24.31 -5.63 -36.69
C ALA A 521 -25.12 -6.63 -37.52
N TYR A 522 -25.84 -7.52 -36.84
CA TYR A 522 -26.64 -8.51 -37.56
C TYR A 522 -27.77 -7.86 -38.33
N TYR A 523 -28.38 -6.80 -37.78
CA TYR A 523 -29.42 -6.09 -38.52
C TYR A 523 -28.87 -5.47 -39.79
N LEU A 524 -27.71 -4.81 -39.68
CA LEU A 524 -27.08 -4.21 -40.85
C LEU A 524 -26.75 -5.28 -41.90
N ALA A 525 -26.14 -6.38 -41.47
CA ALA A 525 -25.80 -7.45 -42.41
C ALA A 525 -27.04 -8.04 -43.06
N LYS A 526 -28.11 -8.20 -42.28
CA LYS A 526 -29.36 -8.73 -42.84
C LYS A 526 -29.94 -7.78 -43.87
N HIS A 527 -29.78 -6.48 -43.65
CA HIS A 527 -30.19 -5.48 -44.63
C HIS A 527 -29.02 -5.02 -45.49
N GLY A 528 -27.87 -5.67 -45.38
CA GLY A 528 -26.79 -5.52 -46.35
C GLY A 528 -26.13 -4.17 -46.44
N LYS A 529 -25.42 -3.76 -45.39
CA LYS A 529 -24.57 -2.57 -45.42
C LYS A 529 -23.29 -2.91 -44.68
N ARG A 530 -22.47 -1.89 -44.42
CA ARG A 530 -21.19 -2.09 -43.76
C ARG A 530 -20.89 -0.90 -42.87
N TYR A 531 -19.75 -0.94 -42.20
CA TYR A 531 -19.33 0.10 -41.26
C TYR A 531 -18.31 1.07 -41.84
N SER A 532 -17.43 0.58 -42.73
CA SER A 532 -16.27 1.37 -43.13
C SER A 532 -16.64 2.44 -44.16
N ASP A 533 -17.26 2.02 -45.26
CA ASP A 533 -17.49 2.94 -46.38
C ASP A 533 -18.39 4.10 -45.97
N GLY A 534 -19.56 3.79 -45.41
CA GLY A 534 -20.52 4.81 -45.06
C GLY A 534 -21.85 4.61 -45.74
N SER A 535 -22.14 3.37 -46.12
CA SER A 535 -23.41 3.02 -46.76
C SER A 535 -24.50 2.69 -45.74
N ALA A 536 -24.26 2.98 -44.46
CA ALA A 536 -25.24 2.70 -43.42
C ALA A 536 -25.80 3.96 -42.77
N ASN A 537 -25.28 5.13 -43.13
CA ASN A 537 -25.71 6.39 -42.51
C ASN A 537 -27.23 6.53 -42.53
N ASN A 538 -27.83 6.37 -43.71
CA ASN A 538 -29.26 6.65 -43.86
C ASN A 538 -30.10 5.58 -43.17
N LEU A 539 -29.67 4.32 -43.23
CA LEU A 539 -30.40 3.25 -42.58
C LEU A 539 -30.43 3.46 -41.06
N THR A 540 -29.28 3.77 -40.48
CA THR A 540 -29.26 4.07 -39.05
C THR A 540 -30.10 5.29 -38.72
N HIS A 541 -30.02 6.33 -39.57
CA HIS A 541 -30.86 7.50 -39.39
C HIS A 541 -32.33 7.12 -39.29
N LYS A 542 -32.82 6.34 -40.25
CA LYS A 542 -34.22 5.96 -40.26
C LYS A 542 -34.58 5.14 -39.03
N THR A 543 -33.77 4.13 -38.71
CA THR A 543 -34.10 3.24 -37.60
C THR A 543 -34.15 3.99 -36.28
N PHE A 544 -33.16 4.85 -36.03
CA PHE A 544 -33.12 5.51 -34.73
C PHE A 544 -34.13 6.66 -34.64
N GLU A 545 -34.41 7.34 -35.75
CA GLU A 545 -35.56 8.23 -35.80
C GLU A 545 -36.83 7.51 -35.37
N ALA A 546 -37.06 6.32 -35.94
CA ALA A 546 -38.27 5.58 -35.62
C ALA A 546 -38.33 5.19 -34.15
N ILE A 547 -37.23 4.65 -33.63
CA ILE A 547 -37.26 4.19 -32.24
C ILE A 547 -37.44 5.38 -31.30
N GLN A 548 -36.81 6.52 -31.58
CA GLN A 548 -36.94 7.66 -30.68
C GLN A 548 -38.35 8.24 -30.73
N TYR A 549 -38.92 8.36 -31.94
CA TYR A 549 -40.29 8.87 -32.03
C TYR A 549 -41.27 7.94 -31.35
N TYR A 550 -41.06 6.62 -31.48
CA TYR A 550 -41.98 5.68 -30.84
C TYR A 550 -41.87 5.71 -29.33
N LEU A 551 -40.65 5.83 -28.80
CA LEU A 551 -40.50 5.93 -27.35
C LEU A 551 -41.11 7.23 -26.83
N LEU A 552 -40.93 8.34 -27.55
CA LEU A 552 -41.56 9.59 -27.15
C LEU A 552 -43.07 9.47 -27.14
N LYS A 553 -43.64 8.83 -28.17
CA LYS A 553 -45.08 8.62 -28.21
C LYS A 553 -45.56 7.77 -27.04
N ALA A 554 -44.84 6.68 -26.74
CA ALA A 554 -45.22 5.82 -25.64
C ALA A 554 -45.21 6.58 -24.31
N SER A 555 -44.14 7.34 -24.06
CA SER A 555 -44.08 8.09 -22.83
C SER A 555 -45.12 9.20 -22.78
N ASN A 556 -45.51 9.74 -23.92
CA ASN A 556 -46.57 10.74 -23.93
C ASN A 556 -47.92 10.12 -23.57
N GLU A 557 -48.19 8.91 -24.08
CA GLU A 557 -49.40 8.21 -23.67
C GLU A 557 -49.38 7.92 -22.18
N LEU A 558 -48.25 7.44 -21.66
CA LEU A 558 -48.16 7.18 -20.23
C LEU A 558 -48.33 8.45 -19.42
N ALA A 559 -47.87 9.59 -19.94
CA ALA A 559 -48.08 10.85 -19.24
C ALA A 559 -49.54 11.25 -19.23
N LYS A 560 -50.20 11.19 -20.38
CA LYS A 560 -51.63 11.47 -20.44
C LYS A 560 -52.44 10.53 -19.55
N GLU A 561 -51.91 9.35 -19.25
CA GLU A 561 -52.61 8.43 -18.36
C GLU A 561 -52.33 8.73 -16.88
N GLN A 562 -51.06 8.84 -16.48
CA GLN A 562 -50.66 8.92 -15.08
C GLN A 562 -49.88 10.18 -14.78
N GLY A 563 -50.31 11.31 -15.32
CA GLY A 563 -49.67 12.58 -15.04
C GLY A 563 -48.27 12.67 -15.62
N ALA A 564 -47.66 13.83 -15.42
CA ALA A 564 -46.32 14.10 -15.90
C ALA A 564 -45.30 13.74 -14.81
N CYS A 565 -44.04 14.14 -15.01
CA CYS A 565 -43.03 13.90 -13.99
C CYS A 565 -42.82 15.15 -13.14
N PRO A 566 -42.57 14.98 -11.83
CA PRO A 566 -42.56 16.14 -10.93
C PRO A 566 -41.38 17.08 -11.13
N TRP A 567 -40.57 16.84 -12.16
CA TRP A 567 -39.51 17.77 -12.51
C TRP A 567 -39.52 18.12 -14.00
N PHE A 568 -40.67 17.90 -14.67
CA PHE A 568 -40.78 18.27 -16.07
C PHE A 568 -40.52 19.76 -16.28
N ASN A 569 -40.85 20.58 -15.29
CA ASN A 569 -40.60 22.00 -15.36
C ASN A 569 -39.13 22.36 -15.45
N GLU A 570 -38.24 21.36 -15.44
CA GLU A 570 -36.82 21.60 -15.67
C GLU A 570 -36.30 21.01 -16.97
N THR A 571 -37.04 20.13 -17.63
CA THR A 571 -36.55 19.59 -18.89
C THR A 571 -36.92 20.51 -20.04
N THR A 572 -36.21 20.36 -21.15
CA THR A 572 -36.43 21.19 -22.32
C THR A 572 -37.55 20.65 -23.21
N TYR A 573 -38.11 19.48 -22.88
CA TYR A 573 -39.30 19.03 -23.60
C TYR A 573 -40.49 19.90 -23.28
N ALA A 574 -40.53 20.50 -22.09
CA ALA A 574 -41.59 21.44 -21.75
C ALA A 574 -41.55 22.66 -22.68
N LYS A 575 -40.35 23.19 -22.92
CA LYS A 575 -40.18 24.26 -23.89
C LYS A 575 -40.42 23.80 -25.33
N GLY A 576 -40.62 22.50 -25.55
CA GLY A 576 -40.93 21.98 -26.86
C GLY A 576 -39.73 21.70 -27.75
N ILE A 577 -38.52 22.01 -27.30
CA ILE A 577 -37.33 21.87 -28.14
C ILE A 577 -36.96 20.39 -28.20
N LEU A 578 -36.98 19.82 -29.39
CA LEU A 578 -36.87 18.39 -29.61
C LEU A 578 -35.46 18.03 -30.11
N PRO A 579 -35.12 16.73 -30.12
CA PRO A 579 -33.83 16.32 -30.68
C PRO A 579 -33.58 16.83 -32.10
N ILE A 580 -34.57 16.72 -32.98
CA ILE A 580 -34.43 17.24 -34.34
C ILE A 580 -34.16 18.74 -34.33
N ASP A 581 -34.39 19.41 -33.22
CA ASP A 581 -34.08 20.83 -33.08
C ASP A 581 -32.73 21.07 -32.41
N THR A 582 -32.27 20.14 -31.58
CA THR A 582 -31.04 20.29 -30.82
C THR A 582 -29.84 19.61 -31.46
N TYR A 583 -30.03 18.93 -32.60
CA TYR A 583 -28.93 18.24 -33.25
C TYR A 583 -27.82 19.24 -33.64
N LYS A 584 -26.67 18.70 -34.03
CA LYS A 584 -25.51 19.51 -34.39
C LYS A 584 -25.44 19.69 -35.91
N LYS A 585 -25.29 20.94 -36.33
CA LYS A 585 -25.41 21.28 -37.75
C LYS A 585 -24.47 20.48 -38.62
N ASP A 586 -23.22 20.30 -38.18
CA ASP A 586 -22.20 19.62 -38.96
C ASP A 586 -22.55 18.17 -39.26
N LEU A 587 -23.68 17.70 -38.74
CA LEU A 587 -24.13 16.35 -39.03
C LEU A 587 -24.81 16.25 -40.39
N ASP A 588 -25.34 17.37 -40.91
CA ASP A 588 -26.09 17.35 -42.15
C ASP A 588 -25.29 16.73 -43.30
N THR A 589 -24.01 17.06 -43.38
CA THR A 589 -23.15 16.59 -44.45
C THR A 589 -22.89 15.07 -44.40
N ILE A 590 -23.49 14.36 -43.43
CA ILE A 590 -23.24 12.94 -43.27
C ILE A 590 -24.40 12.09 -43.80
N ALA A 591 -25.63 12.59 -43.75
CA ALA A 591 -26.76 11.86 -44.31
C ALA A 591 -27.83 12.86 -44.71
N ASN A 592 -28.70 12.43 -45.62
CA ASN A 592 -29.76 13.29 -46.18
C ASN A 592 -31.08 12.54 -46.20
N GLU A 593 -31.42 11.88 -45.09
CA GLU A 593 -32.66 11.13 -45.00
C GLU A 593 -33.84 12.05 -44.70
N PRO A 594 -35.00 11.77 -45.27
CA PRO A 594 -36.20 12.52 -44.91
C PRO A 594 -36.80 12.04 -43.60
N LEU A 595 -37.81 12.78 -43.13
CA LEU A 595 -38.49 12.49 -41.88
C LEU A 595 -39.88 11.94 -42.18
N HIS A 596 -40.29 10.92 -41.41
CA HIS A 596 -41.43 10.11 -41.77
C HIS A 596 -42.51 10.08 -40.68
N TYR A 597 -42.58 11.11 -39.83
CA TYR A 597 -43.54 11.08 -38.73
C TYR A 597 -44.02 12.49 -38.42
N ASP A 598 -45.14 12.56 -37.69
CA ASP A 598 -45.80 13.83 -37.35
C ASP A 598 -45.12 14.45 -36.14
N TRP A 599 -43.90 14.94 -36.38
CA TRP A 599 -43.07 15.42 -35.28
C TRP A 599 -43.58 16.72 -34.68
N GLU A 600 -44.23 17.56 -35.48
CA GLU A 600 -44.74 18.82 -34.93
C GLU A 600 -45.97 18.59 -34.07
N ALA A 601 -46.87 17.69 -34.50
CA ALA A 601 -47.98 17.31 -33.65
C ALA A 601 -47.49 16.65 -32.38
N LEU A 602 -46.44 15.82 -32.48
CA LEU A 602 -45.85 15.24 -31.27
C LEU A 602 -45.29 16.31 -30.36
N ARG A 603 -44.64 17.33 -30.93
CA ARG A 603 -44.08 18.41 -30.12
C ARG A 603 -45.18 19.16 -29.38
N GLU A 604 -46.28 19.47 -30.07
CA GLU A 604 -47.38 20.17 -29.42
C GLU A 604 -48.01 19.31 -28.33
N SER A 605 -48.19 18.01 -28.58
CA SER A 605 -48.75 17.12 -27.56
C SER A 605 -47.83 17.02 -26.35
N ILE A 606 -46.51 16.98 -26.60
CA ILE A 606 -45.55 16.95 -25.51
C ILE A 606 -45.66 18.22 -24.67
N LYS A 607 -45.63 19.38 -25.34
CA LYS A 607 -45.72 20.64 -24.63
C LYS A 607 -47.02 20.74 -23.84
N THR A 608 -48.10 20.19 -24.38
CA THR A 608 -49.40 20.29 -23.71
C THR A 608 -49.47 19.37 -22.49
N HIS A 609 -49.32 18.07 -22.69
CA HIS A 609 -49.52 17.12 -21.59
C HIS A 609 -48.24 16.85 -20.82
N GLY A 610 -47.15 16.53 -21.50
CA GLY A 610 -45.90 16.21 -20.87
C GLY A 610 -45.48 14.78 -21.16
N LEU A 611 -44.39 14.38 -20.50
CA LEU A 611 -43.87 13.02 -20.61
C LEU A 611 -43.89 12.37 -19.23
N ARG A 612 -43.82 11.04 -19.23
CA ARG A 612 -43.69 10.28 -18.00
C ARG A 612 -42.23 10.13 -17.58
N ASN A 613 -41.29 10.37 -18.48
CA ASN A 613 -39.87 10.24 -18.20
C ASN A 613 -39.13 11.38 -18.88
N SER A 614 -38.30 12.09 -18.11
CA SER A 614 -37.57 13.23 -18.65
C SER A 614 -36.70 12.82 -19.83
N THR A 615 -35.93 11.74 -19.66
CA THR A 615 -35.16 11.13 -20.73
C THR A 615 -35.71 9.75 -21.04
N LEU A 616 -35.45 9.28 -22.25
CA LEU A 616 -36.09 8.05 -22.70
C LEU A 616 -35.18 7.04 -23.39
N SER A 617 -33.96 7.39 -23.79
CA SER A 617 -33.17 6.40 -24.50
C SER A 617 -31.68 6.75 -24.41
N ALA A 618 -30.87 5.72 -24.17
CA ALA A 618 -29.42 5.82 -24.26
C ALA A 618 -28.89 4.40 -24.36
N LEU A 619 -28.28 4.06 -25.49
CA LEU A 619 -27.89 2.67 -25.73
C LEU A 619 -26.70 2.30 -24.85
N MET A 620 -26.27 1.05 -24.97
CA MET A 620 -25.30 0.48 -24.05
C MET A 620 -24.56 -0.63 -24.78
N PRO A 621 -23.34 -0.97 -24.33
CA PRO A 621 -22.66 -2.15 -24.87
C PRO A 621 -23.41 -3.43 -24.56
N SER A 622 -23.68 -3.66 -23.28
CA SER A 622 -24.43 -4.83 -22.80
C SER A 622 -23.81 -6.12 -23.35
N GLU A 623 -22.56 -6.35 -22.97
CA GLU A 623 -21.76 -7.41 -23.57
C GLU A 623 -22.15 -8.79 -23.08
N THR A 624 -23.19 -8.93 -22.27
CA THR A 624 -23.62 -10.22 -21.78
C THR A 624 -25.08 -10.53 -22.06
N SER A 625 -25.99 -9.56 -21.89
CA SER A 625 -27.40 -9.83 -22.06
C SER A 625 -27.72 -10.35 -23.45
N SER A 626 -27.05 -9.80 -24.47
CA SER A 626 -27.27 -10.24 -25.84
C SER A 626 -27.07 -11.75 -25.97
N GLN A 627 -26.10 -12.31 -25.24
CA GLN A 627 -25.88 -13.75 -25.28
C GLN A 627 -27.15 -14.51 -24.94
N ILE A 628 -27.81 -14.11 -23.85
CA ILE A 628 -29.05 -14.78 -23.46
C ILE A 628 -30.12 -14.55 -24.50
N SER A 629 -30.10 -13.40 -25.17
CA SER A 629 -31.05 -13.13 -26.24
C SER A 629 -30.64 -13.77 -27.56
N ASN A 630 -29.54 -14.52 -27.58
CA ASN A 630 -29.01 -15.13 -28.80
C ASN A 630 -28.82 -14.07 -29.89
N ALA A 631 -27.98 -13.10 -29.59
CA ALA A 631 -27.77 -11.93 -30.44
C ALA A 631 -26.30 -11.61 -30.50
N THR A 632 -25.95 -10.58 -31.26
CA THR A 632 -24.58 -10.08 -31.30
C THR A 632 -24.37 -9.07 -30.19
N ASN A 633 -23.12 -8.96 -29.75
CA ASN A 633 -22.80 -8.30 -28.48
C ASN A 633 -22.71 -6.79 -28.67
N GLY A 634 -23.90 -6.16 -28.74
CA GLY A 634 -24.00 -4.72 -28.69
C GLY A 634 -23.87 -4.01 -30.02
N ILE A 635 -23.22 -2.85 -30.00
CA ILE A 635 -23.08 -2.02 -31.19
C ILE A 635 -21.69 -2.17 -31.83
N GLU A 636 -20.65 -2.40 -31.04
CA GLU A 636 -19.32 -2.61 -31.59
C GLU A 636 -19.34 -3.83 -32.51
N PRO A 637 -18.65 -3.78 -33.66
CA PRO A 637 -18.66 -4.92 -34.56
C PRO A 637 -17.95 -6.11 -33.93
N PRO A 638 -18.36 -7.33 -34.27
CA PRO A 638 -17.77 -8.51 -33.62
C PRO A 638 -16.31 -8.70 -34.04
N ARG A 639 -15.49 -9.15 -33.09
CA ARG A 639 -14.07 -9.37 -33.31
C ARG A 639 -13.77 -10.80 -33.75
N GLY A 640 -14.45 -11.25 -34.80
CA GLY A 640 -14.31 -12.62 -35.28
C GLY A 640 -15.66 -13.31 -35.38
N TYR A 641 -15.76 -14.26 -36.30
CA TYR A 641 -16.99 -15.01 -36.50
C TYR A 641 -17.22 -16.07 -35.41
N VAL A 642 -16.42 -16.06 -34.35
CA VAL A 642 -16.62 -16.92 -33.20
C VAL A 642 -16.10 -16.17 -31.97
N SER A 643 -16.64 -16.54 -30.80
CA SER A 643 -16.34 -15.82 -29.57
C SER A 643 -14.88 -16.05 -29.16
N ILE A 644 -14.09 -14.99 -29.17
CA ILE A 644 -12.72 -15.02 -28.65
C ILE A 644 -12.79 -14.37 -27.27
N LYS A 645 -13.02 -15.19 -26.25
CA LYS A 645 -13.23 -14.68 -24.91
C LYS A 645 -11.92 -14.70 -24.11
N ALA A 646 -11.98 -14.19 -22.88
CA ALA A 646 -10.86 -14.18 -21.95
C ALA A 646 -11.36 -14.75 -20.63
N SER A 647 -11.30 -16.07 -20.50
CA SER A 647 -11.74 -16.77 -19.30
C SER A 647 -10.54 -17.26 -18.50
N LYS A 648 -10.82 -17.69 -17.26
CA LYS A 648 -9.75 -18.18 -16.40
C LYS A 648 -9.08 -19.41 -16.98
N ASP A 649 -9.83 -20.26 -17.69
CA ASP A 649 -9.29 -21.47 -18.30
C ASP A 649 -9.43 -21.50 -19.80
N GLY A 650 -10.61 -21.22 -20.34
CA GLY A 650 -10.80 -21.32 -21.78
C GLY A 650 -12.15 -20.78 -22.21
N ILE A 651 -12.30 -20.65 -23.52
CA ILE A 651 -13.46 -20.01 -24.12
C ILE A 651 -14.64 -20.97 -24.21
N LEU A 652 -15.85 -20.43 -24.14
CA LEU A 652 -17.07 -21.12 -24.52
C LEU A 652 -17.56 -20.54 -25.84
N ARG A 653 -18.20 -21.39 -26.65
CA ARG A 653 -18.44 -21.09 -28.05
C ARG A 653 -19.90 -20.78 -28.33
N GLN A 654 -20.14 -19.70 -29.07
CA GLN A 654 -21.43 -19.44 -29.71
C GLN A 654 -21.17 -18.93 -31.12
N VAL A 655 -22.15 -19.12 -31.99
CA VAL A 655 -22.04 -18.72 -33.39
C VAL A 655 -23.21 -17.81 -33.73
N VAL A 656 -22.92 -16.69 -34.38
CA VAL A 656 -23.90 -15.68 -34.77
C VAL A 656 -25.00 -16.36 -35.57
N PRO A 657 -26.28 -15.99 -35.36
CA PRO A 657 -27.35 -16.65 -36.09
C PRO A 657 -27.31 -16.32 -37.58
N ASP A 658 -27.62 -17.34 -38.39
CA ASP A 658 -27.64 -17.23 -39.85
C ASP A 658 -26.30 -16.81 -40.43
N TYR A 659 -25.22 -17.01 -39.68
CA TYR A 659 -23.88 -16.79 -40.24
C TYR A 659 -23.62 -17.66 -41.45
N GLU A 660 -24.19 -18.88 -41.47
CA GLU A 660 -24.09 -19.73 -42.65
C GLU A 660 -24.56 -18.99 -43.90
N HIS A 661 -25.58 -18.15 -43.75
CA HIS A 661 -26.11 -17.38 -44.86
C HIS A 661 -25.43 -16.03 -45.05
N LEU A 662 -24.80 -15.48 -44.00
CA LEU A 662 -24.24 -14.14 -44.04
C LEU A 662 -22.74 -14.11 -43.77
N HIS A 663 -22.01 -15.16 -44.17
CA HIS A 663 -20.57 -15.17 -43.95
C HIS A 663 -19.86 -14.03 -44.66
N ASP A 664 -20.47 -13.44 -45.68
CA ASP A 664 -19.90 -12.31 -46.39
C ASP A 664 -20.79 -11.08 -46.26
N ALA A 665 -21.33 -10.87 -45.06
CA ALA A 665 -22.14 -9.70 -44.79
C ALA A 665 -21.69 -8.91 -43.58
N TYR A 666 -20.77 -9.43 -42.76
CA TYR A 666 -20.19 -8.73 -41.63
C TYR A 666 -18.87 -8.08 -42.03
N GLU A 667 -18.48 -7.08 -41.26
CA GLU A 667 -17.15 -6.47 -41.37
C GLU A 667 -16.53 -6.51 -39.98
N LEU A 668 -15.58 -7.42 -39.79
CA LEU A 668 -14.97 -7.62 -38.48
C LEU A 668 -14.33 -6.34 -37.96
N LEU A 669 -14.21 -6.28 -36.63
CA LEU A 669 -13.64 -5.12 -35.96
C LEU A 669 -12.32 -4.71 -36.58
N TRP A 670 -11.32 -5.61 -36.52
CA TRP A 670 -10.00 -5.29 -37.05
C TRP A 670 -10.02 -5.06 -38.55
N GLU A 671 -11.07 -5.50 -39.24
CA GLU A 671 -11.16 -5.25 -40.68
C GLU A 671 -11.47 -3.80 -41.00
N MET A 672 -11.95 -3.04 -40.03
CA MET A 672 -12.31 -1.64 -40.26
C MET A 672 -11.07 -0.83 -40.57
N PRO A 673 -10.93 -0.28 -41.79
CA PRO A 673 -9.70 0.47 -42.12
C PRO A 673 -9.49 1.71 -41.27
N GLY A 674 -10.53 2.19 -40.58
CA GLY A 674 -10.39 3.35 -39.73
C GLY A 674 -11.62 3.52 -38.88
N ASN A 675 -11.56 4.51 -37.99
CA ASN A 675 -12.66 4.79 -37.09
C ASN A 675 -13.54 5.94 -37.55
N ASP A 676 -13.23 6.55 -38.70
CA ASP A 676 -13.99 7.73 -39.11
C ASP A 676 -15.42 7.36 -39.51
N GLY A 677 -15.59 6.24 -40.20
CA GLY A 677 -16.94 5.79 -40.51
C GLY A 677 -17.74 5.42 -39.28
N TYR A 678 -17.09 4.72 -38.33
CA TYR A 678 -17.76 4.36 -37.09
C TYR A 678 -18.16 5.61 -36.30
N LEU A 679 -17.31 6.63 -36.31
CA LEU A 679 -17.63 7.85 -35.58
C LEU A 679 -18.76 8.62 -36.25
N GLN A 680 -18.77 8.69 -37.58
CA GLN A 680 -19.89 9.31 -38.27
C GLN A 680 -21.18 8.57 -37.99
N LEU A 681 -21.12 7.23 -37.96
CA LEU A 681 -22.31 6.44 -37.66
C LEU A 681 -22.78 6.69 -36.24
N VAL A 682 -21.86 6.80 -35.29
CA VAL A 682 -22.23 7.07 -33.90
C VAL A 682 -22.87 8.45 -33.78
N GLY A 683 -22.33 9.44 -34.48
CA GLY A 683 -22.97 10.75 -34.49
C GLY A 683 -24.38 10.70 -35.05
N ILE A 684 -24.54 10.06 -36.21
CA ILE A 684 -25.86 9.97 -36.83
C ILE A 684 -26.84 9.23 -35.94
N MET A 685 -26.38 8.23 -35.20
CA MET A 685 -27.25 7.45 -34.34
C MET A 685 -27.45 8.07 -32.97
N GLN A 686 -26.66 9.08 -32.59
CA GLN A 686 -26.92 9.83 -31.38
C GLN A 686 -27.66 11.13 -31.65
N LYS A 687 -27.84 11.49 -32.92
CA LYS A 687 -28.74 12.59 -33.27
C LYS A 687 -30.16 12.36 -32.77
N PHE A 688 -30.51 11.13 -32.38
CA PHE A 688 -31.83 10.81 -31.88
C PHE A 688 -31.83 10.21 -30.49
N ILE A 689 -30.67 10.12 -29.82
CA ILE A 689 -30.57 9.49 -28.52
C ILE A 689 -30.46 10.59 -27.46
N ASP A 690 -31.17 10.40 -26.35
CA ASP A 690 -31.29 11.46 -25.35
C ASP A 690 -29.98 11.70 -24.62
N GLN A 691 -29.39 10.62 -24.09
CA GLN A 691 -28.15 10.68 -23.33
C GLN A 691 -26.99 10.17 -24.18
N SER A 692 -25.85 9.96 -23.54
CA SER A 692 -24.61 9.62 -24.24
C SER A 692 -24.66 8.26 -24.92
N ILE A 693 -23.57 7.90 -25.60
CA ILE A 693 -23.43 6.63 -26.29
C ILE A 693 -22.00 6.15 -26.10
N SER A 694 -21.83 4.90 -25.69
CA SER A 694 -20.51 4.36 -25.39
C SER A 694 -19.75 4.17 -26.70
N ALA A 695 -18.95 5.18 -27.07
CA ALA A 695 -18.19 5.13 -28.31
C ALA A 695 -16.79 4.60 -28.02
N ASN A 696 -16.46 3.45 -28.61
CA ASN A 696 -15.12 2.90 -28.49
C ASN A 696 -14.20 3.52 -29.54
N THR A 697 -12.92 3.17 -29.45
CA THR A 697 -11.95 3.52 -30.48
C THR A 697 -11.03 2.32 -30.69
N ASN A 698 -11.00 1.80 -31.91
CA ASN A 698 -10.26 0.60 -32.24
C ASN A 698 -8.97 0.95 -32.97
N TYR A 699 -7.95 0.11 -32.79
CA TYR A 699 -6.71 0.26 -33.52
C TYR A 699 -6.05 -1.10 -33.71
N ASP A 700 -5.21 -1.19 -34.74
CA ASP A 700 -4.58 -2.46 -35.12
C ASP A 700 -3.20 -2.14 -35.67
N PRO A 701 -2.15 -2.29 -34.86
CA PRO A 701 -0.81 -1.87 -35.29
C PRO A 701 -0.29 -2.61 -36.51
N SER A 702 -0.81 -3.80 -36.80
CA SER A 702 -0.41 -4.51 -38.01
C SER A 702 -0.72 -3.67 -39.24
N ARG A 703 -1.85 -2.98 -39.25
CA ARG A 703 -2.21 -2.12 -40.37
C ARG A 703 -1.47 -0.79 -40.37
N PHE A 704 -0.47 -0.63 -39.50
CA PHE A 704 0.28 0.62 -39.43
C PHE A 704 1.74 0.37 -39.78
N PRO A 705 2.28 1.05 -40.78
CA PRO A 705 3.72 0.95 -41.04
C PRO A 705 4.51 1.63 -39.93
N SER A 706 5.66 1.04 -39.60
CA SER A 706 6.56 1.39 -38.52
C SER A 706 6.00 0.98 -37.16
N GLY A 707 4.81 0.37 -37.12
CA GLY A 707 4.29 -0.23 -35.90
C GLY A 707 3.48 0.64 -34.95
N LYS A 708 4.04 1.77 -34.51
CA LYS A 708 3.44 2.58 -33.47
C LYS A 708 2.50 3.60 -34.08
N VAL A 709 1.27 3.64 -33.60
CA VAL A 709 0.33 4.69 -34.01
C VAL A 709 0.84 6.04 -33.52
N PRO A 710 0.91 7.06 -34.37
CA PRO A 710 1.50 8.33 -33.95
C PRO A 710 0.51 9.25 -33.27
N MET A 711 1.00 10.42 -32.81
CA MET A 711 0.13 11.40 -32.19
C MET A 711 -0.88 11.94 -33.18
N GLN A 712 -0.47 12.14 -34.44
CA GLN A 712 -1.35 12.74 -35.43
C GLN A 712 -2.62 11.91 -35.62
N GLN A 713 -2.48 10.59 -35.68
CA GLN A 713 -3.65 9.73 -35.90
C GLN A 713 -4.61 9.81 -34.73
N LEU A 714 -4.10 9.75 -33.51
CA LEU A 714 -4.96 9.81 -32.33
C LEU A 714 -5.67 11.15 -32.24
N LEU A 715 -4.93 12.24 -32.43
CA LEU A 715 -5.53 13.56 -32.34
C LEU A 715 -6.58 13.77 -33.42
N LYS A 716 -6.31 13.31 -34.64
CA LYS A 716 -7.30 13.45 -35.72
C LYS A 716 -8.53 12.60 -35.43
N ASP A 717 -8.35 11.38 -34.92
CA ASP A 717 -9.48 10.52 -34.67
C ASP A 717 -10.30 10.97 -33.46
N LEU A 718 -9.71 11.80 -32.60
CA LEU A 718 -10.50 12.42 -31.53
C LEU A 718 -11.22 13.67 -32.02
N LEU A 719 -10.54 14.47 -32.86
CA LEU A 719 -11.13 15.71 -33.34
C LEU A 719 -12.27 15.45 -34.31
N THR A 720 -12.17 14.38 -35.11
CA THR A 720 -13.30 13.95 -35.92
C THR A 720 -14.50 13.63 -35.03
N ALA A 721 -14.26 12.90 -33.94
CA ALA A 721 -15.34 12.58 -33.01
C ALA A 721 -16.01 13.84 -32.49
N TYR A 722 -15.20 14.80 -32.03
CA TYR A 722 -15.79 16.04 -31.53
C TYR A 722 -16.57 16.76 -32.63
N LYS A 723 -16.00 16.86 -33.83
CA LYS A 723 -16.63 17.65 -34.89
C LYS A 723 -17.96 17.06 -35.31
N PHE A 724 -18.06 15.74 -35.38
CA PHE A 724 -19.30 15.11 -35.83
C PHE A 724 -20.27 14.81 -34.68
N GLY A 725 -20.10 15.48 -33.55
CA GLY A 725 -21.10 15.47 -32.49
C GLY A 725 -21.27 14.18 -31.73
N VAL A 726 -20.27 13.82 -30.92
CA VAL A 726 -20.39 12.71 -29.99
C VAL A 726 -19.87 13.15 -28.63
N LYS A 727 -20.54 12.71 -27.57
CA LYS A 727 -20.30 13.20 -26.22
C LYS A 727 -19.13 12.50 -25.53
N THR A 728 -19.12 11.17 -25.52
CA THR A 728 -18.18 10.40 -24.73
C THR A 728 -17.36 9.45 -25.61
N LEU A 729 -16.13 9.21 -25.17
CA LEU A 729 -15.22 8.26 -25.79
C LEU A 729 -14.79 7.26 -24.73
N TYR A 730 -15.13 5.99 -24.97
CA TYR A 730 -14.97 4.83 -24.10
C TYR A 730 -13.66 4.13 -24.45
N TYR A 731 -13.52 2.85 -24.10
CA TYR A 731 -12.32 2.05 -24.30
C TYR A 731 -11.63 2.35 -25.63
N GLN A 732 -10.31 2.38 -25.61
CA GLN A 732 -9.49 2.32 -26.82
C GLN A 732 -8.79 0.96 -26.82
N ASN A 733 -9.18 0.10 -27.74
CA ASN A 733 -8.66 -1.26 -27.78
C ASN A 733 -7.73 -1.44 -28.98
N THR A 734 -6.60 -2.09 -28.74
CA THR A 734 -5.60 -2.38 -29.76
C THR A 734 -5.41 -3.88 -29.85
N ARG A 735 -5.41 -4.41 -31.07
CA ARG A 735 -5.25 -5.84 -31.27
C ARG A 735 -3.86 -6.30 -30.80
N ASP A 736 -3.85 -7.27 -29.90
CA ASP A 736 -2.61 -7.83 -29.36
C ASP A 736 -1.69 -6.75 -28.80
N LEU B 5 28.35 40.85 -2.28
CA LEU B 5 27.87 40.51 -0.95
C LEU B 5 26.73 41.43 -0.55
N LEU B 6 26.23 42.19 -1.53
CA LEU B 6 25.24 43.23 -1.26
C LEU B 6 23.99 42.63 -0.64
N VAL B 7 23.49 43.29 0.41
CA VAL B 7 22.29 42.82 1.09
C VAL B 7 21.06 43.18 0.27
N THR B 8 19.98 42.44 0.49
CA THR B 8 18.75 42.62 -0.25
C THR B 8 17.57 42.58 0.71
N LYS B 9 16.82 43.68 0.78
CA LYS B 9 15.62 43.72 1.59
C LYS B 9 14.61 42.67 1.10
N ARG B 10 13.58 42.47 1.90
CA ARG B 10 12.54 41.48 1.63
C ARG B 10 11.67 41.81 0.42
N ASP B 11 11.96 42.85 -0.35
CA ASP B 11 11.14 43.20 -1.51
C ASP B 11 11.93 43.53 -2.76
N GLY B 12 13.26 43.42 -2.74
CA GLY B 12 14.08 43.65 -3.91
C GLY B 12 15.04 44.82 -3.80
N SER B 13 14.83 45.72 -2.86
CA SER B 13 15.65 46.92 -2.75
C SER B 13 17.04 46.60 -2.23
N THR B 14 18.00 46.41 -3.14
CA THR B 14 19.36 46.07 -2.78
C THR B 14 20.01 47.20 -1.98
N GLU B 15 21.11 46.86 -1.31
CA GLU B 15 21.83 47.82 -0.49
C GLU B 15 23.26 47.32 -0.31
N ARG B 16 24.19 48.26 -0.15
CA ARG B 16 25.59 47.93 0.06
C ARG B 16 25.74 47.00 1.27
N ILE B 17 26.82 46.20 1.25
CA ILE B 17 27.05 45.24 2.31
C ILE B 17 27.19 45.97 3.64
N ASN B 18 26.60 45.38 4.68
CA ASN B 18 26.68 45.92 6.05
C ASN B 18 26.73 44.73 6.99
N LEU B 19 27.94 44.33 7.39
CA LEU B 19 28.14 43.20 8.28
C LEU B 19 28.44 43.62 9.72
N ASP B 20 28.73 44.90 9.95
CA ASP B 20 29.05 45.33 11.31
C ASP B 20 27.81 45.43 12.19
N LYS B 21 26.67 45.80 11.62
CA LYS B 21 25.43 45.74 12.39
C LYS B 21 25.08 44.29 12.73
N ILE B 22 25.38 43.36 11.83
CA ILE B 22 25.15 41.94 12.12
C ILE B 22 26.10 41.47 13.21
N HIS B 23 27.34 41.96 13.19
CA HIS B 23 28.27 41.66 14.27
C HIS B 23 27.78 42.23 15.60
N ARG B 24 27.16 43.41 15.58
CA ARG B 24 26.56 43.95 16.79
C ARG B 24 25.42 43.07 17.28
N VAL B 25 24.60 42.57 16.34
CA VAL B 25 23.54 41.62 16.70
C VAL B 25 24.13 40.39 17.36
N LEU B 26 25.24 39.87 16.82
CA LEU B 26 25.87 38.69 17.40
C LEU B 26 26.43 38.99 18.79
N ASP B 27 26.99 40.19 18.99
CA ASP B 27 27.50 40.56 20.29
C ASP B 27 26.39 40.78 21.31
N TRP B 28 25.19 41.15 20.85
CA TRP B 28 24.05 41.18 21.77
C TRP B 28 23.59 39.76 22.10
N ALA B 29 23.54 38.89 21.09
CA ALA B 29 23.04 37.53 21.32
C ALA B 29 23.96 36.76 22.25
N ALA B 30 25.27 36.90 22.09
CA ALA B 30 26.25 36.17 22.88
C ALA B 30 26.70 36.94 24.11
N GLU B 31 25.91 37.90 24.59
CA GLU B 31 26.28 38.67 25.76
C GLU B 31 25.86 37.95 27.02
N GLY B 32 26.79 37.79 27.96
CA GLY B 32 26.48 37.16 29.23
C GLY B 32 26.56 35.66 29.22
N LEU B 33 27.28 35.07 28.27
CA LEU B 33 27.45 33.64 28.17
C LEU B 33 28.92 33.27 28.39
N HIS B 34 29.22 31.98 28.23
CA HIS B 34 30.56 31.47 28.47
C HIS B 34 30.92 30.47 27.39
N ASN B 35 32.24 30.25 27.25
CA ASN B 35 32.83 29.29 26.31
C ASN B 35 32.13 29.29 24.95
N VAL B 36 32.16 30.46 24.31
CA VAL B 36 31.64 30.63 22.95
C VAL B 36 32.66 31.43 22.15
N SER B 37 32.45 31.47 20.83
CA SER B 37 33.37 32.18 19.94
C SER B 37 32.57 32.77 18.79
N ILE B 38 32.17 34.04 18.93
CA ILE B 38 31.54 34.75 17.82
C ILE B 38 32.49 34.82 16.64
N SER B 39 33.81 34.77 16.89
CA SER B 39 34.76 34.71 15.79
C SER B 39 34.60 33.42 15.00
N GLN B 40 34.46 32.29 15.70
CA GLN B 40 34.22 31.03 15.00
C GLN B 40 32.89 31.05 14.26
N VAL B 41 31.88 31.68 14.86
CA VAL B 41 30.59 31.80 14.18
C VAL B 41 30.75 32.61 12.90
N GLU B 42 31.49 33.71 12.96
CA GLU B 42 31.73 34.53 11.78
C GLU B 42 32.48 33.74 10.70
N LEU B 43 33.50 32.98 11.11
CA LEU B 43 34.25 32.20 10.14
C LEU B 43 33.39 31.14 9.49
N ARG B 44 32.50 30.51 10.26
CA ARG B 44 31.63 29.47 9.71
C ARG B 44 30.49 30.05 8.88
N SER B 45 30.14 31.32 9.09
CA SER B 45 28.99 31.90 8.42
C SER B 45 29.34 32.78 7.23
N HIS B 46 30.57 33.30 7.15
CA HIS B 46 30.94 34.25 6.11
C HIS B 46 31.43 33.57 4.84
N ILE B 47 31.08 32.31 4.62
CA ILE B 47 31.43 31.61 3.39
C ILE B 47 30.24 31.53 2.44
N GLN B 48 29.04 31.35 2.98
CA GLN B 48 27.83 31.24 2.16
C GLN B 48 27.17 32.60 1.94
N PHE B 49 27.93 33.58 1.50
CA PHE B 49 27.46 34.94 1.28
C PHE B 49 27.73 35.32 -0.18
N TYR B 50 26.80 34.99 -1.07
CA TYR B 50 26.96 35.42 -2.45
C TYR B 50 26.49 36.87 -2.59
N ASP B 51 26.71 37.43 -3.77
CA ASP B 51 26.35 38.82 -4.01
C ASP B 51 24.84 39.01 -4.00
N GLY B 52 24.40 40.12 -3.43
CA GLY B 52 22.98 40.44 -3.38
C GLY B 52 22.15 39.43 -2.60
N ILE B 53 22.72 38.84 -1.56
CA ILE B 53 21.97 37.90 -0.73
C ILE B 53 20.99 38.69 0.14
N LYS B 54 19.87 38.06 0.48
CA LYS B 54 18.85 38.74 1.26
C LYS B 54 19.26 38.79 2.74
N THR B 55 18.37 39.32 3.57
CA THR B 55 18.53 39.23 5.01
C THR B 55 17.82 38.02 5.58
N SER B 56 16.73 37.60 4.94
CA SER B 56 16.02 36.37 5.29
C SER B 56 16.85 35.12 5.01
N ASP B 57 18.04 35.26 4.44
CA ASP B 57 19.00 34.17 4.34
C ASP B 57 20.26 34.42 5.15
N ILE B 58 20.71 35.66 5.28
CA ILE B 58 21.80 35.97 6.20
C ILE B 58 21.45 35.51 7.60
N HIS B 59 20.25 35.86 8.07
CA HIS B 59 19.86 35.49 9.43
C HIS B 59 19.70 33.98 9.55
N GLU B 60 19.08 33.34 8.55
CA GLU B 60 18.90 31.90 8.61
C GLU B 60 20.23 31.16 8.67
N THR B 61 21.18 31.55 7.82
CA THR B 61 22.46 30.85 7.79
C THR B 61 23.30 31.15 9.02
N ILE B 62 23.18 32.36 9.57
CA ILE B 62 23.97 32.65 10.77
C ILE B 62 23.39 31.94 11.97
N ILE B 63 22.06 31.78 12.03
CA ILE B 63 21.46 30.99 13.10
C ILE B 63 21.86 29.53 12.97
N LYS B 64 21.86 29.00 11.74
CA LYS B 64 22.25 27.60 11.56
C LYS B 64 23.72 27.39 11.93
N ALA B 65 24.60 28.32 11.53
CA ALA B 65 26.01 28.18 11.83
C ALA B 65 26.34 28.39 13.30
N ALA B 66 25.53 29.17 14.03
CA ALA B 66 25.73 29.32 15.46
C ALA B 66 24.94 28.29 16.27
N ALA B 67 24.07 27.53 15.63
CA ALA B 67 23.31 26.48 16.30
C ALA B 67 23.93 25.10 16.15
N ASP B 68 24.59 24.82 15.03
CA ASP B 68 25.25 23.53 14.89
C ASP B 68 26.48 23.40 15.79
N LEU B 69 26.79 24.41 16.60
CA LEU B 69 27.95 24.41 17.48
C LEU B 69 27.59 24.04 18.91
N ILE B 70 26.49 23.34 19.12
CA ILE B 70 26.14 22.83 20.44
C ILE B 70 26.81 21.47 20.63
N SER B 71 27.41 21.26 21.79
CA SER B 71 28.12 20.02 22.07
C SER B 71 28.19 19.83 23.59
N ARG B 72 28.94 18.80 23.99
CA ARG B 72 29.07 18.44 25.39
C ARG B 72 30.16 19.24 26.11
N ASP B 73 30.74 20.24 25.46
CA ASP B 73 31.77 21.08 26.08
C ASP B 73 31.50 22.57 25.99
N ALA B 74 30.67 23.03 25.06
CA ALA B 74 30.26 24.44 24.97
C ALA B 74 28.74 24.49 24.89
N PRO B 75 28.06 24.30 26.02
CA PRO B 75 26.60 24.18 25.98
C PRO B 75 25.85 25.51 26.07
N ASP B 76 26.51 26.64 25.88
CA ASP B 76 25.82 27.92 25.86
C ASP B 76 25.48 28.39 24.45
N TYR B 77 25.95 27.67 23.42
CA TYR B 77 25.54 27.97 22.07
C TYR B 77 24.05 27.73 21.85
N GLN B 78 23.42 26.93 22.71
CA GLN B 78 21.97 26.76 22.63
C GLN B 78 21.27 28.08 22.96
N TYR B 79 21.66 28.74 24.04
CA TYR B 79 21.09 30.04 24.37
C TYR B 79 21.47 31.08 23.33
N LEU B 80 22.70 31.03 22.82
CA LEU B 80 23.10 31.94 21.75
C LEU B 80 22.17 31.82 20.55
N ALA B 81 21.97 30.61 20.05
CA ALA B 81 21.13 30.40 18.88
C ALA B 81 19.67 30.70 19.16
N ALA B 82 19.20 30.40 20.38
CA ALA B 82 17.82 30.73 20.72
C ALA B 82 17.60 32.23 20.72
N ARG B 83 18.54 33.00 21.28
CA ARG B 83 18.41 34.46 21.26
C ARG B 83 18.45 34.99 19.84
N LEU B 84 19.33 34.43 19.00
CA LEU B 84 19.37 34.86 17.61
C LEU B 84 18.04 34.59 16.91
N ALA B 85 17.48 33.38 17.11
CA ALA B 85 16.24 33.03 16.44
C ALA B 85 15.06 33.83 16.95
N ILE B 86 15.07 34.21 18.23
CA ILE B 86 13.96 35.01 18.72
C ILE B 86 14.10 36.45 18.25
N PHE B 87 15.33 36.96 18.08
CA PHE B 87 15.52 38.24 17.41
C PHE B 87 14.95 38.19 16.00
N HIS B 88 15.25 37.10 15.27
CA HIS B 88 14.73 36.97 13.91
C HIS B 88 13.22 36.88 13.89
N LEU B 89 12.63 36.24 14.91
CA LEU B 89 11.18 36.16 14.99
C LEU B 89 10.55 37.52 15.21
N ARG B 90 11.08 38.29 16.17
CA ARG B 90 10.59 39.66 16.37
C ARG B 90 10.72 40.47 15.10
N LYS B 91 11.87 40.38 14.43
CA LYS B 91 12.08 41.11 13.19
C LYS B 91 11.02 40.76 12.15
N LYS B 92 10.93 39.47 11.81
CA LYS B 92 9.99 39.04 10.78
C LYS B 92 8.56 39.41 11.14
N ALA B 93 8.22 39.38 12.42
CA ALA B 93 6.83 39.63 12.80
C ALA B 93 6.50 41.12 12.79
N TYR B 94 7.20 41.90 13.62
CA TYR B 94 6.81 43.28 13.86
C TYR B 94 7.74 44.30 13.22
N GLY B 95 8.56 43.88 12.25
CA GLY B 95 9.49 44.81 11.65
C GLY B 95 10.66 45.12 12.55
N GLN B 96 10.39 45.75 13.69
CA GLN B 96 11.40 46.16 14.64
C GLN B 96 11.48 45.16 15.79
N PHE B 97 12.28 45.50 16.81
CA PHE B 97 12.43 44.62 17.97
C PHE B 97 11.35 44.89 19.01
N GLU B 98 11.02 46.16 19.24
CA GLU B 98 10.02 46.56 20.24
C GLU B 98 8.67 45.93 19.93
N PRO B 99 8.16 45.07 20.81
CA PRO B 99 6.83 44.49 20.60
C PRO B 99 5.76 45.57 20.64
N PRO B 100 4.63 45.35 19.99
CA PRO B 100 3.57 46.35 19.98
C PRO B 100 2.67 46.24 21.20
N ALA B 101 1.87 47.30 21.42
CA ALA B 101 0.86 47.27 22.46
C ALA B 101 -0.05 46.07 22.24
N LEU B 102 -0.36 45.37 23.33
CA LEU B 102 -1.15 44.15 23.24
C LEU B 102 -2.51 44.43 22.61
N TYR B 103 -3.14 45.56 22.95
CA TYR B 103 -4.45 45.87 22.40
C TYR B 103 -4.37 46.13 20.90
N ASP B 104 -3.39 46.92 20.47
CA ASP B 104 -3.22 47.16 19.04
C ASP B 104 -2.98 45.86 18.29
N HIS B 105 -2.12 45.00 18.84
CA HIS B 105 -1.82 43.74 18.16
C HIS B 105 -3.05 42.86 18.07
N VAL B 106 -3.81 42.73 19.16
CA VAL B 106 -4.96 41.84 19.14
C VAL B 106 -6.03 42.38 18.21
N VAL B 107 -6.23 43.70 18.18
CA VAL B 107 -7.25 44.24 17.29
C VAL B 107 -6.85 44.08 15.83
N LYS B 108 -5.55 44.27 15.52
CA LYS B 108 -5.10 44.05 14.16
C LYS B 108 -5.27 42.59 13.75
N MET B 109 -5.01 41.67 14.67
CA MET B 109 -5.11 40.26 14.32
C MET B 109 -6.56 39.82 14.17
N VAL B 110 -7.47 40.39 14.98
CA VAL B 110 -8.88 40.08 14.77
C VAL B 110 -9.37 40.69 13.47
N GLU B 111 -8.82 41.85 13.07
CA GLU B 111 -9.13 42.38 11.75
C GLU B 111 -8.67 41.41 10.66
N MET B 112 -7.45 40.89 10.78
CA MET B 112 -6.97 39.88 9.84
C MET B 112 -7.79 38.60 9.91
N GLY B 113 -8.55 38.39 10.98
CA GLY B 113 -9.27 37.15 11.17
C GLY B 113 -8.45 36.05 11.79
N LYS B 114 -7.32 36.38 12.42
CA LYS B 114 -6.44 35.36 12.97
C LYS B 114 -6.93 34.90 14.34
N TYR B 115 -7.12 35.84 15.27
CA TYR B 115 -7.60 35.51 16.60
C TYR B 115 -9.11 35.29 16.58
N ASP B 116 -9.71 35.20 17.75
CA ASP B 116 -11.16 35.14 17.88
C ASP B 116 -11.68 36.49 18.36
N ASN B 117 -12.90 36.81 17.94
CA ASN B 117 -13.49 38.11 18.26
C ASN B 117 -14.14 38.15 19.63
N HIS B 118 -14.37 36.99 20.26
CA HIS B 118 -14.91 36.99 21.61
C HIS B 118 -13.94 37.64 22.59
N LEU B 119 -12.65 37.66 22.28
CA LEU B 119 -11.70 38.40 23.11
C LEU B 119 -12.08 39.86 23.20
N LEU B 120 -12.28 40.51 22.05
CA LEU B 120 -12.68 41.91 22.05
C LEU B 120 -14.09 42.08 22.57
N GLU B 121 -14.96 41.09 22.37
CA GLU B 121 -16.32 41.20 22.88
C GLU B 121 -16.35 41.14 24.41
N ASP B 122 -15.43 40.41 25.03
CA ASP B 122 -15.44 40.25 26.48
C ASP B 122 -14.56 41.28 27.18
N TYR B 123 -13.27 41.32 26.85
CA TYR B 123 -12.36 42.25 27.50
C TYR B 123 -12.49 43.64 26.90
N THR B 124 -12.02 44.63 27.65
CA THR B 124 -12.05 46.03 27.25
C THR B 124 -10.63 46.57 27.12
N GLU B 125 -10.52 47.83 26.69
CA GLU B 125 -9.21 48.42 26.46
C GLU B 125 -8.43 48.56 27.76
N GLU B 126 -9.11 48.88 28.86
CA GLU B 126 -8.41 49.01 30.14
C GLU B 126 -7.91 47.64 30.62
N GLU B 127 -8.72 46.60 30.43
CA GLU B 127 -8.28 45.26 30.78
C GLU B 127 -7.09 44.83 29.95
N PHE B 128 -7.11 45.15 28.65
CA PHE B 128 -5.94 44.83 27.82
C PHE B 128 -4.72 45.64 28.21
N LYS B 129 -4.90 46.88 28.67
CA LYS B 129 -3.75 47.66 29.12
C LYS B 129 -3.14 47.06 30.39
N GLN B 130 -3.98 46.72 31.36
CA GLN B 130 -3.45 46.14 32.59
C GLN B 130 -2.97 44.71 32.38
N MET B 131 -3.38 44.05 31.29
CA MET B 131 -2.77 42.78 30.93
C MET B 131 -1.43 42.98 30.23
N ASP B 132 -1.31 44.06 29.43
CA ASP B 132 -0.02 44.45 28.88
C ASP B 132 0.97 44.72 30.00
N THR B 133 0.50 45.26 31.13
CA THR B 133 1.39 45.43 32.27
C THR B 133 1.88 44.10 32.83
N PHE B 134 1.17 42.99 32.56
CA PHE B 134 1.59 41.69 33.06
C PHE B 134 2.74 41.11 32.25
N ILE B 135 2.68 41.24 30.92
CA ILE B 135 3.56 40.50 30.03
C ILE B 135 5.02 40.78 30.33
N ASP B 136 5.84 39.74 30.26
CA ASP B 136 7.29 39.82 30.50
C ASP B 136 8.00 39.43 29.20
N HIS B 137 8.17 40.41 28.31
CA HIS B 137 8.75 40.12 26.99
C HIS B 137 10.18 39.62 27.10
N ASP B 138 10.97 40.21 28.00
CA ASP B 138 12.34 39.73 28.12
C ASP B 138 12.42 38.35 28.75
N ARG B 139 11.29 37.68 28.98
CA ARG B 139 11.31 36.26 29.32
C ARG B 139 11.69 35.40 28.13
N ASP B 140 11.55 35.92 26.90
CA ASP B 140 11.82 35.11 25.72
C ASP B 140 13.24 34.55 25.73
N MET B 141 14.20 35.33 26.24
CA MET B 141 15.58 34.89 26.31
C MET B 141 15.72 33.54 27.01
N THR B 142 14.77 33.17 27.85
CA THR B 142 14.85 31.91 28.56
C THR B 142 14.53 30.71 27.68
N PHE B 143 14.39 30.83 26.36
CA PHE B 143 14.09 29.69 25.54
C PHE B 143 15.34 28.95 25.12
N SER B 144 15.18 27.67 24.81
CA SER B 144 16.23 26.86 24.20
C SER B 144 16.09 26.89 22.67
N TYR B 145 17.12 26.41 21.97
CA TYR B 145 17.07 26.46 20.51
C TYR B 145 15.97 25.56 19.97
N ALA B 146 15.89 24.33 20.47
CA ALA B 146 14.79 23.45 20.07
C ALA B 146 13.45 24.06 20.46
N ALA B 147 13.41 24.79 21.58
CA ALA B 147 12.20 25.47 21.99
C ALA B 147 11.76 26.47 20.93
N VAL B 148 12.68 27.36 20.51
CA VAL B 148 12.32 28.40 19.56
C VAL B 148 11.99 27.80 18.21
N LYS B 149 12.71 26.76 17.79
CA LYS B 149 12.44 26.16 16.49
C LYS B 149 11.08 25.48 16.46
N GLN B 150 10.76 24.70 17.49
CA GLN B 150 9.43 24.07 17.53
C GLN B 150 8.34 25.13 17.63
N LEU B 151 8.55 26.14 18.47
CA LEU B 151 7.60 27.24 18.63
C LEU B 151 7.29 27.90 17.29
N GLU B 152 8.34 28.34 16.59
CA GLU B 152 8.14 29.04 15.31
C GLU B 152 7.54 28.12 14.26
N GLY B 153 8.09 26.91 14.10
CA GLY B 153 7.65 26.04 13.03
C GLY B 153 6.29 25.42 13.24
N LYS B 154 5.78 25.40 14.47
CA LYS B 154 4.54 24.69 14.72
C LYS B 154 3.49 25.44 15.55
N TYR B 155 3.88 26.40 16.40
CA TYR B 155 2.95 26.94 17.39
C TYR B 155 2.45 28.33 17.06
N LEU B 156 3.34 29.30 16.81
CA LEU B 156 2.92 30.67 16.58
C LEU B 156 1.89 30.75 15.47
N VAL B 157 0.96 31.70 15.59
CA VAL B 157 -0.06 31.88 14.56
C VAL B 157 0.63 32.33 13.28
N GLN B 158 0.41 31.59 12.21
CA GLN B 158 1.21 31.76 11.01
C GLN B 158 0.39 31.38 9.80
N ASN B 159 0.83 31.85 8.63
CA ASN B 159 0.26 31.44 7.36
C ASN B 159 1.06 30.26 6.84
N ARG B 160 0.36 29.25 6.33
CA ARG B 160 1.04 28.04 5.90
C ARG B 160 1.48 28.14 4.44
N VAL B 161 0.56 28.53 3.56
CA VAL B 161 0.83 28.55 2.13
C VAL B 161 1.72 29.73 1.76
N THR B 162 2.01 30.59 2.73
CA THR B 162 2.92 31.70 2.52
C THR B 162 4.14 31.63 3.44
N GLY B 163 3.93 31.38 4.73
CA GLY B 163 5.05 31.30 5.65
C GLY B 163 5.34 32.61 6.35
N GLU B 164 4.32 33.23 6.92
CA GLU B 164 4.45 34.51 7.59
C GLU B 164 4.22 34.33 9.09
N ILE B 165 5.00 35.03 9.90
CA ILE B 165 4.96 34.90 11.36
C ILE B 165 4.41 36.19 11.95
N TYR B 166 3.38 36.07 12.79
CA TYR B 166 2.63 37.21 13.30
C TYR B 166 3.02 37.59 14.72
N GLU B 167 2.94 36.66 15.67
CA GLU B 167 3.01 36.99 17.09
C GLU B 167 4.28 36.44 17.73
N SER B 168 4.39 36.65 19.04
CA SER B 168 5.50 36.17 19.84
C SER B 168 4.99 35.21 20.91
N ALA B 169 5.94 34.58 21.60
CA ALA B 169 5.58 33.60 22.62
C ALA B 169 4.88 34.26 23.81
N GLN B 170 5.27 35.49 24.15
CA GLN B 170 4.63 36.19 25.25
C GLN B 170 3.17 36.47 24.95
N PHE B 171 2.88 36.94 23.73
CA PHE B 171 1.49 37.14 23.34
C PHE B 171 0.76 35.80 23.29
N LEU B 172 1.42 34.76 22.81
CA LEU B 172 0.81 33.43 22.81
C LEU B 172 0.35 33.05 24.21
N TYR B 173 1.25 33.16 25.19
CA TYR B 173 0.93 32.74 26.55
C TYR B 173 -0.16 33.62 27.16
N ILE B 174 -0.03 34.94 27.02
CA ILE B 174 -1.00 35.83 27.64
C ILE B 174 -2.38 35.64 27.02
N LEU B 175 -2.45 35.34 25.72
CA LEU B 175 -3.76 35.19 25.10
C LEU B 175 -4.35 33.80 25.33
N VAL B 176 -3.50 32.78 25.47
CA VAL B 176 -4.00 31.49 25.95
C VAL B 176 -4.64 31.65 27.31
N ALA B 177 -3.95 32.35 28.23
CA ALA B 177 -4.51 32.58 29.55
C ALA B 177 -5.81 33.37 29.48
N ALA B 178 -5.83 34.46 28.70
CA ALA B 178 -7.01 35.29 28.58
C ALA B 178 -8.21 34.49 28.08
N CYS B 179 -8.05 33.79 26.95
CA CYS B 179 -9.15 33.00 26.42
C CYS B 179 -9.47 31.80 27.29
N LEU B 180 -8.57 31.45 28.23
CA LEU B 180 -8.88 30.38 29.17
C LEU B 180 -9.75 30.88 30.30
N PHE B 181 -9.54 32.12 30.75
CA PHE B 181 -10.24 32.62 31.93
C PHE B 181 -11.10 33.83 31.61
N SER B 182 -11.87 33.76 30.53
CA SER B 182 -12.76 34.86 30.14
C SER B 182 -14.20 34.68 30.62
N ASN B 183 -14.58 33.46 31.05
CA ASN B 183 -15.93 33.18 31.51
C ASN B 183 -16.04 33.20 33.02
N TYR B 184 -15.26 34.05 33.69
CA TYR B 184 -15.23 34.11 35.14
C TYR B 184 -15.71 35.48 35.62
N PRO B 185 -16.24 35.56 36.85
CA PRO B 185 -16.64 36.85 37.40
C PRO B 185 -15.49 37.84 37.36
N ARG B 186 -15.77 39.02 36.79
CA ARG B 186 -14.75 40.02 36.49
C ARG B 186 -13.92 40.43 37.70
N GLU B 187 -14.36 40.12 38.92
CA GLU B 187 -13.62 40.54 40.11
C GLU B 187 -12.26 39.87 40.18
N THR B 188 -12.19 38.57 39.89
CA THR B 188 -10.97 37.81 40.11
C THR B 188 -10.40 37.16 38.85
N ARG B 189 -11.08 37.26 37.71
CA ARG B 189 -10.58 36.60 36.51
C ARG B 189 -9.27 37.21 36.05
N LEU B 190 -9.05 38.50 36.29
CA LEU B 190 -7.78 39.11 35.93
C LEU B 190 -6.64 38.55 36.78
N GLN B 191 -6.91 38.31 38.07
CA GLN B 191 -5.88 37.70 38.92
C GLN B 191 -5.63 36.26 38.51
N TYR B 192 -6.68 35.52 38.16
CA TYR B 192 -6.49 34.18 37.62
C TYR B 192 -5.63 34.19 36.37
N VAL B 193 -5.89 35.14 35.46
CA VAL B 193 -5.12 35.22 34.23
C VAL B 193 -3.65 35.54 34.53
N LYS B 194 -3.42 36.50 35.42
CA LYS B 194 -2.05 36.85 35.77
C LYS B 194 -1.30 35.66 36.37
N ARG B 195 -1.94 34.96 37.31
CA ARG B 195 -1.29 33.82 37.95
C ARG B 195 -1.04 32.69 36.96
N PHE B 196 -2.02 32.37 36.12
CA PHE B 196 -1.84 31.29 35.16
C PHE B 196 -0.78 31.63 34.12
N TYR B 197 -0.72 32.89 33.70
CA TYR B 197 0.30 33.29 32.75
C TYR B 197 1.69 33.20 33.36
N ASP B 198 1.84 33.65 34.61
CA ASP B 198 3.11 33.50 35.29
C ASP B 198 3.50 32.02 35.39
N ALA B 199 2.55 31.17 35.77
CA ALA B 199 2.86 29.76 35.98
C ALA B 199 3.09 29.01 34.68
N VAL B 200 2.59 29.50 33.55
CA VAL B 200 2.79 28.82 32.28
C VAL B 200 3.98 29.39 31.52
N SER B 201 4.37 30.63 31.77
CA SER B 201 5.53 31.21 31.13
C SER B 201 6.78 31.14 31.99
N THR B 202 6.67 30.62 33.21
CA THR B 202 7.83 30.24 34.00
C THR B 202 8.17 28.77 33.83
N PHE B 203 7.51 28.10 32.88
CA PHE B 203 7.71 26.68 32.60
C PHE B 203 7.43 25.81 33.82
N LYS B 204 6.49 26.24 34.66
CA LYS B 204 6.03 25.43 35.78
C LYS B 204 4.89 24.50 35.41
N ILE B 205 4.32 24.64 34.22
CA ILE B 205 3.27 23.75 33.74
C ILE B 205 3.33 23.74 32.22
N SER B 206 3.30 22.55 31.63
CA SER B 206 3.31 22.40 30.19
C SER B 206 1.93 22.02 29.69
N LEU B 207 1.60 22.52 28.50
CA LEU B 207 0.30 22.33 27.91
C LEU B 207 0.50 21.94 26.44
N PRO B 208 -0.25 20.97 25.94
CA PRO B 208 0.12 20.32 24.68
C PRO B 208 -0.04 21.20 23.45
N THR B 209 0.28 20.63 22.30
CA THR B 209 0.21 21.32 21.02
C THR B 209 -1.21 21.71 20.65
N PRO B 210 -2.23 20.82 20.79
CA PRO B 210 -3.59 21.23 20.41
C PRO B 210 -4.04 22.51 21.09
N ILE B 211 -4.04 22.56 22.41
CA ILE B 211 -4.53 23.78 23.06
C ILE B 211 -3.51 24.91 22.90
N MET B 212 -2.22 24.58 22.93
CA MET B 212 -1.18 25.62 22.87
C MET B 212 -1.19 26.36 21.53
N SER B 213 -1.65 25.71 20.48
CA SER B 213 -1.78 26.35 19.17
C SER B 213 -3.23 26.63 18.80
N GLY B 214 -4.18 26.25 19.64
CA GLY B 214 -5.57 26.43 19.29
C GLY B 214 -6.36 27.43 20.12
N VAL B 215 -6.02 27.68 21.37
CA VAL B 215 -6.88 28.62 22.09
C VAL B 215 -6.39 30.05 21.89
N ARG B 216 -6.52 30.54 20.66
CA ARG B 216 -6.59 31.97 20.36
C ARG B 216 -7.52 32.19 19.18
N THR B 217 -7.80 31.11 18.45
CA THR B 217 -8.18 31.16 17.05
C THR B 217 -9.60 30.63 16.83
N PRO B 218 -10.21 30.97 15.69
CA PRO B 218 -11.57 30.48 15.44
C PRO B 218 -11.67 28.97 15.31
N THR B 219 -10.55 28.27 15.19
CA THR B 219 -10.58 26.81 15.15
C THR B 219 -10.68 26.29 16.59
N ARG B 220 -11.69 25.47 16.87
CA ARG B 220 -11.98 25.02 18.23
C ARG B 220 -12.09 23.50 18.26
N GLN B 221 -10.94 22.84 18.39
CA GLN B 221 -10.90 21.42 18.74
C GLN B 221 -9.62 21.22 19.54
N PHE B 222 -9.74 21.30 20.86
CA PHE B 222 -8.59 21.28 21.75
C PHE B 222 -8.37 19.92 22.39
N SER B 223 -9.29 18.98 22.21
CA SER B 223 -9.12 17.64 22.75
C SER B 223 -7.95 16.98 22.03
N SER B 224 -6.87 16.76 22.78
CA SER B 224 -5.67 16.16 22.20
C SER B 224 -5.98 14.80 21.59
N CYS B 225 -6.45 13.86 22.39
CA CYS B 225 -6.60 12.48 21.96
C CYS B 225 -8.07 12.10 21.86
N VAL B 226 -8.40 11.31 20.81
CA VAL B 226 -9.76 10.90 20.53
C VAL B 226 -9.84 9.38 20.53
N LEU B 227 -10.95 8.84 21.01
CA LEU B 227 -11.17 7.39 21.06
C LEU B 227 -12.48 7.06 20.38
N ILE B 228 -12.41 6.16 19.40
CA ILE B 228 -13.58 5.72 18.64
C ILE B 228 -13.67 4.20 18.69
N GLU B 229 -14.90 3.70 18.72
CA GLU B 229 -15.16 2.28 18.59
C GLU B 229 -15.90 2.03 17.28
N CYS B 230 -15.86 0.77 16.83
CA CYS B 230 -16.39 0.40 15.52
C CYS B 230 -17.20 -0.88 15.66
N GLY B 231 -18.50 -0.80 15.42
CA GLY B 231 -19.36 -1.96 15.46
C GLY B 231 -19.17 -2.88 14.27
N ASP B 232 -19.96 -3.94 14.25
CA ASP B 232 -19.89 -4.94 13.19
C ASP B 232 -20.98 -4.68 12.15
N SER B 233 -20.84 -3.57 11.44
CA SER B 233 -21.80 -3.23 10.40
C SER B 233 -21.24 -2.10 9.53
N LEU B 234 -21.67 -2.10 8.27
CA LEU B 234 -21.18 -1.12 7.32
C LEU B 234 -21.53 0.31 7.74
N ASP B 235 -22.70 0.51 8.31
CA ASP B 235 -23.08 1.84 8.76
C ASP B 235 -22.15 2.32 9.87
N SER B 236 -21.80 1.43 10.79
CA SER B 236 -20.87 1.80 11.86
C SER B 236 -19.47 2.04 11.31
N ILE B 237 -19.07 1.30 10.28
CA ILE B 237 -17.76 1.53 9.67
C ILE B 237 -17.72 2.88 8.97
N ASN B 238 -18.83 3.24 8.31
CA ASN B 238 -18.90 4.56 7.68
C ASN B 238 -18.88 5.67 8.71
N ALA B 239 -19.59 5.46 9.84
CA ALA B 239 -19.54 6.45 10.91
C ALA B 239 -18.13 6.59 11.47
N THR B 240 -17.42 5.47 11.61
CA THR B 240 -16.04 5.53 12.09
C THR B 240 -15.15 6.29 11.13
N SER B 241 -15.29 6.02 9.83
CA SER B 241 -14.48 6.74 8.84
C SER B 241 -14.80 8.23 8.86
N SER B 242 -16.08 8.59 8.93
CA SER B 242 -16.45 10.00 8.95
C SER B 242 -15.91 10.69 10.19
N ALA B 243 -15.96 10.02 11.34
CA ALA B 243 -15.41 10.60 12.55
C ALA B 243 -13.91 10.80 12.42
N ILE B 244 -13.20 9.78 11.94
CA ILE B 244 -11.75 9.88 11.74
C ILE B 244 -11.43 11.10 10.89
N VAL B 245 -12.16 11.28 9.79
CA VAL B 245 -11.90 12.41 8.90
C VAL B 245 -12.13 13.72 9.64
N LYS B 246 -13.34 13.90 10.17
CA LYS B 246 -13.71 15.16 10.80
C LYS B 246 -12.83 15.50 11.99
N TYR B 247 -12.17 14.52 12.61
CA TYR B 247 -11.30 14.84 13.74
C TYR B 247 -9.84 15.03 13.36
N VAL B 248 -9.27 14.15 12.53
CA VAL B 248 -7.89 14.38 12.10
C VAL B 248 -7.78 15.67 11.32
N SER B 249 -8.88 16.16 10.75
CA SER B 249 -8.86 17.50 10.17
C SER B 249 -8.65 18.59 11.21
N GLN B 250 -8.78 18.28 12.49
CA GLN B 250 -8.72 19.26 13.58
C GLN B 250 -7.71 18.82 14.64
N ARG B 251 -6.51 18.44 14.22
CA ARG B 251 -5.34 18.19 15.07
C ARG B 251 -5.68 17.28 16.25
N ALA B 252 -6.00 16.03 15.91
CA ALA B 252 -6.36 15.05 16.92
C ALA B 252 -5.83 13.67 16.54
N GLY B 253 -5.22 12.99 17.51
CA GLY B 253 -4.71 11.64 17.30
C GLY B 253 -5.71 10.60 17.77
N ILE B 254 -5.90 9.56 16.95
CA ILE B 254 -7.06 8.69 17.04
C ILE B 254 -6.68 7.33 17.61
N GLY B 255 -7.59 6.76 18.38
CA GLY B 255 -7.49 5.37 18.79
C GLY B 255 -8.74 4.62 18.40
N ILE B 256 -8.62 3.67 17.48
CA ILE B 256 -9.75 2.98 16.89
C ILE B 256 -9.79 1.56 17.44
N ASN B 257 -10.90 1.20 18.10
CA ASN B 257 -11.13 -0.17 18.51
C ASN B 257 -11.88 -0.87 17.38
N ALA B 258 -11.14 -1.48 16.47
CA ALA B 258 -11.72 -2.18 15.33
C ALA B 258 -11.86 -3.67 15.57
N GLY B 259 -11.42 -4.15 16.73
CA GLY B 259 -11.49 -5.58 17.02
C GLY B 259 -12.87 -6.04 17.41
N ARG B 260 -13.87 -5.71 16.59
CA ARG B 260 -15.22 -6.21 16.79
C ARG B 260 -15.77 -6.73 15.47
N ILE B 261 -15.20 -6.24 14.36
CA ILE B 261 -15.61 -6.74 13.05
C ILE B 261 -15.37 -8.23 12.98
N ARG B 262 -16.29 -8.93 12.32
CA ARG B 262 -16.13 -10.37 12.17
C ARG B 262 -14.88 -10.69 11.35
N ALA B 263 -14.50 -11.96 11.38
CA ALA B 263 -13.25 -12.40 10.77
C ALA B 263 -13.51 -13.04 9.41
N LEU B 264 -12.42 -13.33 8.70
CA LEU B 264 -12.50 -13.87 7.36
C LEU B 264 -13.20 -15.22 7.37
N GLY B 265 -14.09 -15.43 6.40
CA GLY B 265 -14.87 -16.63 6.31
C GLY B 265 -16.22 -16.57 6.99
N SER B 266 -16.45 -15.57 7.83
CA SER B 266 -17.71 -15.46 8.54
C SER B 266 -18.84 -15.09 7.59
N PRO B 267 -19.99 -15.74 7.71
CA PRO B 267 -21.09 -15.46 6.77
C PRO B 267 -21.69 -14.08 6.98
N ILE B 268 -22.28 -13.54 5.92
CA ILE B 268 -22.89 -12.22 5.93
C ILE B 268 -24.37 -12.34 5.63
N ARG B 269 -25.15 -11.44 6.22
CA ARG B 269 -26.56 -11.23 5.86
C ARG B 269 -27.35 -12.53 5.87
N GLY B 270 -27.31 -13.22 7.01
CA GLY B 270 -28.05 -14.46 7.13
C GLY B 270 -27.54 -15.60 6.30
N GLY B 271 -26.32 -15.51 5.79
CA GLY B 271 -25.74 -16.60 5.04
C GLY B 271 -26.04 -16.61 3.55
N GLU B 272 -25.72 -15.52 2.87
CA GLU B 272 -25.72 -15.52 1.41
C GLU B 272 -24.38 -15.08 0.83
N ALA B 273 -23.71 -14.14 1.48
CA ALA B 273 -22.38 -13.69 1.09
C ALA B 273 -21.35 -14.26 2.06
N PHE B 274 -20.09 -13.85 1.90
CA PHE B 274 -19.02 -14.32 2.78
C PHE B 274 -18.00 -13.22 2.94
N HIS B 275 -17.60 -12.96 4.19
CA HIS B 275 -16.68 -11.89 4.50
C HIS B 275 -15.34 -12.09 3.79
N THR B 276 -14.58 -11.00 3.68
CA THR B 276 -13.31 -11.01 2.96
C THR B 276 -12.24 -10.34 3.82
N GLY B 277 -12.15 -10.75 5.08
CA GLY B 277 -11.11 -10.26 5.97
C GLY B 277 -11.27 -8.80 6.34
N CYS B 278 -10.45 -8.33 7.29
CA CYS B 278 -10.51 -6.95 7.77
C CYS B 278 -9.42 -6.08 7.18
N ILE B 279 -8.62 -6.60 6.26
CA ILE B 279 -7.54 -5.82 5.64
C ILE B 279 -8.12 -4.70 4.78
N PRO B 280 -9.18 -4.93 3.99
CA PRO B 280 -9.76 -3.79 3.26
C PRO B 280 -10.24 -2.68 4.18
N PHE B 281 -10.92 -3.02 5.28
CA PHE B 281 -11.42 -1.98 6.18
C PHE B 281 -10.28 -1.26 6.89
N TYR B 282 -9.22 -1.99 7.25
CA TYR B 282 -8.07 -1.33 7.84
C TYR B 282 -7.42 -0.38 6.85
N LYS B 283 -7.32 -0.79 5.59
CA LYS B 283 -6.83 0.11 4.55
C LYS B 283 -7.73 1.33 4.41
N HIS B 284 -9.04 1.13 4.53
CA HIS B 284 -9.98 2.25 4.41
C HIS B 284 -9.79 3.26 5.53
N PHE B 285 -9.66 2.78 6.77
CA PHE B 285 -9.39 3.68 7.88
C PHE B 285 -8.03 4.36 7.74
N GLN B 286 -7.03 3.65 7.19
CA GLN B 286 -5.73 4.25 7.01
C GLN B 286 -5.78 5.38 5.98
N THR B 287 -6.50 5.16 4.89
CA THR B 287 -6.62 6.20 3.87
C THR B 287 -7.46 7.35 4.37
N ALA B 288 -8.42 7.08 5.28
CA ALA B 288 -9.19 8.16 5.88
C ALA B 288 -8.30 9.03 6.77
N VAL B 289 -7.48 8.40 7.61
CA VAL B 289 -6.68 9.16 8.56
C VAL B 289 -5.50 9.85 7.87
N LYS B 290 -4.97 9.29 6.80
CA LYS B 290 -3.80 9.83 6.13
C LYS B 290 -4.15 10.89 5.08
N SER B 291 -5.42 11.06 4.75
CA SER B 291 -5.78 11.89 3.60
C SER B 291 -5.82 13.38 3.95
N CYS B 292 -6.70 13.76 4.86
CA CYS B 292 -7.09 15.15 5.05
C CYS B 292 -6.38 15.83 6.21
N SER B 293 -5.15 15.43 6.52
CA SER B 293 -4.46 15.98 7.67
C SER B 293 -3.04 16.44 7.41
N GLN B 294 -2.39 15.96 6.35
CA GLN B 294 -0.95 16.19 6.19
C GLN B 294 -0.60 17.66 6.10
N GLY B 295 -1.52 18.50 5.62
CA GLY B 295 -1.23 19.91 5.48
C GLY B 295 -1.27 20.68 6.78
N GLY B 296 -1.94 20.16 7.80
CA GLY B 296 -2.20 20.90 9.02
C GLY B 296 -0.99 21.17 9.90
N VAL B 297 -1.24 21.42 11.18
CA VAL B 297 -0.16 21.71 12.12
C VAL B 297 0.69 20.49 12.38
N ARG B 298 0.15 19.30 12.09
CA ARG B 298 0.86 18.01 12.31
C ARG B 298 0.23 16.93 11.41
N GLY B 299 0.84 15.75 11.38
CA GLY B 299 0.34 14.60 10.60
C GLY B 299 -0.79 13.89 11.31
N GLY B 300 -1.51 13.01 10.61
CA GLY B 300 -2.59 12.24 11.23
C GLY B 300 -2.10 10.88 11.69
N ALA B 301 -2.34 10.53 12.96
CA ALA B 301 -1.89 9.24 13.53
C ALA B 301 -3.08 8.52 14.16
N ALA B 302 -3.19 7.20 13.92
CA ALA B 302 -4.29 6.42 14.46
C ALA B 302 -3.77 5.04 14.86
N THR B 303 -3.90 4.71 16.14
CA THR B 303 -3.63 3.36 16.60
C THR B 303 -4.88 2.52 16.43
N LEU B 304 -4.70 1.23 16.16
CA LEU B 304 -5.82 0.32 15.94
C LEU B 304 -5.66 -0.91 16.83
N PHE B 305 -6.70 -1.25 17.58
CA PHE B 305 -6.61 -2.29 18.59
C PHE B 305 -7.36 -3.54 18.17
N TYR B 306 -6.95 -4.68 18.72
CA TYR B 306 -7.73 -5.91 18.59
C TYR B 306 -7.35 -6.85 19.74
N PRO B 307 -8.25 -7.77 20.11
CA PRO B 307 -7.92 -8.76 21.14
C PRO B 307 -7.19 -9.96 20.57
N MET B 308 -6.15 -10.45 21.26
CA MET B 308 -5.28 -11.47 20.68
C MET B 308 -5.98 -12.79 20.44
N TRP B 309 -7.18 -13.01 20.98
CA TRP B 309 -7.93 -14.22 20.66
C TRP B 309 -8.74 -14.05 19.38
N HIS B 310 -8.46 -13.02 18.60
CA HIS B 310 -9.10 -12.83 17.29
C HIS B 310 -8.73 -13.98 16.37
N LEU B 311 -9.67 -14.33 15.48
CA LEU B 311 -9.44 -15.45 14.58
C LEU B 311 -8.31 -15.15 13.60
N GLU B 312 -8.31 -13.96 13.00
CA GLU B 312 -7.29 -13.58 12.04
C GLU B 312 -6.04 -12.99 12.69
N VAL B 313 -5.82 -13.19 13.99
CA VAL B 313 -4.70 -12.53 14.64
C VAL B 313 -3.37 -13.00 14.05
N GLU B 314 -3.32 -14.23 13.55
CA GLU B 314 -2.10 -14.73 12.93
C GLU B 314 -1.73 -13.94 11.69
N SER B 315 -2.71 -13.29 11.04
CA SER B 315 -2.48 -12.46 9.87
C SER B 315 -2.56 -10.98 10.17
N LEU B 316 -3.07 -10.59 11.33
CA LEU B 316 -3.15 -9.18 11.70
C LEU B 316 -1.99 -8.72 12.57
N LEU B 317 -1.28 -9.65 13.22
CA LEU B 317 -0.13 -9.28 14.03
C LEU B 317 1.00 -8.68 13.21
N VAL B 318 1.05 -8.98 11.91
CA VAL B 318 2.18 -8.59 11.08
C VAL B 318 1.99 -7.28 10.33
N LEU B 319 0.74 -6.86 10.08
CA LEU B 319 0.41 -5.81 9.12
C LEU B 319 1.38 -4.63 9.12
N LYS B 320 1.93 -4.29 10.27
CA LYS B 320 2.90 -3.21 10.40
C LYS B 320 4.30 -3.61 9.90
N ASN B 321 4.40 -4.73 9.18
CA ASN B 321 5.68 -5.35 8.90
C ASN B 321 6.45 -4.56 7.85
N ASN B 322 7.56 -5.14 7.40
CA ASN B 322 8.45 -4.51 6.43
C ASN B 322 8.67 -5.37 5.20
N ARG B 323 8.15 -6.60 5.18
CA ARG B 323 8.41 -7.56 4.11
C ARG B 323 7.07 -8.09 3.62
N GLY B 324 6.47 -7.40 2.65
CA GLY B 324 5.21 -7.87 2.12
C GLY B 324 4.62 -6.99 1.04
N VAL B 325 3.88 -7.60 0.11
CA VAL B 325 3.21 -6.83 -0.94
C VAL B 325 2.11 -5.97 -0.32
N GLU B 326 1.97 -4.76 -0.86
CA GLU B 326 0.98 -3.81 -0.32
C GLU B 326 -0.36 -4.47 -0.11
N GLY B 327 -0.76 -5.36 -1.01
CA GLY B 327 -2.04 -6.04 -0.96
C GLY B 327 -2.40 -6.69 0.36
N ASN B 328 -1.40 -6.99 1.20
CA ASN B 328 -1.70 -7.54 2.51
C ASN B 328 -0.85 -6.89 3.58
N ARG B 329 -0.65 -5.58 3.47
CA ARG B 329 0.06 -4.85 4.52
C ARG B 329 -0.53 -3.46 4.66
N VAL B 330 -0.59 -2.98 5.90
CA VAL B 330 -0.98 -1.61 6.21
C VAL B 330 0.06 -1.08 7.19
N ARG B 331 1.05 -0.36 6.68
CA ARG B 331 2.22 0.00 7.47
C ARG B 331 2.32 1.51 7.71
N HIS B 332 1.19 2.16 8.00
CA HIS B 332 1.22 3.52 8.51
C HIS B 332 0.19 3.72 9.61
N MET B 333 -0.14 2.66 10.33
CA MET B 333 -1.10 2.71 11.44
C MET B 333 -0.62 1.80 12.55
N ASP B 334 -0.22 2.39 13.67
CA ASP B 334 0.27 1.62 14.79
C ASP B 334 -0.80 0.63 15.26
N TYR B 335 -0.36 -0.51 15.78
CA TYR B 335 -1.28 -1.56 16.17
C TYR B 335 -1.20 -1.81 17.68
N GLY B 336 -2.24 -2.45 18.19
CA GLY B 336 -2.33 -2.74 19.61
C GLY B 336 -2.98 -4.07 19.88
N VAL B 337 -2.32 -4.92 20.67
CA VAL B 337 -2.79 -6.26 20.96
C VAL B 337 -3.26 -6.30 22.40
N GLN B 338 -4.48 -6.79 22.62
CA GLN B 338 -5.09 -6.80 23.94
C GLN B 338 -5.02 -8.21 24.52
N ILE B 339 -4.30 -8.35 25.63
CA ILE B 339 -4.02 -9.66 26.22
C ILE B 339 -4.27 -9.61 27.72
N ASN B 340 -4.47 -10.79 28.30
CA ASN B 340 -4.86 -10.88 29.70
C ASN B 340 -4.38 -12.19 30.31
N LYS B 341 -4.84 -12.46 31.54
CA LYS B 341 -4.23 -13.50 32.35
C LYS B 341 -4.58 -14.91 31.87
N LEU B 342 -5.76 -15.12 31.28
CA LEU B 342 -6.04 -16.44 30.74
C LEU B 342 -5.08 -16.79 29.63
N MET B 343 -4.81 -15.84 28.72
CA MET B 343 -3.81 -16.05 27.68
C MET B 343 -2.43 -16.29 28.30
N TYR B 344 -2.09 -15.52 29.35
CA TYR B 344 -0.79 -15.69 29.98
C TYR B 344 -0.62 -17.07 30.58
N THR B 345 -1.66 -17.59 31.23
CA THR B 345 -1.56 -18.93 31.81
C THR B 345 -1.56 -20.01 30.73
N ARG B 346 -2.28 -19.81 29.63
CA ARG B 346 -2.16 -20.73 28.51
C ARG B 346 -0.74 -20.74 27.96
N LEU B 347 -0.05 -19.60 28.04
CA LEU B 347 1.36 -19.56 27.66
C LEU B 347 2.22 -20.35 28.62
N LEU B 348 2.10 -20.03 29.92
CA LEU B 348 2.97 -20.66 30.92
C LEU B 348 2.78 -22.17 30.97
N LYS B 349 1.54 -22.64 30.85
CA LYS B 349 1.31 -24.07 30.78
C LYS B 349 1.70 -24.67 29.44
N GLY B 350 2.09 -23.84 28.46
CA GLY B 350 2.45 -24.34 27.16
C GLY B 350 1.32 -24.99 26.39
N GLU B 351 0.08 -24.64 26.69
CA GLU B 351 -1.07 -25.24 26.04
C GLU B 351 -1.54 -24.39 24.86
N ASP B 352 -2.49 -24.94 24.10
CA ASP B 352 -2.97 -24.28 22.91
C ASP B 352 -3.95 -23.16 23.27
N ILE B 353 -3.84 -22.03 22.57
CA ILE B 353 -4.81 -20.95 22.64
C ILE B 353 -5.73 -21.09 21.44
N THR B 354 -7.04 -21.00 21.69
CA THR B 354 -8.00 -21.07 20.60
C THR B 354 -8.35 -19.67 20.12
N LEU B 355 -8.84 -19.59 18.88
CA LEU B 355 -9.22 -18.34 18.25
C LEU B 355 -10.62 -18.50 17.67
N PHE B 356 -11.53 -17.61 18.07
CA PHE B 356 -12.89 -17.60 17.57
C PHE B 356 -13.16 -16.29 16.84
N SER B 357 -14.19 -16.31 16.00
CA SER B 357 -14.63 -15.10 15.33
C SER B 357 -15.34 -14.20 16.33
N PRO B 358 -14.85 -13.00 16.60
CA PRO B 358 -15.38 -12.21 17.72
C PRO B 358 -16.82 -11.76 17.54
N SER B 359 -17.45 -12.15 16.43
CA SER B 359 -18.85 -11.88 16.20
C SER B 359 -19.68 -13.16 16.04
N ASP B 360 -19.08 -14.32 16.31
CA ASP B 360 -19.80 -15.58 16.25
C ASP B 360 -19.76 -16.33 17.58
N VAL B 361 -19.38 -15.63 18.66
CA VAL B 361 -19.46 -16.17 20.01
C VAL B 361 -20.26 -15.18 20.85
N PRO B 362 -21.41 -15.56 21.40
CA PRO B 362 -22.23 -14.59 22.12
C PRO B 362 -21.63 -14.22 23.46
N GLY B 363 -21.59 -12.92 23.75
CA GLY B 363 -21.17 -12.42 25.05
C GLY B 363 -19.70 -12.59 25.37
N LEU B 364 -18.95 -13.38 24.59
CA LEU B 364 -17.55 -13.62 24.92
C LEU B 364 -16.72 -12.35 24.80
N TYR B 365 -17.00 -11.52 23.79
CA TYR B 365 -16.21 -10.32 23.58
C TYR B 365 -16.29 -9.40 24.78
N ASP B 366 -17.51 -9.05 25.21
CA ASP B 366 -17.63 -8.16 26.36
C ASP B 366 -17.33 -8.86 27.68
N ALA B 367 -17.35 -10.19 27.70
CA ALA B 367 -16.85 -10.91 28.87
C ALA B 367 -15.34 -10.70 29.02
N PHE B 368 -14.61 -10.75 27.91
CA PHE B 368 -13.17 -10.53 27.87
C PHE B 368 -12.76 -9.30 28.67
N PHE B 369 -13.56 -8.24 28.63
CA PHE B 369 -13.22 -7.00 29.30
C PHE B 369 -13.84 -6.88 30.69
N ALA B 370 -15.11 -7.29 30.85
CA ALA B 370 -15.86 -6.94 32.05
C ALA B 370 -15.43 -7.78 33.26
N ASP B 371 -15.65 -9.09 33.21
CA ASP B 371 -15.40 -9.96 34.35
C ASP B 371 -14.59 -11.16 33.91
N GLN B 372 -13.43 -11.35 34.54
CA GLN B 372 -12.50 -12.38 34.09
C GLN B 372 -13.02 -13.78 34.37
N GLU B 373 -13.81 -13.97 35.43
CA GLU B 373 -14.39 -15.29 35.67
C GLU B 373 -15.42 -15.63 34.60
N GLU B 374 -16.22 -14.65 34.19
CA GLU B 374 -17.12 -14.85 33.06
C GLU B 374 -16.34 -15.19 31.81
N PHE B 375 -15.23 -14.48 31.57
CA PHE B 375 -14.38 -14.77 30.41
C PHE B 375 -13.87 -16.22 30.46
N GLU B 376 -13.38 -16.64 31.62
CA GLU B 376 -12.89 -18.01 31.78
C GLU B 376 -13.99 -19.02 31.47
N ARG B 377 -15.17 -18.85 32.07
CA ARG B 377 -16.25 -19.80 31.89
C ARG B 377 -16.66 -19.89 30.41
N LEU B 378 -16.85 -18.73 29.77
CA LEU B 378 -17.29 -18.74 28.39
C LEU B 378 -16.22 -19.30 27.45
N TYR B 379 -14.95 -18.95 27.70
CA TYR B 379 -13.84 -19.50 26.93
C TYR B 379 -13.85 -21.03 26.98
N THR B 380 -13.93 -21.59 28.20
CA THR B 380 -13.91 -23.03 28.34
C THR B 380 -15.13 -23.67 27.66
N LYS B 381 -16.31 -23.10 27.88
CA LYS B 381 -17.52 -23.68 27.30
C LYS B 381 -17.45 -23.70 25.78
N TYR B 382 -17.03 -22.59 25.17
CA TYR B 382 -17.00 -22.52 23.71
C TYR B 382 -15.87 -23.35 23.13
N GLU B 383 -14.76 -23.49 23.85
CA GLU B 383 -13.75 -24.47 23.44
C GLU B 383 -14.34 -25.86 23.42
N LYS B 384 -15.18 -26.19 24.39
CA LYS B 384 -15.76 -27.53 24.45
C LYS B 384 -16.78 -27.74 23.34
N ASP B 385 -17.59 -26.73 23.03
CA ASP B 385 -18.61 -26.88 21.99
C ASP B 385 -17.98 -27.27 20.66
N ASP B 386 -18.62 -28.20 19.96
CA ASP B 386 -18.08 -28.79 18.75
C ASP B 386 -18.97 -28.48 17.54
N SER B 387 -19.43 -27.23 17.44
CA SER B 387 -20.14 -26.79 16.25
C SER B 387 -19.73 -25.39 15.80
N ILE B 388 -18.84 -24.72 16.51
CA ILE B 388 -18.38 -23.38 16.15
C ILE B 388 -17.23 -23.52 15.17
N ARG B 389 -16.90 -22.44 14.47
CA ARG B 389 -15.73 -22.39 13.60
C ARG B 389 -14.60 -21.75 14.39
N LYS B 390 -13.58 -22.53 14.71
CA LYS B 390 -12.51 -22.07 15.58
C LYS B 390 -11.17 -22.55 15.04
N GLN B 391 -10.11 -21.86 15.45
CA GLN B 391 -8.75 -22.24 15.11
C GLN B 391 -7.96 -22.45 16.41
N ARG B 392 -6.79 -23.07 16.27
CA ARG B 392 -5.99 -23.48 17.42
C ARG B 392 -4.53 -23.22 17.15
N VAL B 393 -3.89 -22.41 18.00
CA VAL B 393 -2.51 -21.99 17.80
C VAL B 393 -1.76 -22.18 19.11
N LYS B 394 -0.57 -22.77 19.05
CA LYS B 394 0.22 -22.96 20.25
C LYS B 394 0.60 -21.61 20.86
N ALA B 395 0.63 -21.56 22.19
CA ALA B 395 0.75 -20.28 22.88
C ALA B 395 2.15 -19.73 22.81
N VAL B 396 3.18 -20.57 22.97
CA VAL B 396 4.54 -20.08 22.85
C VAL B 396 4.79 -19.55 21.45
N GLU B 397 4.26 -20.25 20.44
CA GLU B 397 4.34 -19.78 19.06
C GLU B 397 3.73 -18.40 18.90
N LEU B 398 2.53 -18.19 19.43
CA LEU B 398 1.81 -16.94 19.22
C LEU B 398 2.48 -15.79 19.97
N PHE B 399 2.83 -16.01 21.23
CA PHE B 399 3.50 -14.95 21.99
C PHE B 399 4.87 -14.63 21.41
N SER B 400 5.59 -15.63 20.91
CA SER B 400 6.89 -15.36 20.33
C SER B 400 6.76 -14.62 19.01
N LEU B 401 5.76 -14.96 18.21
CA LEU B 401 5.48 -14.19 16.99
C LEU B 401 5.15 -12.75 17.32
N MET B 402 4.34 -12.53 18.37
CA MET B 402 3.95 -11.17 18.74
C MET B 402 5.16 -10.36 19.17
N MET B 403 6.00 -10.93 20.05
CA MET B 403 7.19 -10.21 20.48
C MET B 403 8.20 -10.04 19.35
N GLN B 404 8.24 -10.99 18.42
CA GLN B 404 9.11 -10.87 17.25
C GLN B 404 8.72 -9.67 16.41
N GLU B 405 7.44 -9.56 16.06
CA GLU B 405 6.99 -8.38 15.32
C GLU B 405 7.17 -7.11 16.13
N ARG B 406 6.92 -7.17 17.44
CA ARG B 406 7.10 -5.99 18.28
C ARG B 406 8.53 -5.48 18.20
N ALA B 407 9.51 -6.38 18.25
CA ALA B 407 10.90 -5.95 18.17
C ALA B 407 11.29 -5.55 16.75
N SER B 408 10.73 -6.23 15.74
CA SER B 408 11.13 -5.98 14.36
C SER B 408 10.62 -4.63 13.86
N THR B 409 9.41 -4.23 14.25
CA THR B 409 8.85 -2.98 13.73
C THR B 409 8.58 -1.95 14.83
N GLY B 410 8.96 -2.22 16.06
CA GLY B 410 8.94 -1.21 17.10
C GLY B 410 7.58 -0.78 17.59
N ARG B 411 6.53 -1.06 16.83
CA ARG B 411 5.24 -0.40 17.00
C ARG B 411 4.09 -1.40 16.97
N ILE B 412 4.20 -2.46 17.75
CA ILE B 412 3.06 -3.31 18.07
C ILE B 412 2.85 -3.18 19.58
N TYR B 413 2.03 -2.22 19.98
CA TYR B 413 1.82 -1.90 21.37
C TYR B 413 1.03 -3.00 22.08
N ILE B 414 1.24 -3.12 23.39
CA ILE B 414 0.64 -4.20 24.16
C ILE B 414 -0.26 -3.60 25.23
N GLN B 415 -1.48 -4.12 25.35
CA GLN B 415 -2.44 -3.61 26.33
C GLN B 415 -2.98 -4.75 27.17
N ASN B 416 -2.75 -4.68 28.47
CA ASN B 416 -3.34 -5.60 29.44
C ASN B 416 -4.68 -5.02 29.87
N VAL B 417 -5.77 -5.69 29.48
CA VAL B 417 -7.10 -5.14 29.73
C VAL B 417 -7.45 -5.23 31.20
N ASP B 418 -7.23 -6.38 31.83
CA ASP B 418 -7.76 -6.63 33.16
C ASP B 418 -7.24 -5.63 34.19
N HIS B 419 -6.09 -5.00 33.95
CA HIS B 419 -5.67 -3.92 34.83
C HIS B 419 -6.44 -2.65 34.55
N CYS B 420 -6.66 -2.34 33.26
CA CYS B 420 -7.45 -1.16 32.90
C CYS B 420 -8.87 -1.24 33.43
N ASN B 421 -9.37 -2.44 33.72
CA ASN B 421 -10.71 -2.61 34.28
C ASN B 421 -10.68 -2.69 35.80
N THR B 422 -9.94 -3.64 36.36
CA THR B 422 -9.94 -3.86 37.79
C THR B 422 -9.05 -2.87 38.55
N HIS B 423 -8.52 -1.84 37.88
CA HIS B 423 -7.88 -0.73 38.59
C HIS B 423 -8.11 0.51 37.74
N SER B 424 -9.20 1.22 38.03
CA SER B 424 -9.62 2.35 37.23
C SER B 424 -10.57 3.20 38.06
N PRO B 425 -10.94 4.38 37.56
CA PRO B 425 -12.05 5.13 38.17
C PRO B 425 -13.42 4.86 37.55
N PHE B 426 -13.54 3.90 36.66
CA PHE B 426 -14.81 3.54 36.05
C PHE B 426 -15.20 2.13 36.45
N ASP B 427 -16.51 1.87 36.49
CA ASP B 427 -16.85 0.51 36.90
C ASP B 427 -16.84 -0.42 35.68
N PRO B 428 -16.47 -1.69 35.86
CA PRO B 428 -16.37 -2.59 34.71
C PRO B 428 -17.71 -3.02 34.13
N ALA B 429 -18.81 -2.85 34.86
CA ALA B 429 -20.08 -3.41 34.42
C ALA B 429 -20.92 -2.44 33.62
N ILE B 430 -20.92 -1.15 33.97
CA ILE B 430 -21.74 -0.17 33.28
C ILE B 430 -20.94 0.70 32.31
N ALA B 431 -19.62 0.77 32.49
CA ALA B 431 -18.77 1.58 31.60
C ALA B 431 -17.38 0.98 31.57
N PRO B 432 -17.22 -0.14 30.86
CA PRO B 432 -15.90 -0.78 30.78
C PRO B 432 -14.97 0.02 29.90
N VAL B 433 -13.71 -0.42 29.87
CA VAL B 433 -12.67 0.18 29.05
C VAL B 433 -12.20 -0.84 28.04
N ARG B 434 -12.31 -0.51 26.77
CA ARG B 434 -12.03 -1.47 25.72
C ARG B 434 -10.89 -1.08 24.79
N GLN B 435 -10.21 0.03 25.04
CA GLN B 435 -9.20 0.53 24.11
C GLN B 435 -8.38 1.60 24.82
N SER B 436 -7.56 2.30 24.04
CA SER B 436 -6.77 3.42 24.52
C SER B 436 -6.52 4.33 23.33
N ASN B 437 -5.92 5.48 23.59
CA ASN B 437 -5.71 6.46 22.53
C ASN B 437 -4.49 6.04 21.71
N LEU B 438 -4.00 6.95 20.87
CA LEU B 438 -2.90 6.62 19.95
C LEU B 438 -1.67 6.14 20.71
N CYS B 439 -1.29 6.84 21.77
CA CYS B 439 -0.04 6.59 22.47
C CYS B 439 -0.18 5.61 23.63
N LEU B 440 -1.20 4.77 23.61
CA LEU B 440 -1.47 3.81 24.69
C LEU B 440 -1.38 4.48 26.07
N GLU B 441 -1.93 5.69 26.14
CA GLU B 441 -1.71 6.59 27.26
C GLU B 441 -2.92 6.78 28.16
N ILE B 442 -4.13 6.81 27.60
CA ILE B 442 -5.32 6.99 28.43
C ILE B 442 -6.23 5.78 28.29
N ALA B 443 -7.35 5.81 28.99
CA ALA B 443 -8.31 4.70 28.95
C ALA B 443 -9.67 5.24 29.38
N LEU B 444 -10.63 5.21 28.47
CA LEU B 444 -11.96 5.77 28.70
C LEU B 444 -13.00 4.85 28.09
N PRO B 445 -14.24 4.91 28.57
CA PRO B 445 -15.32 4.09 28.00
C PRO B 445 -15.94 4.73 26.77
N THR B 446 -16.33 3.88 25.83
CA THR B 446 -16.91 4.33 24.57
C THR B 446 -18.09 3.42 24.23
N LYS B 447 -18.65 3.60 23.03
CA LYS B 447 -19.80 2.82 22.58
C LYS B 447 -19.88 2.91 21.07
N PRO B 448 -20.28 1.86 20.37
CA PRO B 448 -20.33 1.91 18.91
C PRO B 448 -21.44 2.82 18.41
N LEU B 449 -21.23 3.35 17.21
CA LEU B 449 -22.20 4.25 16.59
C LEU B 449 -23.08 3.50 15.58
N ASN B 450 -24.07 4.21 15.08
CA ASN B 450 -24.90 3.71 13.99
C ASN B 450 -24.95 4.69 12.82
N ASP B 451 -24.97 5.99 13.10
CA ASP B 451 -24.87 7.06 12.11
C ASP B 451 -23.71 7.96 12.49
N VAL B 452 -23.44 8.95 11.64
CA VAL B 452 -22.32 9.86 11.90
C VAL B 452 -22.62 10.75 13.10
N ASN B 453 -23.87 11.18 13.23
CA ASN B 453 -24.25 12.24 14.18
C ASN B 453 -25.48 11.84 14.98
N ASP B 454 -25.48 10.63 15.53
CA ASP B 454 -26.57 10.17 16.37
C ASP B 454 -26.27 10.46 17.84
N GLU B 455 -27.10 9.96 18.75
CA GLU B 455 -26.93 10.15 20.18
C GLU B 455 -26.70 8.87 20.95
N ASN B 456 -26.92 7.70 20.35
CA ASN B 456 -26.73 6.42 21.02
C ASN B 456 -25.29 5.93 20.94
N GLY B 457 -24.34 6.82 20.66
CA GLY B 457 -22.94 6.45 20.62
C GLY B 457 -22.10 7.47 21.37
N GLU B 458 -20.89 7.06 21.70
CA GLU B 458 -19.97 7.91 22.43
C GLU B 458 -18.58 7.82 21.82
N ILE B 459 -17.88 8.95 21.82
CA ILE B 459 -16.54 9.07 21.27
C ILE B 459 -15.74 9.86 22.29
N ALA B 460 -14.77 9.21 22.92
CA ALA B 460 -14.16 9.77 24.14
C ALA B 460 -13.08 10.78 23.75
N LEU B 461 -13.34 12.05 24.04
CA LEU B 461 -12.38 13.12 23.80
C LEU B 461 -11.66 13.45 25.09
N CYS B 462 -10.33 13.51 25.03
CA CYS B 462 -9.56 13.79 26.23
C CYS B 462 -8.48 14.80 25.93
N THR B 463 -8.44 15.86 26.75
CA THR B 463 -7.42 16.89 26.71
C THR B 463 -6.37 16.61 27.79
N LEU B 464 -5.22 17.26 27.63
CA LEU B 464 -4.04 16.89 28.42
C LEU B 464 -3.33 18.13 28.94
N SER B 465 -2.47 17.90 29.92
CA SER B 465 -1.52 18.88 30.42
C SER B 465 -0.51 18.14 31.29
N ALA B 466 0.47 18.87 31.82
CA ALA B 466 1.48 18.20 32.64
C ALA B 466 2.21 19.20 33.51
N PHE B 467 2.80 18.69 34.58
CA PHE B 467 3.63 19.48 35.47
C PHE B 467 5.10 19.38 35.08
N ASN B 468 5.90 20.29 35.65
CA ASN B 468 7.33 20.36 35.40
C ASN B 468 8.06 20.10 36.73
N LEU B 469 8.35 18.83 37.00
CA LEU B 469 9.02 18.44 38.24
C LEU B 469 10.43 19.00 38.31
N GLY B 470 10.89 19.67 37.26
CA GLY B 470 12.19 20.29 37.27
C GLY B 470 12.18 21.76 37.60
N ALA B 471 11.05 22.29 38.06
CA ALA B 471 10.97 23.69 38.43
C ALA B 471 10.49 23.85 39.87
N ILE B 472 9.66 22.90 40.33
CA ILE B 472 9.14 22.97 41.69
C ILE B 472 10.25 22.68 42.69
N ASN B 473 10.15 23.29 43.87
CA ASN B 473 11.13 23.11 44.93
C ASN B 473 10.54 22.47 46.18
N ASN B 474 9.23 22.26 46.23
CA ASN B 474 8.58 21.61 47.36
C ASN B 474 7.34 20.90 46.82
N LEU B 475 6.41 20.55 47.70
CA LEU B 475 5.20 19.84 47.32
C LEU B 475 3.97 20.59 47.81
N ASP B 476 3.91 21.89 47.53
CA ASP B 476 2.70 22.68 47.72
C ASP B 476 2.40 23.49 46.47
N GLU B 477 3.47 23.93 45.80
CA GLU B 477 3.32 24.48 44.46
C GLU B 477 2.59 23.51 43.57
N LEU B 478 2.74 22.20 43.82
CA LEU B 478 2.02 21.22 43.03
C LEU B 478 0.51 21.36 43.24
N GLU B 479 0.08 21.66 44.47
CA GLU B 479 -1.35 21.82 44.74
C GLU B 479 -1.88 23.09 44.10
N GLU B 480 -1.13 24.19 44.23
CA GLU B 480 -1.55 25.44 43.59
C GLU B 480 -1.65 25.28 42.07
N LEU B 481 -0.61 24.70 41.47
CA LEU B 481 -0.63 24.42 40.04
C LEU B 481 -1.78 23.49 39.69
N ALA B 482 -2.13 22.56 40.58
CA ALA B 482 -3.23 21.65 40.31
C ALA B 482 -4.55 22.40 40.23
N ILE B 483 -4.81 23.32 41.17
CA ILE B 483 -6.07 24.04 41.11
C ILE B 483 -6.14 24.89 39.84
N LEU B 484 -5.03 25.56 39.50
CA LEU B 484 -5.02 26.35 38.26
C LEU B 484 -5.25 25.47 37.03
N ALA B 485 -4.59 24.33 36.97
CA ALA B 485 -4.70 23.46 35.80
C ALA B 485 -6.10 22.90 35.65
N VAL B 486 -6.71 22.46 36.74
CA VAL B 486 -8.07 21.92 36.63
C VAL B 486 -9.05 23.01 36.23
N ARG B 487 -8.89 24.22 36.77
CA ARG B 487 -9.71 25.33 36.32
C ARG B 487 -9.60 25.52 34.81
N ALA B 488 -8.36 25.61 34.30
CA ALA B 488 -8.15 25.86 32.88
C ALA B 488 -8.75 24.74 32.02
N LEU B 489 -8.51 23.49 32.40
CA LEU B 489 -8.97 22.39 31.57
C LEU B 489 -10.49 22.25 31.60
N ASP B 490 -11.14 22.53 32.72
CA ASP B 490 -12.61 22.51 32.69
C ASP B 490 -13.15 23.66 31.85
N ALA B 491 -12.49 24.82 31.92
CA ALA B 491 -12.85 25.92 31.03
C ALA B 491 -12.83 25.47 29.57
N LEU B 492 -11.76 24.79 29.18
CA LEU B 492 -11.66 24.33 27.80
C LEU B 492 -12.72 23.27 27.49
N LEU B 493 -12.98 22.37 28.44
CA LEU B 493 -14.02 21.35 28.25
C LEU B 493 -15.36 21.97 27.91
N ASP B 494 -15.70 23.09 28.55
CA ASP B 494 -16.98 23.71 28.20
C ASP B 494 -16.86 24.68 27.03
N TYR B 495 -15.66 25.14 26.69
CA TYR B 495 -15.47 26.14 25.64
C TYR B 495 -15.21 25.54 24.27
N GLN B 496 -14.95 24.24 24.17
CA GLN B 496 -14.63 23.62 22.88
C GLN B 496 -15.79 23.68 21.89
N ASP B 497 -15.55 23.22 20.67
CA ASP B 497 -16.58 23.08 19.64
C ASP B 497 -16.53 21.67 19.11
N TYR B 498 -17.58 20.89 19.35
CA TYR B 498 -17.58 19.47 19.05
C TYR B 498 -18.21 19.23 17.69
N PRO B 499 -17.45 18.77 16.69
CA PRO B 499 -18.04 18.54 15.37
C PRO B 499 -18.95 17.33 15.31
N ILE B 500 -19.01 16.50 16.34
CA ILE B 500 -19.89 15.34 16.35
C ILE B 500 -20.74 15.36 17.61
N PRO B 501 -22.07 15.19 17.48
CA PRO B 501 -22.92 15.17 18.68
C PRO B 501 -22.59 14.06 19.65
N ALA B 502 -22.19 12.88 19.16
CA ALA B 502 -21.86 11.79 20.07
C ALA B 502 -20.66 12.15 20.95
N ALA B 503 -19.61 12.73 20.36
CA ALA B 503 -18.47 13.13 21.15
C ALA B 503 -18.82 14.28 22.08
N LYS B 504 -19.66 15.21 21.64
CA LYS B 504 -20.12 16.27 22.53
C LYS B 504 -20.82 15.68 23.75
N ARG B 505 -21.73 14.73 23.51
CA ARG B 505 -22.39 14.02 24.60
C ARG B 505 -21.39 13.40 25.56
N GLY B 506 -20.45 12.63 25.02
CA GLY B 506 -19.51 11.93 25.89
C GLY B 506 -18.63 12.88 26.71
N ALA B 507 -18.05 13.87 26.03
CA ALA B 507 -17.13 14.77 26.73
C ALA B 507 -17.86 15.66 27.72
N MET B 508 -19.05 16.16 27.38
CA MET B 508 -19.79 16.98 28.33
C MET B 508 -20.38 16.15 29.46
N GLY B 509 -20.61 14.85 29.25
CA GLY B 509 -21.17 14.03 30.30
C GLY B 509 -20.15 13.43 31.23
N ARG B 510 -18.88 13.32 30.80
CA ARG B 510 -17.87 12.76 31.67
C ARG B 510 -16.80 13.75 32.12
N ARG B 511 -16.61 14.85 31.41
CA ARG B 511 -15.63 15.88 31.78
C ARG B 511 -14.26 15.29 32.07
N THR B 512 -13.89 14.27 31.30
CA THR B 512 -12.62 13.59 31.50
C THR B 512 -11.44 14.53 31.19
N LEU B 513 -10.29 14.21 31.79
CA LEU B 513 -9.10 15.02 31.65
C LEU B 513 -7.88 14.10 31.52
N GLY B 514 -6.71 14.71 31.41
CA GLY B 514 -5.47 14.02 31.69
C GLY B 514 -4.38 14.99 32.07
N ILE B 515 -3.73 14.78 33.20
CA ILE B 515 -2.66 15.65 33.66
C ILE B 515 -1.52 14.74 34.14
N GLY B 516 -0.41 14.78 33.42
CA GLY B 516 0.75 14.01 33.80
C GLY B 516 1.91 14.90 34.19
N VAL B 517 3.13 14.44 33.93
CA VAL B 517 4.31 15.21 34.30
C VAL B 517 5.40 14.97 33.29
N ILE B 518 6.28 15.96 33.14
CA ILE B 518 7.49 15.86 32.34
C ILE B 518 8.68 16.22 33.23
N ASN B 519 9.87 16.20 32.63
CA ASN B 519 11.12 16.56 33.31
C ASN B 519 11.42 15.62 34.48
N PHE B 520 10.80 14.44 34.46
CA PHE B 520 10.98 13.48 35.55
C PHE B 520 12.44 13.05 35.68
N ALA B 521 13.14 12.94 34.55
CA ALA B 521 14.55 12.55 34.62
C ALA B 521 15.38 13.60 35.33
N TYR B 522 15.16 14.88 35.01
CA TYR B 522 15.92 15.93 35.68
C TYR B 522 15.56 16.00 37.15
N TYR B 523 14.29 15.81 37.50
CA TYR B 523 13.89 15.74 38.91
C TYR B 523 14.63 14.62 39.63
N LEU B 524 14.45 13.39 39.14
CA LEU B 524 15.00 12.20 39.78
C LEU B 524 16.53 12.17 39.77
N ALA B 525 17.17 12.94 38.90
CA ALA B 525 18.62 13.00 38.88
C ALA B 525 19.17 14.24 39.57
N LYS B 526 18.31 15.21 39.88
CA LYS B 526 18.70 16.27 40.80
C LYS B 526 18.59 15.82 42.24
N HIS B 527 17.68 14.88 42.51
CA HIS B 527 17.60 14.28 43.84
C HIS B 527 18.60 13.14 44.04
N GLY B 528 19.64 13.07 43.20
CA GLY B 528 20.69 12.09 43.33
C GLY B 528 20.24 10.65 43.39
N LYS B 529 19.55 10.20 42.35
CA LYS B 529 19.07 8.82 42.26
C LYS B 529 19.34 8.30 40.86
N ARG B 530 18.83 7.11 40.56
CA ARG B 530 19.04 6.48 39.27
C ARG B 530 17.86 5.59 38.94
N TYR B 531 17.84 5.09 37.71
CA TYR B 531 16.76 4.22 37.24
C TYR B 531 17.07 2.74 37.40
N SER B 532 18.34 2.36 37.43
CA SER B 532 18.72 0.96 37.33
C SER B 532 18.83 0.27 38.68
N ASP B 533 19.59 0.85 39.60
CA ASP B 533 19.85 0.20 40.89
C ASP B 533 18.59 -0.05 41.71
N GLY B 534 17.51 0.67 41.43
CA GLY B 534 16.29 0.52 42.20
C GLY B 534 16.32 1.34 43.46
N SER B 535 16.82 2.57 43.36
CA SER B 535 16.93 3.47 44.50
C SER B 535 15.94 4.63 44.43
N ALA B 536 14.92 4.51 43.58
CA ALA B 536 13.95 5.59 43.39
C ALA B 536 12.52 5.14 43.61
N ASN B 537 12.31 3.94 44.15
CA ASN B 537 10.94 3.48 44.42
C ASN B 537 10.27 4.38 45.44
N ASN B 538 10.97 4.72 46.52
CA ASN B 538 10.40 5.57 47.55
C ASN B 538 10.07 6.95 46.99
N LEU B 539 10.98 7.53 46.21
CA LEU B 539 10.76 8.86 45.66
C LEU B 539 9.59 8.85 44.70
N THR B 540 9.45 7.80 43.88
CA THR B 540 8.33 7.71 42.96
C THR B 540 7.02 7.60 43.72
N HIS B 541 6.96 6.71 44.71
CA HIS B 541 5.77 6.57 45.54
C HIS B 541 5.36 7.92 46.14
N LYS B 542 6.31 8.61 46.76
CA LYS B 542 6.04 9.90 47.39
C LYS B 542 5.52 10.91 46.37
N THR B 543 6.26 11.11 45.27
CA THR B 543 5.90 12.14 44.30
C THR B 543 4.54 11.87 43.69
N PHE B 544 4.24 10.62 43.38
CA PHE B 544 2.99 10.37 42.67
C PHE B 544 1.80 10.31 43.61
N GLU B 545 2.01 9.95 44.88
CA GLU B 545 0.97 10.18 45.88
C GLU B 545 0.64 11.65 45.98
N ALA B 546 1.67 12.50 46.07
CA ALA B 546 1.44 13.94 46.11
C ALA B 546 0.62 14.40 44.91
N ILE B 547 1.04 13.98 43.71
CA ILE B 547 0.38 14.42 42.49
C ILE B 547 -1.09 14.01 42.51
N GLN B 548 -1.36 12.73 42.73
CA GLN B 548 -2.74 12.25 42.64
C GLN B 548 -3.63 12.87 43.71
N TYR B 549 -3.11 12.99 44.94
CA TYR B 549 -3.92 13.56 46.01
C TYR B 549 -4.23 15.02 45.76
N TYR B 550 -3.25 15.81 45.31
CA TYR B 550 -3.51 17.21 45.03
C TYR B 550 -4.48 17.37 43.87
N LEU B 551 -4.38 16.52 42.85
CA LEU B 551 -5.35 16.59 41.75
C LEU B 551 -6.75 16.30 42.25
N LEU B 552 -6.92 15.23 43.03
CA LEU B 552 -8.25 14.89 43.53
C LEU B 552 -8.79 15.99 44.45
N LYS B 553 -7.94 16.58 45.28
CA LYS B 553 -8.41 17.62 46.19
C LYS B 553 -8.84 18.87 45.43
N ALA B 554 -8.08 19.26 44.41
CA ALA B 554 -8.46 20.42 43.60
C ALA B 554 -9.75 20.15 42.85
N SER B 555 -9.91 18.94 42.30
CA SER B 555 -11.14 18.62 41.60
C SER B 555 -12.32 18.57 42.56
N ASN B 556 -12.09 18.17 43.81
CA ASN B 556 -13.18 18.16 44.79
C ASN B 556 -13.58 19.58 45.16
N GLU B 557 -12.61 20.48 45.33
CA GLU B 557 -12.95 21.88 45.56
C GLU B 557 -13.76 22.44 44.39
N LEU B 558 -13.34 22.12 43.16
CA LEU B 558 -14.06 22.63 42.00
C LEU B 558 -15.46 22.04 41.91
N ALA B 559 -15.62 20.78 42.30
CA ALA B 559 -16.94 20.16 42.29
C ALA B 559 -17.84 20.77 43.35
N LYS B 560 -17.31 21.03 44.54
CA LYS B 560 -18.07 21.75 45.56
C LYS B 560 -18.52 23.10 45.03
N GLU B 561 -17.63 23.80 44.32
CA GLU B 561 -17.96 25.16 43.90
C GLU B 561 -18.97 25.19 42.76
N GLN B 562 -18.84 24.29 41.77
CA GLN B 562 -19.66 24.36 40.56
C GLN B 562 -20.24 23.00 40.20
N GLY B 563 -20.78 22.28 41.18
CA GLY B 563 -21.47 21.04 40.90
C GLY B 563 -20.58 19.89 40.48
N ALA B 564 -21.14 18.69 40.39
CA ALA B 564 -20.39 17.51 40.00
C ALA B 564 -20.49 17.31 38.49
N CYS B 565 -20.03 16.13 37.99
CA CYS B 565 -20.11 15.76 36.60
C CYS B 565 -21.39 14.99 36.32
N PRO B 566 -21.96 15.13 35.13
CA PRO B 566 -23.32 14.61 34.90
C PRO B 566 -23.41 13.10 34.72
N TRP B 567 -22.32 12.37 34.96
CA TRP B 567 -22.33 10.91 34.90
C TRP B 567 -21.58 10.27 36.07
N PHE B 568 -21.42 10.98 37.18
CA PHE B 568 -20.70 10.44 38.33
C PHE B 568 -21.29 9.12 38.81
N ASN B 569 -22.60 8.94 38.67
CA ASN B 569 -23.19 7.69 39.15
C ASN B 569 -22.70 6.47 38.37
N GLU B 570 -21.80 6.64 37.40
CA GLU B 570 -21.21 5.52 36.68
C GLU B 570 -19.72 5.37 36.93
N THR B 571 -19.16 6.10 37.90
CA THR B 571 -17.74 5.96 38.19
C THR B 571 -17.54 5.01 39.36
N THR B 572 -16.29 4.83 39.75
CA THR B 572 -15.92 4.05 40.92
C THR B 572 -15.40 4.95 42.04
N TYR B 573 -15.61 6.26 41.90
CA TYR B 573 -15.30 7.21 42.96
C TYR B 573 -16.54 7.65 43.72
N ALA B 574 -17.71 7.14 43.36
CA ALA B 574 -18.93 7.41 44.12
C ALA B 574 -19.09 6.41 45.25
N LYS B 575 -18.87 5.12 44.95
CA LYS B 575 -18.89 4.09 45.98
C LYS B 575 -17.73 4.22 46.96
N GLY B 576 -16.87 5.21 46.80
CA GLY B 576 -15.76 5.43 47.72
C GLY B 576 -14.65 4.40 47.60
N ILE B 577 -14.01 4.34 46.44
CA ILE B 577 -12.84 3.49 46.22
C ILE B 577 -11.78 4.34 45.54
N LEU B 578 -10.55 4.24 46.02
CA LEU B 578 -9.47 5.10 45.55
C LEU B 578 -8.34 4.26 44.93
N PRO B 579 -7.41 4.89 44.21
CA PRO B 579 -6.27 4.11 43.68
C PRO B 579 -5.48 3.40 44.77
N ILE B 580 -5.27 4.05 45.91
CA ILE B 580 -4.63 3.37 47.03
C ILE B 580 -5.54 2.29 47.60
N ASP B 581 -6.83 2.32 47.27
CA ASP B 581 -7.73 1.28 47.74
C ASP B 581 -7.73 0.07 46.83
N THR B 582 -7.46 0.26 45.53
CA THR B 582 -7.59 -0.83 44.57
C THR B 582 -6.31 -1.11 43.77
N TYR B 583 -5.15 -0.63 44.21
CA TYR B 583 -3.91 -0.92 43.50
C TYR B 583 -3.58 -2.42 43.58
N LYS B 584 -2.56 -2.82 42.83
CA LYS B 584 -2.19 -4.23 42.72
C LYS B 584 -1.23 -4.62 43.85
N LYS B 585 -1.61 -5.65 44.61
CA LYS B 585 -0.93 -5.96 45.85
C LYS B 585 0.54 -6.33 45.63
N ASP B 586 0.88 -6.85 44.45
CA ASP B 586 2.26 -7.22 44.18
C ASP B 586 3.19 -6.01 44.15
N LEU B 587 2.66 -4.80 44.24
CA LEU B 587 3.49 -3.61 44.40
C LEU B 587 3.96 -3.42 45.83
N ASP B 588 3.64 -4.35 46.73
CA ASP B 588 4.04 -4.21 48.13
C ASP B 588 5.51 -4.58 48.31
N THR B 589 5.96 -5.68 47.70
CA THR B 589 7.30 -6.19 47.94
C THR B 589 8.39 -5.32 47.33
N ILE B 590 8.05 -4.34 46.49
CA ILE B 590 9.03 -3.52 45.80
C ILE B 590 8.99 -2.07 46.24
N ALA B 591 8.22 -1.76 47.28
CA ALA B 591 8.14 -0.38 47.77
C ALA B 591 7.68 -0.42 49.22
N ASN B 592 8.26 0.45 50.05
CA ASN B 592 7.95 0.46 51.48
C ASN B 592 7.67 1.86 52.00
N GLU B 593 7.39 2.81 51.12
CA GLU B 593 7.06 4.14 51.63
C GLU B 593 5.58 4.18 52.02
N PRO B 594 5.25 4.78 53.17
CA PRO B 594 3.86 4.84 53.60
C PRO B 594 3.13 6.03 52.99
N LEU B 595 1.81 6.00 53.12
CA LEU B 595 0.97 7.08 52.61
C LEU B 595 1.08 8.31 53.52
N HIS B 596 1.27 9.48 52.90
CA HIS B 596 1.45 10.71 53.64
C HIS B 596 0.13 11.42 53.94
N TYR B 597 -0.67 11.68 52.90
CA TYR B 597 -1.73 12.66 52.98
C TYR B 597 -3.03 12.05 53.49
N ASP B 598 -3.98 12.93 53.84
CA ASP B 598 -5.22 12.57 54.54
C ASP B 598 -6.22 11.95 53.54
N TRP B 599 -5.87 10.74 53.11
CA TRP B 599 -6.62 10.10 52.04
C TRP B 599 -8.02 9.69 52.48
N GLU B 600 -8.21 9.32 53.75
CA GLU B 600 -9.54 8.92 54.19
C GLU B 600 -10.47 10.13 54.28
N ALA B 601 -9.96 11.28 54.74
CA ALA B 601 -10.77 12.49 54.75
C ALA B 601 -11.12 12.93 53.34
N LEU B 602 -10.15 12.88 52.43
CA LEU B 602 -10.49 13.17 51.03
C LEU B 602 -11.53 12.20 50.50
N ARG B 603 -11.44 10.93 50.90
CA ARG B 603 -12.39 9.92 50.43
C ARG B 603 -13.80 10.25 50.89
N GLU B 604 -13.96 10.56 52.18
CA GLU B 604 -15.30 10.89 52.67
C GLU B 604 -15.81 12.19 52.04
N SER B 605 -14.91 13.14 51.77
CA SER B 605 -15.33 14.39 51.13
C SER B 605 -15.88 14.14 49.74
N ILE B 606 -15.16 13.36 48.92
CA ILE B 606 -15.64 13.09 47.58
C ILE B 606 -16.86 12.17 47.62
N LYS B 607 -16.97 11.33 48.64
CA LYS B 607 -18.18 10.54 48.81
C LYS B 607 -19.39 11.44 49.02
N THR B 608 -19.27 12.44 49.89
CA THR B 608 -20.42 13.30 50.17
C THR B 608 -20.75 14.21 48.99
N HIS B 609 -19.73 14.76 48.33
CA HIS B 609 -19.97 15.77 47.30
C HIS B 609 -19.88 15.22 45.88
N GLY B 610 -18.75 14.64 45.52
CA GLY B 610 -18.50 14.21 44.16
C GLY B 610 -17.32 14.93 43.54
N LEU B 611 -16.92 14.42 42.38
CA LEU B 611 -15.81 15.00 41.63
C LEU B 611 -16.33 15.79 40.44
N ARG B 612 -15.56 16.80 40.04
CA ARG B 612 -15.87 17.55 38.83
C ARG B 612 -15.43 16.80 37.59
N ASN B 613 -14.15 16.45 37.53
CA ASN B 613 -13.58 15.73 36.40
C ASN B 613 -13.44 14.27 36.78
N SER B 614 -14.07 13.38 36.02
CA SER B 614 -14.16 11.98 36.38
C SER B 614 -12.83 11.25 36.29
N THR B 615 -11.87 11.82 35.56
CA THR B 615 -10.55 11.20 35.43
C THR B 615 -9.50 12.29 35.48
N LEU B 616 -8.66 12.29 36.52
CA LEU B 616 -7.70 13.36 36.71
C LEU B 616 -6.38 13.11 35.99
N SER B 617 -5.70 12.02 36.32
CA SER B 617 -4.29 11.86 35.99
C SER B 617 -4.10 10.84 34.87
N ALA B 618 -3.03 11.05 34.10
CA ALA B 618 -2.57 10.18 33.03
C ALA B 618 -1.20 10.66 32.59
N LEU B 619 -0.26 9.73 32.42
CA LEU B 619 1.11 10.05 32.09
C LEU B 619 1.33 9.94 30.58
N MET B 620 1.97 10.95 30.00
CA MET B 620 2.03 11.16 28.57
C MET B 620 3.46 11.06 28.06
N PRO B 621 3.65 10.63 26.81
CA PRO B 621 5.00 10.71 26.22
C PRO B 621 5.54 12.12 26.14
N SER B 622 4.71 13.07 25.72
CA SER B 622 5.07 14.48 25.71
C SER B 622 6.31 14.74 24.86
N GLU B 623 6.24 14.33 23.59
CA GLU B 623 7.38 14.44 22.70
C GLU B 623 7.66 15.89 22.33
N THR B 624 6.66 16.59 21.80
CA THR B 624 6.88 17.94 21.31
C THR B 624 6.74 18.99 22.42
N SER B 625 5.64 18.93 23.16
CA SER B 625 5.34 19.97 24.14
C SER B 625 6.41 20.10 25.21
N SER B 626 7.21 19.06 25.44
CA SER B 626 8.24 19.12 26.46
C SER B 626 9.54 19.74 25.97
N GLN B 627 9.59 20.25 24.76
CA GLN B 627 10.81 20.86 24.26
C GLN B 627 10.88 22.36 24.54
N ILE B 628 9.73 23.04 24.57
CA ILE B 628 9.72 24.46 24.90
C ILE B 628 10.22 24.67 26.32
N SER B 629 9.88 23.75 27.23
CA SER B 629 10.36 23.81 28.59
C SER B 629 11.83 23.39 28.72
N ASN B 630 12.47 23.00 27.63
CA ASN B 630 13.83 22.44 27.65
C ASN B 630 13.91 21.27 28.62
N ALA B 631 12.83 20.53 28.73
CA ALA B 631 12.70 19.46 29.71
C ALA B 631 13.07 18.12 29.10
N THR B 632 12.80 17.05 29.85
CA THR B 632 12.97 15.69 29.40
C THR B 632 11.59 15.09 29.13
N ASN B 633 11.49 14.31 28.06
CA ASN B 633 10.18 13.93 27.53
C ASN B 633 9.46 12.92 28.42
N GLY B 634 9.21 13.28 29.67
CA GLY B 634 8.33 12.51 30.53
C GLY B 634 9.09 11.58 31.47
N ILE B 635 8.67 10.32 31.51
CA ILE B 635 9.23 9.34 32.44
C ILE B 635 10.39 8.61 31.77
N GLU B 636 10.84 9.10 30.65
CA GLU B 636 11.91 8.42 29.96
C GLU B 636 13.24 9.10 30.25
N PRO B 637 14.33 8.35 30.26
CA PRO B 637 15.64 8.96 30.44
C PRO B 637 16.18 9.43 29.11
N PRO B 638 17.08 10.42 29.11
CA PRO B 638 17.61 10.93 27.84
C PRO B 638 18.49 9.90 27.13
N ARG B 639 19.01 10.26 25.97
CA ARG B 639 19.88 9.38 25.22
C ARG B 639 21.28 9.94 25.00
N GLY B 640 21.55 11.15 25.50
CA GLY B 640 22.87 11.74 25.37
C GLY B 640 22.89 13.13 25.96
N TYR B 641 24.04 13.56 26.48
CA TYR B 641 24.15 14.87 27.09
C TYR B 641 23.94 15.97 26.06
N VAL B 642 23.87 15.61 24.78
CA VAL B 642 23.33 16.46 23.74
C VAL B 642 22.44 15.58 22.88
N SER B 643 21.13 15.64 23.13
CA SER B 643 20.21 14.76 22.42
C SER B 643 19.69 15.45 21.16
N ILE B 644 19.47 14.65 20.11
CA ILE B 644 19.01 15.16 18.84
C ILE B 644 17.57 14.72 18.63
N LYS B 645 16.66 15.68 18.66
CA LYS B 645 15.24 15.44 18.45
C LYS B 645 14.92 15.68 16.98
N ALA B 646 14.27 14.71 16.35
CA ALA B 646 14.08 14.76 14.90
C ALA B 646 12.61 14.87 14.52
N SER B 647 12.16 16.08 14.18
CA SER B 647 10.82 16.27 13.68
C SER B 647 10.85 16.97 12.33
N LYS B 648 9.69 17.04 11.68
CA LYS B 648 9.57 17.67 10.37
C LYS B 648 9.86 19.17 10.41
N ASP B 649 10.14 19.72 11.59
CA ASP B 649 10.49 21.13 11.73
C ASP B 649 11.99 21.32 11.95
N GLY B 650 12.79 20.39 11.45
CA GLY B 650 14.23 20.46 11.57
C GLY B 650 14.76 19.59 12.69
N ILE B 651 15.92 18.97 12.48
CA ILE B 651 16.56 18.21 13.54
C ILE B 651 17.21 19.18 14.51
N LEU B 652 17.09 18.90 15.80
CA LEU B 652 17.39 19.90 16.83
C LEU B 652 18.31 19.31 17.88
N ARG B 653 19.35 20.05 18.24
CA ARG B 653 20.20 19.70 19.36
C ARG B 653 19.62 20.27 20.63
N GLN B 654 19.70 19.49 21.72
CA GLN B 654 19.09 19.86 22.98
C GLN B 654 19.97 19.37 24.11
N VAL B 655 20.49 20.30 24.90
CA VAL B 655 21.33 19.96 26.04
C VAL B 655 20.41 19.60 27.21
N VAL B 656 20.64 18.44 27.80
CA VAL B 656 19.85 18.04 28.98
C VAL B 656 20.02 19.09 30.06
N PRO B 657 18.97 19.40 30.83
CA PRO B 657 19.03 20.60 31.68
C PRO B 657 20.10 20.48 32.77
N ASP B 658 20.72 21.62 33.07
CA ASP B 658 21.78 21.73 34.06
C ASP B 658 22.85 20.66 33.83
N TYR B 659 23.25 20.51 32.57
CA TYR B 659 24.27 19.51 32.23
C TYR B 659 25.60 19.82 32.90
N GLU B 660 25.95 21.10 32.98
CA GLU B 660 27.24 21.49 33.55
C GLU B 660 27.34 21.20 35.03
N HIS B 661 26.23 20.93 35.70
CA HIS B 661 26.24 20.53 37.11
C HIS B 661 25.75 19.11 37.33
N LEU B 662 25.23 18.44 36.30
CA LEU B 662 24.77 17.07 36.44
C LEU B 662 25.33 16.17 35.34
N HIS B 663 26.55 16.45 34.88
CA HIS B 663 27.17 15.65 33.83
C HIS B 663 27.73 14.33 34.34
N ASP B 664 27.39 13.92 35.57
CA ASP B 664 27.80 12.63 36.09
C ASP B 664 26.70 11.92 36.86
N ALA B 665 25.49 12.47 36.92
CA ALA B 665 24.42 11.92 37.74
C ALA B 665 23.24 11.37 36.94
N TYR B 666 23.16 11.65 35.65
CA TYR B 666 22.10 11.09 34.83
C TYR B 666 22.35 9.61 34.59
N GLU B 667 21.39 8.95 33.94
CA GLU B 667 21.52 7.56 33.52
C GLU B 667 20.88 7.45 32.14
N LEU B 668 21.70 7.58 31.10
CA LEU B 668 21.19 7.59 29.74
C LEU B 668 20.59 6.24 29.38
N LEU B 669 19.67 6.27 28.41
CA LEU B 669 18.90 5.08 28.05
C LEU B 669 19.78 3.90 27.73
N TRP B 670 21.00 4.14 27.25
CA TRP B 670 21.92 3.08 26.84
C TRP B 670 23.01 2.85 27.87
N GLU B 671 22.68 2.97 29.16
CA GLU B 671 23.57 2.57 30.24
C GLU B 671 22.89 1.68 31.28
N MET B 672 21.58 1.68 31.37
CA MET B 672 20.89 0.81 32.31
C MET B 672 21.16 -0.65 31.95
N PRO B 673 21.44 -1.50 32.94
CA PRO B 673 21.62 -2.93 32.63
C PRO B 673 20.38 -3.60 32.09
N GLY B 674 19.23 -2.97 32.21
CA GLY B 674 18.00 -3.55 31.70
C GLY B 674 16.85 -2.61 31.91
N ASN B 675 15.64 -3.16 31.82
CA ASN B 675 14.42 -2.38 31.96
C ASN B 675 13.60 -2.78 33.17
N ASP B 676 14.19 -3.50 34.13
CA ASP B 676 13.43 -3.98 35.27
C ASP B 676 13.20 -2.88 36.31
N GLY B 677 14.24 -2.11 36.64
CA GLY B 677 14.03 -0.97 37.51
C GLY B 677 13.04 0.03 36.95
N TYR B 678 13.11 0.26 35.64
CA TYR B 678 12.18 1.20 35.02
C TYR B 678 10.76 0.63 34.97
N LEU B 679 10.63 -0.68 34.76
CA LEU B 679 9.31 -1.30 34.83
C LEU B 679 8.73 -1.23 36.24
N GLN B 680 9.58 -1.30 37.27
CA GLN B 680 9.07 -1.17 38.63
C GLN B 680 8.63 0.26 38.93
N LEU B 681 9.44 1.24 38.50
CA LEU B 681 9.02 2.64 38.63
C LEU B 681 7.68 2.87 37.94
N VAL B 682 7.52 2.31 36.74
CA VAL B 682 6.27 2.48 36.00
C VAL B 682 5.12 1.77 36.70
N GLY B 683 5.39 0.62 37.32
CA GLY B 683 4.35 -0.05 38.09
C GLY B 683 3.84 0.80 39.24
N ILE B 684 4.76 1.44 39.97
CA ILE B 684 4.35 2.30 41.08
C ILE B 684 3.55 3.50 40.56
N MET B 685 4.06 4.16 39.53
CA MET B 685 3.33 5.26 38.91
C MET B 685 1.91 4.84 38.54
N GLN B 686 1.79 3.70 37.84
CA GLN B 686 0.49 3.19 37.42
C GLN B 686 -0.41 2.92 38.62
N LYS B 687 0.16 2.43 39.72
CA LYS B 687 -0.62 2.27 40.94
C LYS B 687 -1.24 3.59 41.38
N PHE B 688 -0.45 4.66 41.33
CA PHE B 688 -0.96 5.93 41.86
C PHE B 688 -1.70 6.78 40.84
N ILE B 689 -1.74 6.38 39.57
CA ILE B 689 -2.35 7.17 38.51
C ILE B 689 -3.58 6.45 38.00
N ASP B 690 -4.64 7.21 37.76
CA ASP B 690 -5.97 6.65 37.46
C ASP B 690 -5.97 5.77 36.22
N GLN B 691 -5.66 6.33 35.07
CA GLN B 691 -5.74 5.60 33.81
C GLN B 691 -4.34 5.25 33.32
N SER B 692 -4.26 4.72 32.10
CA SER B 692 -3.07 4.02 31.61
C SER B 692 -1.84 4.93 31.62
N ILE B 693 -0.69 4.30 31.41
CA ILE B 693 0.60 4.98 31.32
C ILE B 693 1.34 4.42 30.11
N SER B 694 1.98 5.30 29.35
CA SER B 694 2.72 4.90 28.14
C SER B 694 4.14 4.57 28.55
N ALA B 695 4.46 3.29 28.60
CA ALA B 695 5.77 2.80 29.05
C ALA B 695 6.47 2.11 27.91
N ASN B 696 7.77 2.40 27.74
CA ASN B 696 8.56 1.81 26.67
C ASN B 696 9.33 0.60 27.20
N THR B 697 10.06 -0.04 26.30
CA THR B 697 11.04 -1.06 26.65
C THR B 697 12.32 -0.79 25.87
N ASN B 698 13.43 -1.28 26.39
CA ASN B 698 14.73 -1.07 25.78
C ASN B 698 15.43 -2.42 25.63
N TYR B 699 16.22 -2.55 24.56
CA TYR B 699 16.92 -3.80 24.26
C TYR B 699 18.14 -3.48 23.43
N ASP B 700 19.32 -3.76 23.98
CA ASP B 700 20.59 -3.48 23.31
C ASP B 700 21.35 -4.80 23.14
N PRO B 701 21.40 -5.36 21.93
CA PRO B 701 22.11 -6.64 21.75
C PRO B 701 23.56 -6.61 22.21
N SER B 702 24.19 -5.44 22.21
CA SER B 702 25.57 -5.31 22.67
C SER B 702 25.73 -5.59 24.16
N ARG B 703 24.65 -5.91 24.86
CA ARG B 703 24.71 -6.34 26.26
C ARG B 703 24.26 -7.79 26.39
N PHE B 704 24.44 -8.59 25.35
CA PHE B 704 24.05 -9.99 25.38
C PHE B 704 25.10 -10.82 24.67
N PRO B 705 25.25 -12.09 25.04
CA PRO B 705 26.19 -12.96 24.33
C PRO B 705 25.64 -13.37 22.98
N SER B 706 26.55 -13.48 22.00
CA SER B 706 26.24 -13.86 20.62
C SER B 706 25.36 -12.82 19.93
N GLY B 707 25.43 -11.56 20.36
CA GLY B 707 24.77 -10.46 19.68
C GLY B 707 23.27 -10.56 19.54
N LYS B 708 22.69 -11.62 20.10
CA LYS B 708 21.26 -11.86 20.01
C LYS B 708 20.52 -11.05 21.06
N VAL B 709 19.20 -11.19 21.08
CA VAL B 709 18.37 -10.75 22.19
C VAL B 709 17.45 -11.91 22.53
N PRO B 710 17.55 -12.50 23.73
CA PRO B 710 16.82 -13.74 24.01
C PRO B 710 15.32 -13.50 24.13
N MET B 711 14.55 -14.27 23.35
CA MET B 711 13.10 -14.24 23.49
C MET B 711 12.67 -14.57 24.91
N GLN B 712 13.48 -15.36 25.62
CA GLN B 712 13.24 -15.55 27.05
C GLN B 712 13.26 -14.23 27.78
N GLN B 713 14.22 -13.35 27.46
CA GLN B 713 14.27 -12.06 28.13
C GLN B 713 13.10 -11.19 27.71
N LEU B 714 12.72 -11.23 26.44
CA LEU B 714 11.55 -10.47 26.00
C LEU B 714 10.30 -10.89 26.77
N LEU B 715 10.04 -12.21 26.82
CA LEU B 715 8.85 -12.70 27.51
C LEU B 715 8.93 -12.46 29.01
N LYS B 716 10.13 -12.51 29.60
CA LYS B 716 10.25 -12.23 31.02
C LYS B 716 9.96 -10.78 31.33
N ASP B 717 10.43 -9.86 30.49
CA ASP B 717 10.11 -8.46 30.70
C ASP B 717 8.62 -8.19 30.53
N LEU B 718 7.99 -8.85 29.55
CA LEU B 718 6.56 -8.70 29.37
C LEU B 718 5.79 -9.22 30.60
N LEU B 719 6.14 -10.41 31.08
CA LEU B 719 5.43 -10.99 32.21
C LEU B 719 5.70 -10.22 33.49
N THR B 720 6.87 -9.60 33.62
CA THR B 720 7.13 -8.75 34.78
C THR B 720 6.31 -7.47 34.71
N ALA B 721 6.27 -6.84 33.54
CA ALA B 721 5.42 -5.66 33.38
C ALA B 721 3.96 -5.98 33.65
N TYR B 722 3.55 -7.23 33.44
CA TYR B 722 2.19 -7.59 33.80
C TYR B 722 2.05 -7.88 35.29
N LYS B 723 3.04 -8.55 35.87
CA LYS B 723 2.94 -8.97 37.27
C LYS B 723 3.00 -7.78 38.22
N PHE B 724 3.74 -6.74 37.87
CA PHE B 724 3.88 -5.60 38.75
C PHE B 724 2.86 -4.51 38.47
N GLY B 725 1.80 -4.83 37.73
CA GLY B 725 0.70 -3.92 37.53
C GLY B 725 1.00 -2.76 36.59
N VAL B 726 1.31 -3.06 35.33
CA VAL B 726 1.50 -2.06 34.29
C VAL B 726 0.49 -2.36 33.18
N LYS B 727 -0.37 -1.39 32.88
CA LYS B 727 -1.48 -1.64 31.99
C LYS B 727 -1.03 -1.87 30.55
N THR B 728 -0.10 -1.05 30.06
CA THR B 728 0.28 -1.08 28.65
C THR B 728 1.79 -0.99 28.50
N LEU B 729 2.25 -1.36 27.31
CA LEU B 729 3.65 -1.26 26.91
C LEU B 729 3.69 -0.57 25.55
N TYR B 730 4.37 0.57 25.49
CA TYR B 730 4.32 1.46 24.31
C TYR B 730 5.35 1.10 23.25
N TYR B 731 6.64 1.32 23.53
CA TYR B 731 7.67 1.18 22.49
C TYR B 731 8.52 -0.07 22.69
N GLN B 732 9.44 -0.26 21.75
CA GLN B 732 10.47 -1.29 21.81
C GLN B 732 11.77 -0.73 21.22
N ASN B 733 12.17 0.47 21.68
CA ASN B 733 13.38 1.11 21.15
C ASN B 733 14.55 0.13 21.11
N THR B 734 15.02 -0.16 19.89
CA THR B 734 16.08 -1.14 19.66
C THR B 734 17.33 -0.42 19.19
N ARG B 735 18.44 -0.65 19.87
CA ARG B 735 19.69 -0.05 19.45
C ARG B 735 20.25 -0.77 18.23
N ASP B 736 21.21 -0.11 17.57
CA ASP B 736 21.95 -0.70 16.46
C ASP B 736 23.26 0.06 16.33
N GLY B 737 24.38 -0.64 16.45
CA GLY B 737 25.66 0.01 16.53
C GLY B 737 26.13 0.64 15.23
N ALA B 738 25.32 1.54 14.67
CA ALA B 738 25.68 2.26 13.46
C ALA B 738 26.56 3.44 13.85
N GLU B 739 27.84 3.16 14.03
CA GLU B 739 28.81 4.17 14.45
C GLU B 739 29.64 4.62 13.26
N ASP B 740 29.74 5.95 13.11
CA ASP B 740 30.63 6.55 12.12
C ASP B 740 30.96 7.95 12.64
N ALA B 741 32.16 8.10 13.21
CA ALA B 741 32.46 9.30 13.99
C ALA B 741 32.59 10.53 13.10
N GLN B 742 33.55 10.52 12.18
CA GLN B 742 33.89 11.70 11.39
C GLN B 742 34.15 12.91 12.28
N ALA C 2 42.17 -23.18 -13.56
CA ALA C 2 40.82 -23.18 -14.09
C ALA C 2 39.80 -22.95 -12.97
N TYR C 3 38.55 -22.75 -13.35
CA TYR C 3 37.48 -22.54 -12.39
C TYR C 3 36.48 -23.69 -12.42
N THR C 4 35.94 -24.00 -11.25
CA THR C 4 34.88 -24.99 -11.11
C THR C 4 34.05 -24.61 -9.89
N THR C 5 32.76 -24.91 -9.95
CA THR C 5 31.85 -24.51 -8.88
C THR C 5 31.86 -25.46 -7.70
N PHE C 6 32.53 -26.62 -7.81
CA PHE C 6 32.69 -27.51 -6.68
C PHE C 6 33.91 -28.39 -6.95
N SER C 7 34.97 -28.19 -6.17
CA SER C 7 36.17 -28.99 -6.29
C SER C 7 36.10 -30.15 -5.31
N GLN C 8 36.43 -31.36 -5.79
CA GLN C 8 36.32 -32.54 -4.96
C GLN C 8 37.50 -32.72 -4.01
N THR C 9 38.58 -31.99 -4.21
CA THR C 9 39.75 -32.11 -3.35
C THR C 9 39.47 -31.47 -1.99
N LYS C 10 39.39 -32.28 -0.94
CA LYS C 10 39.10 -31.78 0.38
C LYS C 10 40.27 -30.98 0.93
N ASN C 11 39.96 -29.96 1.71
CA ASN C 11 40.98 -29.10 2.28
C ASN C 11 40.40 -28.41 3.51
N ASP C 12 41.26 -28.19 4.50
CA ASP C 12 40.86 -27.47 5.71
C ASP C 12 40.69 -26.00 5.37
N GLN C 13 39.45 -25.54 5.28
CA GLN C 13 39.17 -24.16 4.90
C GLN C 13 39.63 -23.16 5.93
N LEU C 14 40.26 -23.61 7.02
CA LEU C 14 40.88 -22.73 8.00
C LEU C 14 42.32 -22.39 7.65
N LYS C 15 42.89 -23.04 6.63
CA LYS C 15 44.28 -22.81 6.25
C LYS C 15 44.43 -22.27 4.83
N GLU C 16 43.32 -22.01 4.13
CA GLU C 16 43.42 -21.48 2.78
C GLU C 16 43.51 -19.95 2.81
N PRO C 17 44.24 -19.35 1.88
CA PRO C 17 44.38 -17.89 1.87
C PRO C 17 43.06 -17.21 1.56
N MET C 18 43.08 -15.88 1.68
CA MET C 18 41.89 -15.10 1.36
C MET C 18 41.53 -15.26 -0.12
N PHE C 19 42.41 -14.83 -1.01
CA PHE C 19 42.20 -14.90 -2.44
C PHE C 19 43.14 -15.90 -3.09
N PHE C 20 42.73 -16.38 -4.27
CA PHE C 20 43.52 -17.20 -5.20
C PHE C 20 43.69 -18.65 -4.75
N GLY C 21 43.04 -19.08 -3.67
CA GLY C 21 43.15 -20.45 -3.24
C GLY C 21 42.36 -21.40 -4.10
N GLN C 22 41.85 -22.46 -3.50
CA GLN C 22 41.10 -23.47 -4.23
C GLN C 22 39.65 -23.02 -4.41
N PRO C 23 39.03 -23.34 -5.55
CA PRO C 23 37.58 -23.15 -5.67
C PRO C 23 36.84 -23.79 -4.51
N VAL C 24 35.95 -23.01 -3.90
CA VAL C 24 35.48 -23.30 -2.56
C VAL C 24 34.55 -24.51 -2.57
N ASN C 25 34.66 -25.33 -1.53
CA ASN C 25 33.77 -26.46 -1.29
C ASN C 25 32.47 -25.97 -0.66
N VAL C 26 31.69 -26.90 -0.10
CA VAL C 26 30.44 -26.53 0.57
C VAL C 26 30.68 -25.40 1.56
N ALA C 27 29.69 -24.53 1.70
CA ALA C 27 29.79 -23.35 2.55
C ALA C 27 29.27 -23.68 3.94
N ARG C 28 30.08 -23.39 4.96
CA ARG C 28 29.74 -23.64 6.34
C ARG C 28 30.09 -22.42 7.17
N TYR C 29 29.37 -22.23 8.28
CA TYR C 29 29.50 -21.01 9.08
C TYR C 29 29.73 -21.33 10.55
N ASP C 30 30.46 -22.40 10.85
CA ASP C 30 30.78 -22.77 12.22
C ASP C 30 32.27 -22.62 12.51
N GLN C 31 33.12 -23.27 11.71
CA GLN C 31 34.56 -23.11 11.82
C GLN C 31 34.96 -21.99 10.87
N GLN C 32 35.01 -20.77 11.39
CA GLN C 32 35.25 -19.59 10.59
C GLN C 32 36.66 -19.07 10.80
N LYS C 33 37.36 -18.79 9.70
CA LYS C 33 38.75 -18.33 9.80
C LYS C 33 38.80 -16.89 10.32
N TYR C 34 38.20 -15.96 9.59
CA TYR C 34 38.10 -14.57 10.02
C TYR C 34 36.69 -14.30 10.52
N ASP C 35 36.59 -13.49 11.58
CA ASP C 35 35.32 -13.20 12.19
C ASP C 35 34.64 -11.96 11.64
N ILE C 36 35.42 -11.01 11.10
CA ILE C 36 34.85 -9.74 10.68
C ILE C 36 33.83 -9.95 9.55
N PHE C 37 34.14 -10.84 8.61
CA PHE C 37 33.24 -11.00 7.47
C PHE C 37 31.95 -11.71 7.87
N GLU C 38 32.03 -12.67 8.79
CA GLU C 38 30.80 -13.30 9.28
C GLU C 38 29.97 -12.32 10.09
N LYS C 39 30.62 -11.48 10.89
CA LYS C 39 29.90 -10.44 11.62
C LYS C 39 29.19 -9.49 10.66
N LEU C 40 29.84 -9.12 9.55
CA LEU C 40 29.20 -8.22 8.60
C LEU C 40 28.06 -8.91 7.87
N ILE C 41 28.21 -10.18 7.54
CA ILE C 41 27.11 -10.94 6.95
C ILE C 41 25.89 -10.90 7.86
N GLU C 42 26.11 -11.15 9.16
CA GLU C 42 24.98 -11.14 10.09
C GLU C 42 24.37 -9.74 10.21
N LYS C 43 25.22 -8.72 10.29
CA LYS C 43 24.70 -7.36 10.44
C LYS C 43 23.86 -6.95 9.23
N GLN C 44 24.31 -7.28 8.02
CA GLN C 44 23.54 -6.90 6.84
C GLN C 44 22.38 -7.84 6.56
N LEU C 45 22.35 -9.01 7.18
CA LEU C 45 21.11 -9.78 7.16
C LEU C 45 20.10 -9.20 8.15
N SER C 46 20.57 -8.52 9.19
CA SER C 46 19.68 -7.89 10.16
C SER C 46 19.35 -6.44 9.84
N PHE C 47 20.01 -5.84 8.87
CA PHE C 47 19.74 -4.45 8.47
C PHE C 47 18.74 -4.38 7.32
N PHE C 48 17.99 -5.45 7.06
CA PHE C 48 17.16 -5.52 5.86
C PHE C 48 16.08 -4.45 5.87
N TRP C 49 15.91 -3.78 4.73
CA TRP C 49 14.90 -2.74 4.62
C TRP C 49 14.49 -2.61 3.15
N ARG C 50 13.19 -2.72 2.90
CA ARG C 50 12.65 -2.40 1.60
C ARG C 50 12.47 -0.89 1.48
N PRO C 51 12.45 -0.34 0.27
CA PRO C 51 12.35 1.12 0.13
C PRO C 51 10.98 1.67 0.42
N GLU C 52 9.94 0.84 0.40
CA GLU C 52 8.57 1.31 0.61
C GLU C 52 8.18 1.13 2.09
N GLN C 53 8.86 1.88 2.93
CA GLN C 53 8.49 1.97 4.34
C GLN C 53 8.55 3.39 4.88
N VAL C 54 8.96 4.36 4.08
CA VAL C 54 9.06 5.76 4.49
C VAL C 54 8.17 6.56 3.55
N ASP C 55 6.95 6.85 3.99
CA ASP C 55 5.99 7.60 3.17
C ASP C 55 6.55 8.99 2.89
N VAL C 56 6.87 9.25 1.63
CA VAL C 56 7.51 10.49 1.22
C VAL C 56 6.50 11.47 0.59
N SER C 57 5.21 11.26 0.82
CA SER C 57 4.18 12.01 0.11
C SER C 57 4.30 13.52 0.33
N ARG C 58 4.81 13.96 1.48
CA ARG C 58 5.06 15.38 1.68
C ARG C 58 6.27 15.86 0.91
N ASP C 59 7.17 14.96 0.55
CA ASP C 59 8.42 15.37 -0.09
C ASP C 59 8.27 15.58 -1.58
N ARG C 60 7.29 14.93 -2.22
CA ARG C 60 6.93 15.33 -3.58
C ARG C 60 6.56 16.80 -3.62
N ILE C 61 5.75 17.25 -2.65
CA ILE C 61 5.36 18.65 -2.58
C ILE C 61 6.58 19.53 -2.31
N ASP C 62 7.39 19.15 -1.32
CA ASP C 62 8.57 19.96 -1.00
C ASP C 62 9.49 20.09 -2.20
N TYR C 63 9.62 19.03 -2.99
CA TYR C 63 10.51 19.06 -4.15
C TYR C 63 9.94 19.92 -5.26
N GLN C 64 8.69 19.67 -5.64
CA GLN C 64 8.07 20.43 -6.71
C GLN C 64 7.84 21.88 -6.29
N ALA C 65 8.13 22.20 -5.03
CA ALA C 65 8.11 23.59 -4.58
C ALA C 65 9.50 24.22 -4.54
N LEU C 66 10.54 23.47 -4.21
CA LEU C 66 11.88 24.05 -4.16
C LEU C 66 12.35 24.49 -5.54
N PRO C 67 13.31 25.44 -5.62
CA PRO C 67 13.65 26.05 -6.91
C PRO C 67 14.38 25.14 -7.89
N GLU C 68 14.74 25.74 -9.04
CA GLU C 68 15.20 24.98 -10.21
C GLU C 68 16.62 24.45 -10.03
N HIS C 69 17.54 25.30 -9.57
CA HIS C 69 18.91 24.84 -9.39
C HIS C 69 19.01 23.79 -8.30
N GLU C 70 18.17 23.89 -7.27
CA GLU C 70 18.16 22.86 -6.24
C GLU C 70 17.54 21.56 -6.77
N LYS C 71 16.49 21.67 -7.59
CA LYS C 71 16.00 20.51 -8.32
C LYS C 71 17.13 19.84 -9.09
N HIS C 72 17.92 20.64 -9.79
CA HIS C 72 19.06 20.13 -10.55
C HIS C 72 20.03 19.39 -9.66
N ILE C 73 20.45 20.01 -8.55
CA ILE C 73 21.38 19.38 -7.61
C ILE C 73 20.87 18.01 -7.19
N PHE C 74 19.64 17.98 -6.66
CA PHE C 74 19.08 16.73 -6.13
C PHE C 74 19.03 15.65 -7.19
N ILE C 75 18.45 15.98 -8.35
CA ILE C 75 18.24 14.94 -9.35
C ILE C 75 19.56 14.49 -9.94
N SER C 76 20.56 15.38 -10.01
CA SER C 76 21.86 14.98 -10.55
C SER C 76 22.56 14.02 -9.59
N ASN C 77 22.59 14.35 -8.31
CA ASN C 77 23.17 13.43 -7.32
C ASN C 77 22.49 12.08 -7.39
N LEU C 78 21.16 12.06 -7.49
CA LEU C 78 20.46 10.78 -7.51
C LEU C 78 20.77 9.98 -8.77
N LYS C 79 20.86 10.65 -9.92
CA LYS C 79 21.19 9.96 -11.16
C LYS C 79 22.58 9.33 -11.07
N TYR C 80 23.56 10.10 -10.59
CA TYR C 80 24.92 9.61 -10.48
C TYR C 80 25.00 8.41 -9.54
N GLN C 81 24.34 8.50 -8.38
CA GLN C 81 24.36 7.38 -7.45
C GLN C 81 23.67 6.17 -8.02
N THR C 82 22.57 6.35 -8.76
CA THR C 82 21.89 5.22 -9.38
C THR C 82 22.82 4.48 -10.33
N LEU C 83 23.51 5.23 -11.18
CA LEU C 83 24.43 4.59 -12.11
C LEU C 83 25.54 3.83 -11.37
N LEU C 84 26.18 4.50 -10.42
CA LEU C 84 27.32 3.87 -9.75
C LEU C 84 26.89 2.66 -8.92
N ASP C 85 25.68 2.67 -8.36
CA ASP C 85 25.25 1.50 -7.61
C ASP C 85 24.78 0.37 -8.50
N SER C 86 24.29 0.68 -9.71
CA SER C 86 24.15 -0.38 -10.70
C SER C 86 25.50 -1.04 -10.96
N ILE C 87 26.51 -0.22 -11.30
CA ILE C 87 27.84 -0.74 -11.60
C ILE C 87 28.39 -1.57 -10.44
N GLN C 88 28.23 -1.07 -9.21
CA GLN C 88 28.84 -1.70 -8.05
C GLN C 88 27.96 -2.76 -7.41
N GLY C 89 26.76 -2.98 -7.93
CA GLY C 89 26.00 -4.14 -7.52
C GLY C 89 26.18 -5.24 -8.54
N ARG C 90 26.71 -4.87 -9.71
CA ARG C 90 27.02 -5.87 -10.73
C ARG C 90 28.47 -6.34 -10.69
N SER C 91 29.42 -5.45 -10.37
CA SER C 91 30.84 -5.79 -10.54
C SER C 91 31.33 -6.79 -9.50
N PRO C 92 31.21 -6.53 -8.17
CA PRO C 92 31.81 -7.44 -7.18
C PRO C 92 31.61 -8.91 -7.47
N ASN C 93 30.39 -9.31 -7.79
CA ASN C 93 30.09 -10.70 -8.14
C ASN C 93 31.07 -11.24 -9.17
N VAL C 94 31.05 -10.66 -10.38
CA VAL C 94 31.80 -11.23 -11.48
C VAL C 94 33.30 -11.00 -11.37
N ALA C 95 33.73 -9.97 -10.64
CA ALA C 95 35.15 -9.70 -10.51
C ALA C 95 35.78 -10.53 -9.38
N LEU C 96 35.30 -10.35 -8.16
CA LEU C 96 35.93 -10.99 -7.01
C LEU C 96 35.41 -12.39 -6.73
N LEU C 97 34.36 -12.84 -7.41
CA LEU C 97 33.82 -14.14 -7.03
C LEU C 97 34.70 -15.31 -7.46
N PRO C 98 35.31 -15.29 -8.66
CA PRO C 98 36.22 -16.40 -9.01
C PRO C 98 37.45 -16.47 -8.14
N LEU C 99 37.89 -15.37 -7.54
CA LEU C 99 39.15 -15.32 -6.79
C LEU C 99 38.95 -15.50 -5.30
N ILE C 100 37.95 -16.25 -4.86
CA ILE C 100 37.65 -16.42 -3.44
C ILE C 100 37.98 -17.85 -3.03
N SER C 101 38.60 -18.00 -1.86
CA SER C 101 38.94 -19.30 -1.31
C SER C 101 38.25 -19.61 0.00
N ILE C 102 37.42 -18.70 0.52
CA ILE C 102 36.73 -18.94 1.79
C ILE C 102 35.24 -18.61 1.68
N PRO C 103 34.38 -19.48 2.23
CA PRO C 103 32.94 -19.30 2.02
C PRO C 103 32.38 -18.06 2.70
N GLU C 104 32.88 -17.72 3.89
CA GLU C 104 32.42 -16.50 4.53
C GLU C 104 32.65 -15.29 3.64
N LEU C 105 33.81 -15.23 3.00
CA LEU C 105 34.10 -14.08 2.14
C LEU C 105 33.24 -14.10 0.88
N GLU C 106 33.06 -15.28 0.26
CA GLU C 106 32.27 -15.27 -0.98
C GLU C 106 30.81 -14.93 -0.71
N THR C 107 30.25 -15.39 0.42
CA THR C 107 28.88 -15.01 0.71
C THR C 107 28.78 -13.57 1.21
N TRP C 108 29.82 -13.03 1.83
CA TRP C 108 29.82 -11.60 2.10
C TRP C 108 29.79 -10.81 0.80
N VAL C 109 30.51 -11.28 -0.21
CA VAL C 109 30.49 -10.61 -1.52
C VAL C 109 29.08 -10.64 -2.11
N GLU C 110 28.42 -11.80 -2.04
CA GLU C 110 27.08 -11.90 -2.63
C GLU C 110 26.07 -11.04 -1.85
N THR C 111 26.20 -10.98 -0.52
CA THR C 111 25.30 -10.14 0.26
C THR C 111 25.56 -8.66 -0.01
N TRP C 112 26.82 -8.28 -0.23
CA TRP C 112 27.13 -6.91 -0.60
C TRP C 112 26.50 -6.55 -1.95
N ALA C 113 26.57 -7.48 -2.91
CA ALA C 113 25.93 -7.23 -4.20
C ALA C 113 24.42 -7.07 -4.05
N PHE C 114 23.79 -7.89 -3.22
CA PHE C 114 22.36 -7.76 -3.02
C PHE C 114 22.00 -6.45 -2.32
N SER C 115 22.80 -6.04 -1.34
CA SER C 115 22.58 -4.75 -0.70
C SER C 115 22.65 -3.62 -1.71
N GLU C 116 23.62 -3.67 -2.63
CA GLU C 116 23.70 -2.61 -3.64
C GLU C 116 22.51 -2.67 -4.60
N THR C 117 22.00 -3.87 -4.87
CA THR C 117 20.77 -3.98 -5.65
C THR C 117 19.62 -3.23 -4.97
N ILE C 118 19.44 -3.47 -3.67
CA ILE C 118 18.38 -2.77 -2.95
C ILE C 118 18.63 -1.26 -2.96
N HIS C 119 19.88 -0.84 -2.88
CA HIS C 119 20.18 0.59 -2.91
C HIS C 119 19.77 1.22 -4.24
N SER C 120 20.09 0.55 -5.35
CA SER C 120 19.70 1.09 -6.65
C SER C 120 18.19 1.11 -6.79
N ARG C 121 17.51 0.08 -6.30
CA ARG C 121 16.05 0.08 -6.31
C ARG C 121 15.50 1.27 -5.53
N SER C 122 16.10 1.58 -4.38
CA SER C 122 15.69 2.71 -3.56
C SER C 122 15.86 4.06 -4.24
N FY3 C 123 16.99 4.24 -4.93
C FY3 C 123 16.25 5.67 -6.78
O FY3 C 123 15.67 6.72 -6.98
CA FY3 C 123 17.27 5.50 -5.64
CB FY3 C 123 18.68 5.55 -6.23
CG FY3 C 123 19.76 5.70 -5.19
CD1 FY3 C 123 19.87 6.78 -4.33
CD2 FY3 C 123 20.75 4.72 -5.08
CE1 FY3 C 123 20.87 6.89 -3.40
CE2 FY3 C 123 21.75 4.85 -4.15
CZ FY3 C 123 21.85 5.93 -3.29
OH FY3 C 123 22.87 6.02 -2.40
F2 FY3 C 123 18.93 7.74 -4.43
F3 FY3 C 123 20.91 7.97 -2.59
F5 FY3 C 123 22.69 3.89 -4.05
N THR C 124 16.05 4.59 -7.52
CA THR C 124 15.06 4.62 -8.58
C THR C 124 13.68 4.92 -8.02
N HIS C 125 13.38 4.40 -6.83
CA HIS C 125 12.09 4.62 -6.21
C HIS C 125 11.89 6.07 -5.77
N ILE C 126 12.94 6.72 -5.26
CA ILE C 126 12.75 8.10 -4.81
C ILE C 126 13.04 9.06 -5.94
N ILE C 127 13.34 8.54 -7.13
CA ILE C 127 13.24 9.36 -8.34
C ILE C 127 11.86 9.22 -8.97
N ARG C 128 11.31 8.02 -9.01
CA ARG C 128 10.00 7.72 -9.57
C ARG C 128 8.87 8.36 -8.80
N ASN C 129 9.15 9.06 -7.70
CA ASN C 129 8.14 9.63 -6.83
C ASN C 129 8.02 11.14 -6.98
N ILE C 130 9.15 11.85 -7.00
CA ILE C 130 9.12 13.30 -6.93
C ILE C 130 8.98 13.99 -8.27
N VAL C 131 9.06 13.26 -9.38
CA VAL C 131 8.92 13.83 -10.71
C VAL C 131 7.87 13.05 -11.48
N ASN C 132 7.58 13.52 -12.69
CA ASN C 132 6.69 12.84 -13.62
C ASN C 132 7.39 12.39 -14.89
N ASP C 133 8.70 12.62 -15.01
CA ASP C 133 9.48 12.25 -16.19
C ASP C 133 10.66 11.34 -15.82
N PRO C 134 10.39 10.19 -15.20
CA PRO C 134 11.48 9.25 -14.93
C PRO C 134 12.15 8.79 -16.19
N SER C 135 11.44 8.77 -17.32
CA SER C 135 12.06 8.39 -18.59
C SER C 135 13.22 9.32 -18.92
N VAL C 136 12.96 10.64 -18.94
CA VAL C 136 14.02 11.56 -19.31
C VAL C 136 15.11 11.56 -18.26
N VAL C 137 14.75 11.39 -16.98
CA VAL C 137 15.78 11.38 -15.94
C VAL C 137 16.71 10.19 -16.11
N PHE C 138 16.14 8.99 -16.29
CA PHE C 138 16.94 7.79 -16.43
C PHE C 138 17.69 7.72 -17.74
N ASP C 139 17.25 8.45 -18.77
CA ASP C 139 18.02 8.48 -20.01
C ASP C 139 19.17 9.48 -19.92
N ASP C 140 18.93 10.64 -19.29
CA ASP C 140 20.02 11.56 -19.02
C ASP C 140 21.07 10.92 -18.12
N ILE C 141 20.66 9.96 -17.29
CA ILE C 141 21.63 9.21 -16.48
C ILE C 141 22.75 8.67 -17.36
N VAL C 142 22.38 7.83 -18.33
CA VAL C 142 23.38 7.17 -19.16
C VAL C 142 24.05 8.16 -20.11
N THR C 143 23.28 9.13 -20.63
CA THR C 143 23.84 10.00 -21.65
C THR C 143 24.81 11.04 -21.08
N ASN C 144 24.63 11.46 -19.83
CA ASN C 144 25.31 12.65 -19.33
C ASN C 144 26.83 12.44 -19.26
N GLU C 145 27.56 13.53 -19.53
CA GLU C 145 29.00 13.46 -19.71
C GLU C 145 29.73 13.21 -18.39
N GLN C 146 29.40 13.98 -17.34
CA GLN C 146 30.09 13.83 -16.07
C GLN C 146 29.78 12.48 -15.43
N ILE C 147 28.51 12.10 -15.43
CA ILE C 147 28.12 10.77 -14.97
C ILE C 147 28.93 9.71 -15.69
N GLN C 148 29.01 9.82 -17.03
CA GLN C 148 29.73 8.83 -17.81
C GLN C 148 31.20 8.79 -17.44
N LYS C 149 31.83 9.95 -17.25
CA LYS C 149 33.26 9.96 -16.97
C LYS C 149 33.58 9.37 -15.60
N ARG C 150 32.74 9.66 -14.60
CA ARG C 150 32.94 9.03 -13.29
C ARG C 150 32.78 7.52 -13.38
N ALA C 151 31.73 7.07 -14.06
CA ALA C 151 31.48 5.64 -14.18
C ALA C 151 32.63 4.93 -14.89
N GLU C 152 33.18 5.57 -15.93
CA GLU C 152 34.34 4.98 -16.63
C GLU C 152 35.54 4.89 -15.71
N GLY C 153 35.86 6.01 -15.03
CA GLY C 153 36.97 6.01 -14.08
C GLY C 153 36.87 4.90 -13.06
N ILE C 154 35.65 4.53 -12.67
CA ILE C 154 35.53 3.44 -11.71
C ILE C 154 35.61 2.07 -12.39
N SER C 155 34.93 1.90 -13.52
CA SER C 155 34.77 0.56 -14.09
C SER C 155 35.99 0.06 -14.85
N SER C 156 36.92 0.94 -15.22
CA SER C 156 38.11 0.49 -15.95
C SER C 156 38.88 -0.58 -15.17
N TYR C 157 39.03 -0.40 -13.86
CA TYR C 157 39.78 -1.35 -13.05
C TYR C 157 39.09 -2.70 -12.99
N TYR C 158 37.77 -2.70 -12.82
CA TYR C 158 37.02 -3.95 -12.84
C TYR C 158 37.20 -4.67 -14.16
N ASP C 159 37.15 -3.92 -15.27
CA ASP C 159 37.34 -4.54 -16.59
C ASP C 159 38.70 -5.21 -16.70
N GLU C 160 39.76 -4.47 -16.34
CA GLU C 160 41.11 -5.03 -16.43
C GLU C 160 41.26 -6.26 -15.54
N LEU C 161 40.67 -6.22 -14.35
CA LEU C 161 40.84 -7.32 -13.41
C LEU C 161 40.13 -8.58 -13.91
N ILE C 162 38.89 -8.45 -14.41
CA ILE C 162 38.22 -9.64 -14.91
C ILE C 162 38.93 -10.17 -16.15
N GLU C 163 39.51 -9.27 -16.97
CA GLU C 163 40.29 -9.72 -18.12
C GLU C 163 41.47 -10.59 -17.68
N MET C 164 42.28 -10.08 -16.74
CA MET C 164 43.44 -10.85 -16.30
C MET C 164 43.03 -12.14 -15.60
N THR C 165 41.92 -12.12 -14.88
CA THR C 165 41.47 -13.34 -14.22
C THR C 165 41.01 -14.39 -15.23
N SER C 166 40.36 -13.96 -16.31
CA SER C 166 40.00 -14.91 -17.36
C SER C 166 41.25 -15.51 -18.00
N TYR C 167 42.25 -14.66 -18.27
CA TYR C 167 43.55 -15.16 -18.73
C TYR C 167 44.08 -16.25 -17.80
N TRP C 168 44.22 -15.90 -16.52
CA TRP C 168 44.84 -16.81 -15.55
C TRP C 168 44.04 -18.08 -15.32
N HIS C 169 42.72 -18.05 -15.55
CA HIS C 169 41.92 -19.25 -15.38
C HIS C 169 41.82 -20.09 -16.64
N LEU C 170 42.12 -19.53 -17.81
CA LEU C 170 42.09 -20.34 -19.02
C LEU C 170 43.47 -20.89 -19.37
N LEU C 171 44.46 -20.00 -19.54
CA LEU C 171 45.76 -20.44 -20.00
C LEU C 171 46.59 -21.06 -18.87
N GLY C 172 46.90 -20.27 -17.85
CA GLY C 172 47.72 -20.71 -16.76
C GLY C 172 48.75 -19.65 -16.41
N GLU C 173 49.74 -20.05 -15.63
CA GLU C 173 50.80 -19.14 -15.21
C GLU C 173 51.94 -19.15 -16.21
N GLY C 174 52.67 -18.04 -16.27
CA GLY C 174 53.83 -17.92 -17.13
C GLY C 174 53.52 -17.15 -18.40
N THR C 175 54.41 -17.32 -19.38
CA THR C 175 54.27 -16.69 -20.69
C THR C 175 53.59 -17.66 -21.66
N HIS C 176 52.69 -17.13 -22.48
CA HIS C 176 51.89 -17.94 -23.37
C HIS C 176 51.60 -17.16 -24.65
N THR C 177 51.38 -17.90 -25.74
CA THR C 177 51.13 -17.31 -27.05
C THR C 177 49.68 -17.56 -27.45
N VAL C 178 48.99 -16.50 -27.84
CA VAL C 178 47.60 -16.57 -28.25
C VAL C 178 47.42 -15.86 -29.57
N ASN C 179 46.75 -16.52 -30.52
CA ASN C 179 46.41 -15.95 -31.83
C ASN C 179 47.63 -15.36 -32.53
N GLY C 180 48.79 -15.98 -32.32
CA GLY C 180 50.02 -15.45 -32.87
C GLY C 180 50.53 -14.23 -32.13
N LYS C 181 50.33 -14.18 -30.82
CA LYS C 181 50.80 -13.07 -30.00
C LYS C 181 51.02 -13.59 -28.59
N THR C 182 52.13 -13.15 -27.98
CA THR C 182 52.53 -13.65 -26.67
C THR C 182 51.92 -12.81 -25.56
N VAL C 183 51.43 -13.49 -24.52
CA VAL C 183 50.91 -12.85 -23.32
C VAL C 183 51.65 -13.43 -22.12
N THR C 184 51.80 -12.60 -21.09
CA THR C 184 52.55 -12.97 -19.88
C THR C 184 51.61 -12.92 -18.66
N VAL C 185 50.97 -14.05 -18.39
CA VAL C 185 50.02 -14.16 -17.28
C VAL C 185 50.81 -14.42 -16.01
N SER C 186 51.06 -13.38 -15.23
CA SER C 186 51.85 -13.46 -14.02
C SER C 186 50.93 -13.31 -12.82
N LEU C 187 50.86 -14.34 -11.98
CA LEU C 187 50.02 -14.30 -10.80
C LEU C 187 50.36 -13.13 -9.89
N ARG C 188 51.62 -12.70 -9.88
CA ARG C 188 51.99 -11.53 -9.10
C ARG C 188 51.32 -10.27 -9.61
N GLU C 189 51.32 -10.07 -10.93
CA GLU C 189 50.61 -8.93 -11.50
C GLU C 189 49.10 -9.06 -11.31
N LEU C 190 48.59 -10.29 -11.31
CA LEU C 190 47.17 -10.49 -11.03
C LEU C 190 46.83 -10.03 -9.62
N LYS C 191 47.66 -10.41 -8.64
CA LYS C 191 47.44 -9.96 -7.27
C LYS C 191 47.52 -8.44 -7.17
N LYS C 192 48.48 -7.84 -7.88
CA LYS C 192 48.60 -6.39 -7.85
C LYS C 192 47.36 -5.71 -8.41
N LYS C 193 46.83 -6.24 -9.51
CA LYS C 193 45.62 -5.67 -10.09
C LYS C 193 44.42 -5.86 -9.16
N LEU C 194 44.37 -7.00 -8.44
CA LEU C 194 43.30 -7.20 -7.47
C LEU C 194 43.36 -6.17 -6.36
N TYR C 195 44.55 -5.92 -5.82
CA TYR C 195 44.69 -4.92 -4.77
C TYR C 195 44.34 -3.53 -5.28
N LEU C 196 44.71 -3.22 -6.53
CA LEU C 196 44.35 -1.93 -7.10
C LEU C 196 42.84 -1.79 -7.23
N CYS C 197 42.16 -2.83 -7.70
CA CYS C 197 40.71 -2.80 -7.80
C CYS C 197 40.07 -2.58 -6.43
N LEU C 198 40.55 -3.31 -5.43
CA LEU C 198 40.00 -3.16 -4.09
C LEU C 198 40.18 -1.74 -3.58
N MET C 199 41.35 -1.14 -3.80
CA MET C 199 41.58 0.21 -3.29
C MET C 199 40.74 1.23 -4.04
N SER C 200 40.49 1.02 -5.34
CA SER C 200 39.61 1.92 -6.07
C SER C 200 38.18 1.81 -5.54
N VAL C 201 37.72 0.59 -5.26
CA VAL C 201 36.38 0.44 -4.70
C VAL C 201 36.29 1.08 -3.33
N ASN C 202 37.37 0.99 -2.54
CA ASN C 202 37.37 1.65 -1.23
C ASN C 202 37.26 3.15 -1.39
N ALA C 203 38.06 3.74 -2.28
CA ALA C 203 37.93 5.17 -2.58
C ALA C 203 36.50 5.53 -2.94
N LEU C 204 35.91 4.75 -3.85
CA LEU C 204 34.56 5.02 -4.32
C LEU C 204 33.55 5.04 -3.18
N GLU C 205 33.42 3.91 -2.48
CA GLU C 205 32.46 3.85 -1.39
C GLU C 205 32.89 4.65 -0.17
N ALA C 206 34.05 5.30 -0.20
CA ALA C 206 34.50 6.11 0.92
C ALA C 206 34.15 7.59 0.74
N ILE C 207 34.64 8.23 -0.32
CA ILE C 207 34.59 9.68 -0.41
C ILE C 207 33.46 10.17 -1.31
N ARG C 208 33.29 9.56 -2.48
CA ARG C 208 32.31 10.04 -3.46
C ARG C 208 30.90 10.00 -2.89
N PHE C 209 30.47 8.81 -2.46
CA PHE C 209 29.11 8.66 -2.00
C PHE C 209 28.85 9.46 -0.74
N TYR C 210 29.89 9.72 0.05
CA TYR C 210 29.68 10.55 1.23
C TYR C 210 29.56 12.02 0.88
N VAL C 211 30.20 12.47 -0.21
CA VAL C 211 29.93 13.81 -0.72
C VAL C 211 28.48 13.90 -1.19
N SER C 212 28.01 12.88 -1.91
CA SER C 212 26.63 12.88 -2.39
C SER C 212 25.64 12.90 -1.23
N PHE C 213 25.89 12.06 -0.21
CA PHE C 213 25.05 12.06 0.97
C PHE C 213 25.10 13.40 1.68
N ALA C 214 26.28 14.04 1.72
CA ALA C 214 26.39 15.36 2.32
C ALA C 214 25.44 16.34 1.64
N CYS C 215 25.40 16.33 0.31
CA CYS C 215 24.49 17.22 -0.40
C CYS C 215 23.03 16.90 -0.09
N SER C 216 22.65 15.63 -0.23
CA SER C 216 21.24 15.28 -0.07
C SER C 216 20.77 15.41 1.36
N PHE C 217 21.67 15.43 2.34
CA PHE C 217 21.29 15.69 3.72
C PHE C 217 21.33 17.17 4.05
N ALA C 218 22.21 17.94 3.41
CA ALA C 218 22.17 19.39 3.55
C ALA C 218 20.87 19.95 3.03
N PHE C 219 20.23 19.25 2.09
CA PHE C 219 18.84 19.61 1.76
C PHE C 219 17.94 19.51 2.97
N ALA C 220 17.94 18.36 3.65
CA ALA C 220 16.96 18.11 4.71
C ALA C 220 17.34 18.72 6.05
N GLU C 221 18.52 19.30 6.18
CA GLU C 221 18.77 20.14 7.36
C GLU C 221 17.82 21.34 7.36
N ARG C 222 17.48 21.84 6.18
CA ARG C 222 16.58 22.97 6.02
C ARG C 222 15.17 22.50 5.66
N GLU C 223 14.56 21.76 6.60
CA GLU C 223 13.13 21.40 6.59
C GLU C 223 12.57 21.00 5.23
N LEU C 224 13.30 20.21 4.44
CA LEU C 224 12.84 19.82 3.12
C LEU C 224 13.29 18.40 2.81
N MET C 225 12.46 17.68 2.07
CA MET C 225 12.80 16.33 1.58
C MET C 225 13.15 15.39 2.74
N GLU C 226 12.26 15.32 3.73
CA GLU C 226 12.57 14.62 4.97
C GLU C 226 12.54 13.10 4.80
N GLY C 227 11.53 12.58 4.11
CA GLY C 227 11.49 11.13 3.88
C GLY C 227 12.62 10.66 3.00
N ASN C 228 12.97 11.45 1.99
CA ASN C 228 14.12 11.12 1.16
C ASN C 228 15.40 11.12 1.99
N ALA C 229 15.53 12.09 2.90
CA ALA C 229 16.68 12.09 3.80
C ALA C 229 16.71 10.85 4.67
N LYS C 230 15.55 10.38 5.12
CA LYS C 230 15.55 9.18 5.96
C LYS C 230 15.96 7.94 5.17
N ILE C 231 15.47 7.84 3.93
CA ILE C 231 15.87 6.70 3.10
C ILE C 231 17.37 6.74 2.84
N ILE C 232 17.90 7.91 2.47
CA ILE C 232 19.33 8.02 2.27
C ILE C 232 20.11 7.86 3.57
N ARG C 233 19.45 8.03 4.72
CA ARG C 233 20.08 7.71 6.00
C ARG C 233 20.26 6.21 6.16
N LEU C 234 19.22 5.44 5.88
CA LEU C 234 19.35 3.98 5.84
C LEU C 234 20.47 3.56 4.89
N ILE C 235 20.53 4.22 3.73
CA ILE C 235 21.53 3.87 2.73
C ILE C 235 22.93 4.21 3.21
N ALA C 236 23.09 5.35 3.89
CA ALA C 236 24.40 5.72 4.43
C ALA C 236 24.84 4.75 5.51
N ARG C 237 23.90 4.22 6.29
CA ARG C 237 24.24 3.17 7.24
C ARG C 237 24.83 1.96 6.53
N ASP C 238 24.08 1.41 5.56
CA ASP C 238 24.60 0.26 4.83
C ASP C 238 25.92 0.56 4.14
N GLU C 239 26.11 1.80 3.69
CA GLU C 239 27.33 2.15 2.96
C GLU C 239 28.52 2.24 3.90
N ALA C 240 28.33 2.77 5.11
CA ALA C 240 29.39 2.72 6.10
C ALA C 240 29.79 1.28 6.39
N LEU C 241 28.81 0.37 6.38
CA LEU C 241 29.13 -1.03 6.66
C LEU C 241 29.95 -1.64 5.52
N HIS C 242 29.55 -1.39 4.26
CA HIS C 242 30.37 -1.80 3.12
C HIS C 242 31.78 -1.23 3.21
N LEU C 243 31.90 0.04 3.59
CA LEU C 243 33.19 0.69 3.69
C LEU C 243 34.10 -0.02 4.68
N THR C 244 33.59 -0.29 5.88
CA THR C 244 34.40 -1.00 6.87
C THR C 244 34.77 -2.39 6.37
N GLY C 245 33.86 -3.06 5.68
CA GLY C 245 34.18 -4.37 5.12
C GLY C 245 35.37 -4.37 4.18
N THR C 246 35.30 -3.52 3.15
CA THR C 246 36.41 -3.40 2.20
C THR C 246 37.69 -2.96 2.89
N GLN C 247 37.59 -2.00 3.82
CA GLN C 247 38.75 -1.54 4.57
C GLN C 247 39.47 -2.70 5.24
N HIS C 248 38.73 -3.47 6.04
CA HIS C 248 39.36 -4.60 6.76
C HIS C 248 39.89 -5.63 5.78
N MET C 249 39.18 -5.88 4.68
CA MET C 249 39.64 -6.86 3.69
C MET C 249 41.02 -6.50 3.17
N LEU C 250 41.16 -5.30 2.60
CA LEU C 250 42.44 -4.98 1.97
C LEU C 250 43.52 -4.71 3.02
N ASN C 251 43.14 -4.24 4.22
CA ASN C 251 44.14 -4.07 5.26
C ASN C 251 44.69 -5.41 5.72
N LEU C 252 43.83 -6.42 5.83
CA LEU C 252 44.30 -7.76 6.16
C LEU C 252 45.21 -8.30 5.06
N LEU C 253 44.86 -8.05 3.80
CA LEU C 253 45.73 -8.48 2.71
C LEU C 253 47.09 -7.81 2.78
N ARG C 254 47.13 -6.51 3.06
CA ARG C 254 48.39 -5.77 3.01
C ARG C 254 49.26 -6.01 4.24
N SER C 255 48.66 -6.20 5.42
CA SER C 255 49.43 -6.26 6.65
C SER C 255 50.50 -7.34 6.62
N GLY C 256 50.26 -8.43 5.90
CA GLY C 256 51.23 -9.50 5.80
C GLY C 256 50.73 -10.79 6.41
N ALA C 257 49.42 -10.96 6.45
CA ALA C 257 48.81 -12.16 6.98
C ALA C 257 48.71 -13.29 5.96
N ASP C 258 49.10 -13.04 4.71
CA ASP C 258 49.04 -14.09 3.71
C ASP C 258 50.35 -14.31 2.97
N ASP C 259 51.10 -13.24 2.64
CA ASP C 259 52.34 -13.44 1.90
C ASP C 259 53.24 -12.21 1.92
N PRO C 260 54.53 -12.39 2.24
CA PRO C 260 55.46 -11.25 2.16
C PRO C 260 55.60 -10.67 0.76
N GLU C 261 55.49 -11.50 -0.28
CA GLU C 261 55.45 -10.95 -1.63
C GLU C 261 54.23 -10.04 -1.80
N MET C 262 53.11 -10.42 -1.18
CA MET C 262 51.94 -9.56 -1.17
C MET C 262 52.22 -8.27 -0.40
N ALA C 263 53.07 -8.33 0.62
CA ALA C 263 53.45 -7.11 1.33
C ALA C 263 54.30 -6.18 0.44
N GLU C 264 55.21 -6.74 -0.33
CA GLU C 264 56.01 -5.92 -1.23
C GLU C 264 55.14 -5.29 -2.32
N ILE C 265 54.26 -6.10 -2.91
CA ILE C 265 53.25 -5.56 -3.82
C ILE C 265 52.45 -4.48 -3.13
N ALA C 266 52.19 -4.65 -1.83
CA ALA C 266 51.45 -3.65 -1.07
C ALA C 266 52.20 -2.33 -1.02
N GLU C 267 53.52 -2.38 -0.86
CA GLU C 267 54.32 -1.16 -0.86
C GLU C 267 54.22 -0.43 -2.21
N GLU C 268 54.50 -1.17 -3.29
CA GLU C 268 54.49 -0.55 -4.62
C GLU C 268 53.10 -0.01 -4.96
N CYS C 269 52.10 -0.88 -4.96
CA CYS C 269 50.74 -0.43 -5.18
C CYS C 269 50.26 0.55 -4.12
N LYS C 270 50.96 0.69 -3.00
CA LYS C 270 50.59 1.71 -2.02
C LYS C 270 50.95 3.09 -2.55
N GLN C 271 52.15 3.24 -3.08
CA GLN C 271 52.47 4.48 -3.80
C GLN C 271 51.45 4.72 -4.91
N GLU C 272 51.16 3.67 -5.68
CA GLU C 272 50.22 3.83 -6.79
C GLU C 272 48.83 4.25 -6.31
N CYS C 273 48.37 3.69 -5.18
CA CYS C 273 47.05 4.00 -4.66
C CYS C 273 46.99 5.40 -4.06
N TYR C 274 48.10 5.90 -3.51
CA TYR C 274 48.13 7.31 -3.16
C TYR C 274 47.88 8.17 -4.39
N ASP C 275 48.60 7.89 -5.48
CA ASP C 275 48.38 8.68 -6.68
C ASP C 275 47.01 8.40 -7.31
N LEU C 276 46.33 7.33 -6.92
CA LEU C 276 44.95 7.08 -7.35
C LEU C 276 43.94 7.89 -6.54
N PHE C 277 44.12 7.92 -5.22
CA PHE C 277 43.21 8.67 -4.37
C PHE C 277 43.26 10.15 -4.70
N VAL C 278 44.45 10.66 -5.08
CA VAL C 278 44.52 12.07 -5.48
C VAL C 278 43.60 12.33 -6.68
N GLN C 279 43.60 11.42 -7.65
CA GLN C 279 42.74 11.58 -8.82
C GLN C 279 41.27 11.50 -8.44
N ALA C 280 40.93 10.57 -7.53
CA ALA C 280 39.54 10.47 -7.08
C ALA C 280 39.07 11.78 -6.44
N ALA C 281 39.90 12.35 -5.57
CA ALA C 281 39.54 13.61 -4.93
C ALA C 281 39.38 14.72 -5.96
N GLN C 282 40.26 14.75 -6.97
CA GLN C 282 40.13 15.77 -8.00
C GLN C 282 38.83 15.62 -8.79
N GLN C 283 38.45 14.39 -9.11
CA GLN C 283 37.18 14.15 -9.79
C GLN C 283 36.02 14.65 -8.94
N GLU C 284 36.06 14.41 -7.62
CA GLU C 284 34.96 14.85 -6.78
C GLU C 284 34.90 16.37 -6.68
N LYS C 285 36.07 17.03 -6.63
CA LYS C 285 36.08 18.49 -6.64
C LYS C 285 35.48 19.05 -7.92
N ASP C 286 35.81 18.43 -9.06
CA ASP C 286 35.25 18.90 -10.32
C ASP C 286 33.74 18.67 -10.38
N TRP C 287 33.27 17.55 -9.83
CA TRP C 287 31.83 17.33 -9.74
C TRP C 287 31.16 18.39 -8.86
N ALA C 288 31.83 18.78 -7.77
CA ALA C 288 31.29 19.83 -6.92
C ALA C 288 31.12 21.13 -7.69
N ASP C 289 32.16 21.58 -8.38
CA ASP C 289 32.01 22.82 -9.13
C ASP C 289 31.19 22.66 -10.40
N TYR C 290 30.79 21.44 -10.75
CA TYR C 290 29.77 21.28 -11.79
C TYR C 290 28.37 21.47 -11.21
N LEU C 291 28.14 20.93 -10.01
CA LEU C 291 26.83 21.10 -9.38
C LEU C 291 26.57 22.54 -9.00
N PHE C 292 27.50 23.16 -8.27
CA PHE C 292 27.25 24.47 -7.66
C PHE C 292 27.78 25.60 -8.54
N ARG C 293 27.14 25.75 -9.70
CA ARG C 293 27.44 26.85 -10.60
C ARG C 293 26.31 27.86 -10.73
N ASP C 294 25.05 27.41 -10.72
CA ASP C 294 23.92 28.32 -10.82
C ASP C 294 23.72 29.19 -9.59
N GLY C 295 24.39 28.86 -8.50
CA GLY C 295 24.25 29.58 -7.24
C GLY C 295 24.13 28.59 -6.09
N SER C 296 24.55 29.05 -4.91
CA SER C 296 24.60 28.17 -3.75
C SER C 296 23.22 28.04 -3.11
N MET C 297 23.06 26.98 -2.33
CA MET C 297 21.95 26.84 -1.41
C MET C 297 22.39 27.38 -0.05
N ILE C 298 21.56 27.20 0.98
CA ILE C 298 21.94 27.64 2.32
C ILE C 298 22.81 26.57 2.95
N GLY C 299 24.07 26.92 3.25
CA GLY C 299 24.96 26.03 3.95
C GLY C 299 25.65 24.99 3.10
N LEU C 300 25.75 25.20 1.79
CA LEU C 300 26.42 24.24 0.90
C LEU C 300 26.80 24.93 -0.39
N ASN C 301 28.10 24.97 -0.69
CA ASN C 301 28.58 25.55 -1.94
C ASN C 301 29.93 24.93 -2.28
N LYS C 302 30.61 25.53 -3.26
CA LYS C 302 31.87 24.99 -3.73
C LYS C 302 32.90 24.92 -2.61
N ASP C 303 33.02 25.98 -1.83
CA ASP C 303 34.04 26.03 -0.79
C ASP C 303 33.80 24.96 0.28
N ILE C 304 32.55 24.85 0.75
CA ILE C 304 32.23 23.89 1.80
C ILE C 304 32.39 22.46 1.28
N LEU C 305 31.89 22.18 0.08
CA LEU C 305 31.97 20.81 -0.40
C LEU C 305 33.39 20.41 -0.76
N CYS C 306 34.22 21.37 -1.22
CA CYS C 306 35.64 21.10 -1.43
C CYS C 306 36.34 20.80 -0.11
N GLN C 307 36.06 21.61 0.92
CA GLN C 307 36.59 21.33 2.25
C GLN C 307 36.21 19.93 2.69
N TYR C 308 34.96 19.53 2.45
CA TYR C 308 34.52 18.20 2.86
C TYR C 308 35.25 17.11 2.11
N VAL C 309 35.47 17.30 0.81
CA VAL C 309 36.22 16.31 0.03
C VAL C 309 37.63 16.16 0.59
N GLU C 310 38.30 17.29 0.82
CA GLU C 310 39.66 17.24 1.33
C GLU C 310 39.72 16.51 2.67
N TYR C 311 38.82 16.85 3.60
CA TYR C 311 38.84 16.24 4.92
C TYR C 311 38.51 14.76 4.86
N ILE C 312 37.51 14.37 4.06
CA ILE C 312 37.14 12.96 4.01
C ILE C 312 38.23 12.14 3.35
N THR C 313 38.94 12.70 2.37
CA THR C 313 40.07 11.98 1.81
C THR C 313 41.19 11.82 2.83
N ASN C 314 41.46 12.88 3.59
CA ASN C 314 42.42 12.77 4.69
C ASN C 314 42.08 11.61 5.61
N ILE C 315 40.81 11.55 6.04
CA ILE C 315 40.41 10.55 7.03
C ILE C 315 40.48 9.15 6.44
N ARG C 316 39.98 8.97 5.21
CA ARG C 316 39.98 7.65 4.61
C ARG C 316 41.41 7.17 4.35
N MET C 317 42.30 8.06 3.90
CA MET C 317 43.69 7.70 3.76
C MET C 317 44.28 7.26 5.09
N GLN C 318 44.24 8.13 6.10
CA GLN C 318 44.80 7.79 7.40
C GLN C 318 44.25 6.46 7.92
N ALA C 319 43.00 6.16 7.63
CA ALA C 319 42.41 4.90 8.08
C ALA C 319 42.78 3.72 7.20
N VAL C 320 43.23 3.95 5.97
CA VAL C 320 43.61 2.86 5.08
C VAL C 320 45.12 2.69 5.04
N GLY C 321 45.84 3.32 5.95
CA GLY C 321 47.28 3.09 6.07
C GLY C 321 48.12 3.78 5.03
N LEU C 322 47.74 4.97 4.59
CA LEU C 322 48.49 5.73 3.60
C LEU C 322 48.88 7.09 4.18
N ASP C 323 49.45 7.93 3.34
CA ASP C 323 49.93 9.24 3.77
C ASP C 323 48.76 10.22 3.86
N LEU C 324 49.08 11.48 4.12
CA LEU C 324 48.07 12.55 4.21
C LEU C 324 48.40 13.64 3.22
N PRO C 325 47.57 13.86 2.20
CA PRO C 325 47.92 14.82 1.15
C PRO C 325 47.54 16.25 1.49
N PHE C 326 46.51 16.42 2.30
CA PHE C 326 46.04 17.73 2.73
C PHE C 326 46.37 17.94 4.20
N GLN C 327 45.91 19.06 4.75
CA GLN C 327 46.05 19.34 6.17
C GLN C 327 44.90 18.73 6.94
N THR C 328 45.18 18.21 8.14
CA THR C 328 44.22 17.45 8.92
C THR C 328 43.23 18.38 9.63
N ARG C 329 42.55 19.20 8.82
CA ARG C 329 41.64 20.18 9.37
C ARG C 329 40.40 19.50 9.94
N SER C 330 39.51 20.31 10.52
CA SER C 330 38.33 19.79 11.18
C SER C 330 37.26 19.47 10.13
N ASN C 331 36.06 19.19 10.60
CA ASN C 331 34.93 18.84 9.74
C ASN C 331 34.20 20.13 9.34
N PRO C 332 34.02 20.39 8.04
CA PRO C 332 33.36 21.63 7.64
C PRO C 332 31.85 21.61 7.85
N ILE C 333 31.25 20.44 7.71
CA ILE C 333 29.82 20.28 7.96
C ILE C 333 29.63 19.42 9.20
N PRO C 334 29.72 19.99 10.41
CA PRO C 334 29.66 19.18 11.62
C PRO C 334 28.30 18.56 11.88
N TRP C 335 27.27 18.94 11.12
CA TRP C 335 25.93 18.43 11.31
C TRP C 335 25.69 17.12 10.57
N ILE C 336 26.72 16.53 9.96
CA ILE C 336 26.54 15.25 9.30
C ILE C 336 26.64 14.10 10.30
N ASN C 337 27.21 14.35 11.47
CA ASN C 337 27.24 13.33 12.51
C ASN C 337 25.84 13.01 13.00
N THR C 338 24.92 13.97 12.91
CA THR C 338 23.53 13.69 13.26
C THR C 338 22.94 12.62 12.36
N TRP C 339 23.31 12.63 11.08
CA TRP C 339 22.77 11.66 10.13
C TRP C 339 23.56 10.36 10.10
N LEU C 340 24.83 10.39 10.47
CA LEU C 340 25.64 9.17 10.46
C LEU C 340 25.57 8.42 11.80
N VAL C 341 25.96 9.09 12.89
CA VAL C 341 25.86 8.50 14.22
C VAL C 341 24.39 8.40 14.61
N SER C 342 23.91 7.18 14.83
CA SER C 342 22.50 6.92 15.11
C SER C 342 22.32 6.37 16.52
N ASP C 343 23.01 6.98 17.50
CA ASP C 343 22.97 6.52 18.88
C ASP C 343 22.20 7.45 19.81
N ASN C 344 22.40 8.76 19.70
CA ASN C 344 21.75 9.73 20.57
C ASN C 344 20.70 10.55 19.83
N VAL C 345 20.13 10.01 18.75
CA VAL C 345 19.13 10.74 17.96
C VAL C 345 17.76 10.25 18.42
N GLN C 346 17.15 11.02 19.31
CA GLN C 346 15.82 10.70 19.82
C GLN C 346 14.80 11.22 18.83
N VAL C 347 14.49 10.40 17.82
CA VAL C 347 13.51 10.78 16.83
C VAL C 347 12.12 10.73 17.44
N ALA C 348 11.24 11.63 16.99
CA ALA C 348 9.89 11.73 17.50
C ALA C 348 8.94 11.01 16.55
N PRO C 349 8.48 9.81 16.87
CA PRO C 349 7.63 9.08 15.93
C PRO C 349 6.23 9.68 15.83
N GLN C 350 5.37 9.01 15.07
CA GLN C 350 4.03 9.46 14.68
C GLN C 350 4.14 10.58 13.66
N GLU C 351 5.35 11.07 13.42
CA GLU C 351 5.63 12.01 12.34
C GLU C 351 6.60 11.43 11.32
N VAL C 352 7.79 11.00 11.76
CA VAL C 352 8.85 10.55 10.88
C VAL C 352 9.29 9.15 11.32
N GLU C 353 9.37 8.23 10.36
CA GLU C 353 9.74 6.85 10.67
C GLU C 353 11.11 6.80 11.31
N VAL C 354 11.29 5.82 12.20
CA VAL C 354 12.56 5.63 12.90
C VAL C 354 13.35 4.54 12.19
N SER C 355 14.59 4.84 11.83
CA SER C 355 15.49 3.88 11.21
C SER C 355 16.45 3.32 12.26
N SER C 356 15.89 2.53 13.18
CA SER C 356 16.71 1.87 14.19
C SER C 356 16.26 0.44 14.46
N TYR C 357 15.40 -0.13 13.62
CA TYR C 357 14.99 -1.50 13.85
C TYR C 357 16.11 -2.46 13.48
N LEU C 358 15.97 -3.71 13.93
CA LEU C 358 16.91 -4.78 13.60
C LEU C 358 16.07 -6.03 13.28
N VAL C 359 15.95 -6.32 11.98
CA VAL C 359 15.07 -7.40 11.52
C VAL C 359 15.53 -8.74 12.05
N GLY C 360 14.71 -9.36 12.88
CA GLY C 360 14.89 -10.76 13.24
C GLY C 360 16.12 -11.10 14.05
N GLN C 361 16.78 -10.11 14.66
CA GLN C 361 17.97 -10.37 15.46
C GLN C 361 17.57 -10.64 16.91
N ILE C 362 16.87 -11.76 17.09
CA ILE C 362 16.52 -12.26 18.42
C ILE C 362 16.61 -13.78 18.39
N ASP C 363 16.88 -14.36 19.57
CA ASP C 363 17.23 -15.77 19.66
C ASP C 363 16.05 -16.67 19.35
N SER C 364 14.94 -16.46 20.05
CA SER C 364 13.72 -17.28 19.91
C SER C 364 14.00 -18.75 20.25
N GLU C 365 14.44 -18.96 21.50
CA GLU C 365 14.58 -20.28 22.09
C GLU C 365 13.98 -20.16 23.49
N VAL C 366 12.69 -20.43 23.60
CA VAL C 366 11.96 -20.18 24.85
C VAL C 366 12.26 -21.30 25.84
N ASP C 367 12.55 -20.91 27.08
CA ASP C 367 12.73 -21.87 28.18
C ASP C 367 11.42 -21.95 28.94
N THR C 368 10.51 -22.77 28.41
CA THR C 368 9.13 -22.76 28.89
C THR C 368 9.04 -23.20 30.35
N ASP C 369 9.98 -24.00 30.83
CA ASP C 369 9.94 -24.41 32.23
C ASP C 369 10.37 -23.27 33.16
N ASP C 370 11.48 -22.60 32.81
CA ASP C 370 11.88 -21.41 33.55
C ASP C 370 10.78 -20.36 33.53
N LEU C 371 9.97 -20.34 32.47
CA LEU C 371 8.80 -19.47 32.46
C LEU C 371 7.71 -20.00 33.40
N SER C 372 7.50 -21.32 33.39
CA SER C 372 6.52 -21.94 34.27
C SER C 372 6.82 -21.68 35.74
N ASN C 373 8.07 -21.41 36.08
CA ASN C 373 8.42 -21.00 37.44
C ASN C 373 8.29 -19.49 37.59
N PHE C 374 7.08 -18.99 37.29
CA PHE C 374 6.80 -17.56 37.35
C PHE C 374 5.31 -17.40 37.65
N GLN C 375 4.98 -17.16 38.92
CA GLN C 375 3.60 -16.95 39.31
C GLN C 375 3.20 -15.49 39.08
N LEU C 376 2.10 -15.29 38.39
CA LEU C 376 1.67 -13.94 38.00
C LEU C 376 1.04 -13.18 39.17
N ALA D 2 33.56 -8.71 -26.28
CA ALA D 2 34.20 -9.00 -24.99
C ALA D 2 33.22 -8.81 -23.85
N TYR D 3 33.74 -8.38 -22.70
CA TYR D 3 32.92 -8.10 -21.54
C TYR D 3 33.38 -6.81 -20.88
N THR D 4 32.42 -6.05 -20.37
CA THR D 4 32.70 -4.89 -19.56
C THR D 4 31.57 -4.73 -18.55
N THR D 5 31.81 -3.89 -17.55
CA THR D 5 30.83 -3.67 -16.49
C THR D 5 30.01 -2.40 -16.68
N PHE D 6 30.50 -1.45 -17.46
CA PHE D 6 29.78 -0.21 -17.76
C PHE D 6 29.88 0.04 -19.26
N SER D 7 28.88 -0.41 -20.01
CA SER D 7 28.82 -0.09 -21.42
C SER D 7 28.68 1.42 -21.59
N GLN D 8 29.29 1.96 -22.64
CA GLN D 8 29.34 3.40 -22.85
C GLN D 8 28.20 3.93 -23.72
N THR D 9 27.50 3.06 -24.44
CA THR D 9 26.47 3.50 -25.36
C THR D 9 25.16 3.72 -24.61
N LYS D 10 24.07 3.91 -25.36
CA LYS D 10 22.73 4.01 -24.80
C LYS D 10 21.80 3.24 -25.71
N ASN D 11 21.51 2.00 -25.35
CA ASN D 11 20.69 1.11 -26.17
C ASN D 11 19.27 1.07 -25.66
N ASP D 12 18.36 0.73 -26.57
CA ASP D 12 16.95 0.54 -26.21
C ASP D 12 16.84 -0.77 -25.43
N GLN D 13 16.85 -0.66 -24.10
CA GLN D 13 16.90 -1.84 -23.26
C GLN D 13 15.65 -2.71 -23.40
N LEU D 14 14.58 -2.18 -23.97
CA LEU D 14 13.38 -2.97 -24.23
C LEU D 14 13.47 -3.80 -25.50
N LYS D 15 14.52 -3.60 -26.30
CA LYS D 15 14.67 -4.28 -27.58
C LYS D 15 15.74 -5.36 -27.57
N GLU D 16 16.80 -5.17 -26.79
CA GLU D 16 17.91 -6.12 -26.72
C GLU D 16 17.41 -7.50 -26.33
N PRO D 17 18.03 -8.57 -26.84
CA PRO D 17 17.62 -9.92 -26.45
C PRO D 17 17.94 -10.19 -25.00
N MET D 18 17.30 -11.23 -24.47
CA MET D 18 17.51 -11.59 -23.07
C MET D 18 18.96 -11.97 -22.81
N PHE D 19 19.60 -12.64 -23.76
CA PHE D 19 20.95 -13.13 -23.60
C PHE D 19 21.80 -12.76 -24.81
N PHE D 20 23.11 -12.70 -24.58
CA PHE D 20 24.10 -12.47 -25.63
C PHE D 20 23.82 -11.18 -26.39
N GLY D 21 23.64 -10.10 -25.64
CA GLY D 21 23.50 -8.77 -26.21
C GLY D 21 24.49 -7.83 -25.58
N GLN D 22 24.26 -6.54 -25.71
CA GLN D 22 25.13 -5.57 -25.05
C GLN D 22 24.96 -5.68 -23.54
N PRO D 23 26.04 -5.82 -22.78
CA PRO D 23 25.91 -5.90 -21.33
C PRO D 23 25.28 -4.64 -20.75
N VAL D 24 24.46 -4.82 -19.72
CA VAL D 24 23.73 -3.69 -19.15
C VAL D 24 24.70 -2.66 -18.59
N ASN D 25 24.22 -1.42 -18.48
CA ASN D 25 25.03 -0.33 -17.94
C ASN D 25 24.31 0.37 -16.80
N VAL D 26 23.00 0.50 -16.88
CA VAL D 26 22.20 1.16 -15.86
C VAL D 26 21.11 0.21 -15.38
N ALA D 27 20.80 0.26 -14.09
CA ALA D 27 19.71 -0.51 -13.52
C ALA D 27 18.45 0.36 -13.55
N ARG D 28 17.47 -0.06 -14.34
CA ARG D 28 16.25 0.72 -14.53
C ARG D 28 15.04 -0.13 -14.19
N TYR D 29 14.07 0.48 -13.52
CA TYR D 29 12.92 -0.23 -13.00
C TYR D 29 11.58 0.23 -13.55
N ASP D 30 11.50 1.43 -14.14
CA ASP D 30 10.21 1.92 -14.61
C ASP D 30 9.78 1.22 -15.90
N GLN D 31 10.69 1.10 -16.86
CA GLN D 31 10.38 0.47 -18.15
C GLN D 31 10.75 -0.99 -18.07
N GLN D 32 9.81 -1.82 -17.64
CA GLN D 32 10.06 -3.24 -17.43
C GLN D 32 9.72 -4.00 -18.72
N LYS D 33 10.74 -4.63 -19.31
CA LYS D 33 10.49 -5.49 -20.46
C LYS D 33 9.88 -6.81 -20.05
N TYR D 34 10.01 -7.21 -18.78
CA TYR D 34 9.55 -8.51 -18.33
C TYR D 34 8.89 -8.40 -16.94
N ASP D 35 7.57 -8.31 -16.95
CA ASP D 35 6.80 -8.30 -15.73
C ASP D 35 7.04 -9.56 -14.90
N ILE D 36 7.40 -10.67 -15.54
CA ILE D 36 7.68 -11.90 -14.79
C ILE D 36 8.89 -11.69 -13.89
N PHE D 37 10.00 -11.24 -14.47
CA PHE D 37 11.20 -11.01 -13.68
C PHE D 37 11.17 -9.71 -12.89
N GLU D 38 10.08 -8.96 -12.95
CA GLU D 38 9.86 -7.93 -11.94
C GLU D 38 9.03 -8.42 -10.75
N LYS D 39 7.93 -9.12 -11.01
CA LYS D 39 7.14 -9.69 -9.92
C LYS D 39 7.93 -10.74 -9.16
N LEU D 40 8.91 -11.39 -9.80
CA LEU D 40 9.73 -12.36 -9.09
C LEU D 40 10.57 -11.69 -8.01
N ILE D 41 11.30 -10.63 -8.37
CA ILE D 41 12.09 -9.92 -7.37
C ILE D 41 11.18 -9.29 -6.32
N GLU D 42 9.98 -8.83 -6.73
CA GLU D 42 9.04 -8.29 -5.75
C GLU D 42 8.66 -9.33 -4.70
N LYS D 43 8.18 -10.50 -5.16
CA LYS D 43 7.77 -11.55 -4.24
C LYS D 43 8.95 -12.07 -3.42
N GLN D 44 10.15 -12.07 -3.98
CA GLN D 44 11.29 -12.57 -3.22
C GLN D 44 11.71 -11.59 -2.13
N LEU D 45 11.71 -10.29 -2.44
CA LEU D 45 11.91 -9.31 -1.38
C LEU D 45 10.80 -9.40 -0.33
N SER D 46 9.61 -9.82 -0.75
CA SER D 46 8.52 -10.02 0.20
C SER D 46 8.78 -11.21 1.11
N PHE D 47 9.39 -12.27 0.58
CA PHE D 47 9.53 -13.52 1.30
C PHE D 47 10.77 -13.59 2.17
N PHE D 48 11.46 -12.48 2.42
CA PHE D 48 12.70 -12.52 3.19
C PHE D 48 12.45 -13.12 4.57
N TRP D 49 13.46 -13.82 5.07
CA TRP D 49 13.37 -14.45 6.38
C TRP D 49 14.79 -14.71 6.88
N ARG D 50 14.90 -15.46 7.97
CA ARG D 50 16.18 -15.82 8.57
C ARG D 50 15.99 -17.11 9.35
N PRO D 51 17.07 -17.84 9.62
CA PRO D 51 16.95 -18.98 10.54
C PRO D 51 16.62 -18.55 11.96
N GLU D 52 17.18 -17.44 12.42
CA GLU D 52 17.03 -17.03 13.81
C GLU D 52 15.63 -16.51 14.05
N GLN D 53 14.65 -17.32 13.67
CA GLN D 53 13.25 -17.16 14.02
C GLN D 53 12.62 -18.47 14.43
N VAL D 54 13.28 -19.60 14.21
CA VAL D 54 12.67 -20.91 14.43
C VAL D 54 13.29 -21.55 15.67
N ASP D 55 12.50 -22.40 16.33
CA ASP D 55 12.92 -23.10 17.54
C ASP D 55 13.35 -24.52 17.19
N VAL D 56 14.49 -24.95 17.76
CA VAL D 56 15.10 -26.21 17.38
C VAL D 56 15.52 -27.04 18.59
N SER D 57 15.15 -26.60 19.79
CA SER D 57 15.55 -27.32 20.99
C SER D 57 14.86 -28.69 21.07
N ARG D 58 13.53 -28.70 20.92
CA ARG D 58 12.80 -29.97 20.84
C ARG D 58 13.30 -30.81 19.67
N ASP D 59 13.71 -30.15 18.57
CA ASP D 59 14.34 -30.86 17.47
C ASP D 59 15.58 -31.62 17.93
N ARG D 60 16.46 -30.94 18.68
CA ARG D 60 17.67 -31.58 19.16
C ARG D 60 17.36 -32.75 20.09
N ILE D 61 16.40 -32.56 21.00
CA ILE D 61 16.05 -33.62 21.94
C ILE D 61 15.47 -34.82 21.20
N ASP D 62 14.61 -34.57 20.20
CA ASP D 62 14.05 -35.67 19.42
C ASP D 62 15.14 -36.39 18.62
N TYR D 63 16.09 -35.64 18.07
CA TYR D 63 17.19 -36.27 17.36
C TYR D 63 18.01 -37.17 18.28
N GLN D 64 18.26 -36.71 19.51
CA GLN D 64 18.91 -37.57 20.49
C GLN D 64 18.08 -38.81 20.77
N ALA D 65 16.75 -38.66 20.82
CA ALA D 65 15.86 -39.77 21.12
C ALA D 65 15.37 -40.49 19.87
N LEU D 66 16.04 -40.35 18.75
CA LEU D 66 15.68 -41.01 17.50
C LEU D 66 16.43 -42.32 17.34
N PRO D 67 16.01 -43.17 16.41
CA PRO D 67 16.82 -44.36 16.08
C PRO D 67 18.03 -43.98 15.23
N GLU D 68 19.00 -44.89 15.22
CA GLU D 68 20.26 -44.63 14.54
C GLU D 68 20.07 -44.52 13.04
N HIS D 69 19.25 -45.39 12.44
CA HIS D 69 19.02 -45.31 11.00
C HIS D 69 18.25 -44.05 10.64
N GLU D 70 17.39 -43.57 11.54
CA GLU D 70 16.69 -42.31 11.29
C GLU D 70 17.65 -41.13 11.34
N LYS D 71 18.57 -41.12 12.32
CA LYS D 71 19.63 -40.12 12.31
C LYS D 71 20.40 -40.16 11.01
N HIS D 72 20.73 -41.38 10.55
CA HIS D 72 21.46 -41.56 9.29
C HIS D 72 20.72 -40.91 8.13
N ILE D 73 19.48 -41.33 7.89
CA ILE D 73 18.75 -40.85 6.71
C ILE D 73 18.55 -39.33 6.80
N PHE D 74 18.18 -38.83 7.98
CA PHE D 74 17.93 -37.40 8.12
C PHE D 74 19.19 -36.59 7.84
N ILE D 75 20.29 -36.94 8.49
CA ILE D 75 21.50 -36.13 8.31
C ILE D 75 22.04 -36.30 6.90
N SER D 76 21.82 -37.45 6.25
CA SER D 76 22.31 -37.63 4.90
C SER D 76 21.52 -36.78 3.90
N ASN D 77 20.19 -36.77 4.04
CA ASN D 77 19.38 -35.88 3.22
C ASN D 77 19.79 -34.43 3.43
N LEU D 78 20.08 -34.06 4.67
CA LEU D 78 20.52 -32.69 4.94
C LEU D 78 21.85 -32.40 4.25
N LYS D 79 22.76 -33.37 4.27
CA LYS D 79 24.02 -33.24 3.54
C LYS D 79 23.78 -32.99 2.07
N TYR D 80 22.89 -33.78 1.47
CA TYR D 80 22.55 -33.65 0.06
C TYR D 80 22.10 -32.23 -0.26
N GLN D 81 21.09 -31.74 0.48
CA GLN D 81 20.57 -30.42 0.18
C GLN D 81 21.59 -29.33 0.50
N THR D 82 22.48 -29.55 1.47
CA THR D 82 23.51 -28.56 1.76
C THR D 82 24.47 -28.41 0.59
N LEU D 83 24.92 -29.54 0.03
CA LEU D 83 25.75 -29.49 -1.16
C LEU D 83 25.03 -28.80 -2.30
N LEU D 84 23.78 -29.20 -2.54
CA LEU D 84 22.99 -28.59 -3.61
C LEU D 84 22.96 -27.07 -3.49
N ASP D 85 22.60 -26.57 -2.31
CA ASP D 85 22.45 -25.13 -2.18
C ASP D 85 23.78 -24.40 -2.06
N SER D 86 24.88 -25.07 -1.70
CA SER D 86 26.18 -24.43 -1.83
C SER D 86 26.51 -24.18 -3.31
N ILE D 87 26.34 -25.22 -4.13
CA ILE D 87 26.53 -25.06 -5.58
C ILE D 87 25.64 -23.93 -6.10
N GLN D 88 24.37 -23.92 -5.67
CA GLN D 88 23.42 -22.94 -6.18
C GLN D 88 23.70 -21.54 -5.64
N GLY D 89 24.35 -21.43 -4.48
CA GLY D 89 24.69 -20.13 -3.95
C GLY D 89 25.89 -19.53 -4.65
N ARG D 90 26.80 -20.37 -5.14
CA ARG D 90 27.96 -19.77 -5.79
C ARG D 90 27.82 -19.63 -7.30
N SER D 91 27.13 -20.57 -7.97
CA SER D 91 27.27 -20.67 -9.43
C SER D 91 26.60 -19.51 -10.19
N PRO D 92 25.32 -19.19 -9.99
CA PRO D 92 24.61 -18.33 -10.96
C PRO D 92 25.30 -17.02 -11.28
N ASN D 93 25.92 -16.36 -10.30
CA ASN D 93 26.56 -15.07 -10.55
C ASN D 93 27.61 -15.19 -11.65
N VAL D 94 28.66 -15.97 -11.39
CA VAL D 94 29.74 -16.11 -12.38
C VAL D 94 29.21 -16.77 -13.64
N ALA D 95 28.27 -17.70 -13.51
CA ALA D 95 27.86 -18.48 -14.67
C ALA D 95 26.96 -17.70 -15.63
N LEU D 96 26.27 -16.66 -15.17
CA LEU D 96 25.27 -16.02 -16.02
C LEU D 96 25.41 -14.51 -16.13
N LEU D 97 25.94 -13.85 -15.10
CA LEU D 97 25.93 -12.39 -15.06
C LEU D 97 26.72 -11.73 -16.20
N PRO D 98 27.81 -12.34 -16.70
CA PRO D 98 28.42 -11.79 -17.91
C PRO D 98 27.57 -11.97 -19.16
N LEU D 99 26.60 -12.88 -19.14
CA LEU D 99 25.82 -13.23 -20.33
C LEU D 99 24.49 -12.50 -20.44
N ILE D 100 24.09 -11.72 -19.43
CA ILE D 100 22.76 -11.15 -19.37
C ILE D 100 22.79 -9.73 -19.90
N SER D 101 21.72 -9.33 -20.60
CA SER D 101 21.63 -8.03 -21.24
C SER D 101 20.40 -7.24 -20.83
N ILE D 102 19.72 -7.62 -19.76
CA ILE D 102 18.60 -6.82 -19.25
C ILE D 102 18.70 -6.67 -17.73
N PRO D 103 18.56 -5.45 -17.21
CA PRO D 103 18.73 -5.24 -15.76
C PRO D 103 17.70 -5.96 -14.92
N GLU D 104 16.48 -6.16 -15.43
CA GLU D 104 15.49 -6.93 -14.71
C GLU D 104 16.03 -8.32 -14.38
N LEU D 105 16.44 -9.07 -15.40
CA LEU D 105 16.96 -10.41 -15.18
C LEU D 105 18.24 -10.37 -14.36
N GLU D 106 19.05 -9.33 -14.52
CA GLU D 106 20.28 -9.25 -13.74
C GLU D 106 19.99 -9.15 -12.25
N THR D 107 19.11 -8.23 -11.87
CA THR D 107 18.76 -8.10 -10.45
C THR D 107 18.02 -9.33 -9.94
N TRP D 108 17.25 -10.00 -10.80
CA TRP D 108 16.61 -11.24 -10.38
C TRP D 108 17.64 -12.29 -10.03
N VAL D 109 18.67 -12.42 -10.87
CA VAL D 109 19.72 -13.41 -10.59
C VAL D 109 20.47 -13.05 -9.31
N GLU D 110 20.68 -11.75 -9.08
CA GLU D 110 21.38 -11.34 -7.86
C GLU D 110 20.58 -11.72 -6.60
N THR D 111 19.27 -11.43 -6.60
CA THR D 111 18.47 -11.82 -5.45
C THR D 111 18.34 -13.34 -5.33
N TRP D 112 18.40 -14.05 -6.46
CA TRP D 112 18.41 -15.51 -6.42
C TRP D 112 19.65 -16.02 -5.68
N ALA D 113 20.82 -15.47 -6.02
CA ALA D 113 22.03 -15.85 -5.32
C ALA D 113 21.96 -15.53 -3.84
N PHE D 114 21.40 -14.38 -3.49
CA PHE D 114 21.27 -14.02 -2.07
C PHE D 114 20.35 -15.00 -1.34
N SER D 115 19.25 -15.39 -1.98
CA SER D 115 18.33 -16.34 -1.38
C SER D 115 19.02 -17.68 -1.13
N GLU D 116 19.86 -18.13 -2.08
CA GLU D 116 20.55 -19.39 -1.85
C GLU D 116 21.60 -19.26 -0.75
N THR D 117 22.22 -18.07 -0.61
CA THR D 117 23.11 -17.85 0.53
C THR D 117 22.35 -18.00 1.85
N ILE D 118 21.16 -17.42 1.93
CA ILE D 118 20.36 -17.56 3.15
C ILE D 118 20.01 -19.03 3.40
N HIS D 119 19.70 -19.77 2.33
CA HIS D 119 19.42 -21.20 2.47
C HIS D 119 20.61 -21.93 3.08
N SER D 120 21.81 -21.68 2.56
CA SER D 120 23.00 -22.36 3.08
C SER D 120 23.22 -22.03 4.55
N ARG D 121 23.05 -20.76 4.92
CA ARG D 121 23.18 -20.40 6.33
C ARG D 121 22.12 -21.09 7.18
N SER D 122 20.92 -21.26 6.64
CA SER D 122 19.86 -21.98 7.34
C SER D 122 20.27 -23.41 7.64
N FY3 D 123 20.91 -24.04 6.67
C FY3 D 123 22.42 -25.60 7.84
O FY3 D 123 22.39 -26.48 8.69
CA FY3 D 123 21.30 -25.45 6.81
CB FY3 D 123 21.75 -26.05 5.47
CG FY3 D 123 20.61 -26.37 4.55
CD1 FY3 D 123 19.54 -27.18 4.90
CD2 FY3 D 123 20.56 -25.80 3.28
CE1 FY3 D 123 18.48 -27.42 4.06
CE2 FY3 D 123 19.51 -26.05 2.45
CZ FY3 D 123 18.43 -26.85 2.80
OH FY3 D 123 17.41 -27.07 1.93
F2 FY3 D 123 19.57 -27.77 6.11
F3 FY3 D 123 17.46 -28.19 4.47
F5 FY3 D 123 19.48 -25.50 1.22
N THR D 124 23.41 -24.70 7.79
CA THR D 124 24.47 -24.80 8.80
C THR D 124 23.91 -24.52 10.20
N HIS D 125 22.91 -23.63 10.29
CA HIS D 125 22.31 -23.34 11.58
C HIS D 125 21.50 -24.53 12.10
N ILE D 126 20.80 -25.23 11.22
CA ILE D 126 20.11 -26.45 11.63
C ILE D 126 21.12 -27.48 12.13
N ILE D 127 22.26 -27.60 11.44
CA ILE D 127 23.23 -28.61 11.82
C ILE D 127 23.83 -28.30 13.19
N ARG D 128 24.37 -27.11 13.38
CA ARG D 128 25.12 -26.85 14.61
C ARG D 128 24.23 -26.67 15.84
N ASN D 129 22.93 -26.97 15.74
CA ASN D 129 22.04 -26.97 16.90
C ASN D 129 21.54 -28.34 17.29
N ILE D 130 21.82 -29.38 16.51
CA ILE D 130 21.31 -30.72 16.79
C ILE D 130 22.42 -31.73 17.08
N VAL D 131 23.65 -31.48 16.64
CA VAL D 131 24.77 -32.38 16.88
C VAL D 131 25.92 -31.58 17.47
N ASN D 132 27.05 -32.26 17.70
CA ASN D 132 28.21 -31.64 18.30
C ASN D 132 29.41 -31.58 17.36
N ASP D 133 29.38 -32.28 16.23
CA ASP D 133 30.51 -32.31 15.29
C ASP D 133 30.06 -31.96 13.87
N PRO D 134 29.56 -30.74 13.66
CA PRO D 134 29.30 -30.30 12.28
C PRO D 134 30.53 -30.34 11.42
N SER D 135 31.72 -30.26 12.02
CA SER D 135 32.95 -30.44 11.27
C SER D 135 32.95 -31.77 10.52
N VAL D 136 32.74 -32.87 11.24
CA VAL D 136 32.72 -34.17 10.57
C VAL D 136 31.50 -34.30 9.68
N VAL D 137 30.39 -33.65 10.04
CA VAL D 137 29.23 -33.67 9.13
C VAL D 137 29.60 -33.13 7.76
N PHE D 138 30.21 -31.93 7.73
CA PHE D 138 30.56 -31.33 6.45
C PHE D 138 31.71 -32.04 5.75
N ASP D 139 32.62 -32.65 6.52
CA ASP D 139 33.69 -33.42 5.88
C ASP D 139 33.14 -34.68 5.22
N ASP D 140 32.21 -35.38 5.88
CA ASP D 140 31.55 -36.49 5.21
C ASP D 140 30.71 -36.02 4.04
N ILE D 141 30.18 -34.79 4.10
CA ILE D 141 29.55 -34.20 2.92
C ILE D 141 30.53 -34.20 1.75
N VAL D 142 31.67 -33.55 1.95
CA VAL D 142 32.61 -33.39 0.84
C VAL D 142 33.14 -34.74 0.36
N THR D 143 33.28 -35.71 1.26
CA THR D 143 33.93 -36.97 0.88
C THR D 143 32.96 -38.04 0.40
N ASN D 144 31.66 -37.91 0.67
CA ASN D 144 30.73 -38.99 0.38
C ASN D 144 30.50 -39.13 -1.13
N GLU D 145 30.75 -40.34 -1.64
CA GLU D 145 30.86 -40.53 -3.07
C GLU D 145 29.52 -40.41 -3.80
N GLN D 146 28.39 -40.66 -3.14
CA GLN D 146 27.11 -40.54 -3.83
C GLN D 146 26.80 -39.08 -4.19
N ILE D 147 26.71 -38.23 -3.18
CA ILE D 147 26.52 -36.81 -3.43
C ILE D 147 27.67 -36.26 -4.26
N GLN D 148 28.85 -36.86 -4.15
CA GLN D 148 29.93 -36.50 -5.06
C GLN D 148 29.55 -36.78 -6.51
N LYS D 149 28.97 -37.97 -6.77
CA LYS D 149 28.55 -38.32 -8.12
C LYS D 149 27.56 -37.31 -8.68
N ARG D 150 26.62 -36.87 -7.84
CA ARG D 150 25.68 -35.84 -8.30
C ARG D 150 26.38 -34.52 -8.58
N ALA D 151 27.27 -34.11 -7.68
CA ALA D 151 28.04 -32.88 -7.87
C ALA D 151 28.83 -32.91 -9.17
N GLU D 152 29.32 -34.09 -9.56
CA GLU D 152 30.04 -34.20 -10.83
C GLU D 152 29.21 -33.61 -11.97
N GLY D 153 28.01 -34.14 -12.19
CA GLY D 153 27.18 -33.66 -13.29
C GLY D 153 26.83 -32.19 -13.14
N ILE D 154 26.39 -31.79 -11.93
CA ILE D 154 25.96 -30.39 -11.76
C ILE D 154 27.09 -29.43 -12.08
N SER D 155 28.19 -29.53 -11.34
CA SER D 155 29.29 -28.60 -11.53
C SER D 155 29.97 -28.79 -12.89
N SER D 156 29.81 -29.95 -13.53
CA SER D 156 30.34 -30.13 -14.87
C SER D 156 29.59 -29.26 -15.87
N TYR D 157 28.26 -29.32 -15.83
CA TYR D 157 27.49 -28.40 -16.67
C TYR D 157 27.90 -26.95 -16.41
N TYR D 158 28.02 -26.60 -15.12
CA TYR D 158 28.31 -25.20 -14.78
C TYR D 158 29.67 -24.76 -15.32
N ASP D 159 30.72 -25.54 -15.08
CA ASP D 159 32.04 -25.06 -15.47
C ASP D 159 32.29 -25.20 -16.97
N GLU D 160 31.63 -26.16 -17.64
CA GLU D 160 31.63 -26.15 -19.09
C GLU D 160 31.09 -24.82 -19.62
N LEU D 161 29.95 -24.39 -19.09
CA LEU D 161 29.39 -23.12 -19.52
C LEU D 161 30.34 -21.97 -19.22
N ILE D 162 30.93 -21.94 -18.02
CA ILE D 162 31.81 -20.84 -17.66
C ILE D 162 33.03 -20.79 -18.57
N GLU D 163 33.60 -21.96 -18.89
CA GLU D 163 34.73 -22.03 -19.79
C GLU D 163 34.39 -21.46 -21.16
N MET D 164 33.28 -21.92 -21.75
CA MET D 164 32.92 -21.44 -23.08
C MET D 164 32.63 -19.94 -23.08
N THR D 165 31.99 -19.43 -22.02
CA THR D 165 31.71 -17.99 -21.97
C THR D 165 32.98 -17.18 -21.80
N SER D 166 33.96 -17.68 -21.04
CA SER D 166 35.23 -16.96 -20.95
C SER D 166 35.94 -16.95 -22.28
N TYR D 167 35.91 -18.08 -23.01
CA TYR D 167 36.46 -18.10 -24.36
C TYR D 167 35.80 -17.06 -25.25
N TRP D 168 34.46 -17.01 -25.25
CA TRP D 168 33.76 -16.10 -26.15
C TRP D 168 33.96 -14.65 -25.75
N HIS D 169 34.15 -14.37 -24.46
CA HIS D 169 34.40 -13.00 -24.04
C HIS D 169 35.86 -12.59 -24.20
N LEU D 170 36.76 -13.56 -24.39
CA LEU D 170 38.18 -13.26 -24.53
C LEU D 170 38.64 -13.19 -25.97
N LEU D 171 38.36 -14.22 -26.77
CA LEU D 171 38.96 -14.33 -28.09
C LEU D 171 38.08 -13.76 -29.21
N GLY D 172 36.79 -14.03 -29.18
CA GLY D 172 35.92 -13.60 -30.25
C GLY D 172 35.16 -14.74 -30.89
N GLU D 173 35.35 -14.94 -32.20
CA GLU D 173 34.68 -16.02 -32.91
C GLU D 173 35.60 -16.55 -33.99
N GLY D 174 35.16 -17.64 -34.63
CA GLY D 174 35.96 -18.29 -35.65
C GLY D 174 36.76 -19.47 -35.12
N THR D 175 37.87 -19.79 -35.76
CA THR D 175 38.77 -20.84 -35.32
C THR D 175 40.10 -20.19 -34.95
N HIS D 176 40.55 -20.42 -33.72
CA HIS D 176 41.70 -19.73 -33.18
C HIS D 176 42.73 -20.74 -32.68
N THR D 177 43.96 -20.26 -32.53
CA THR D 177 45.07 -21.06 -32.02
C THR D 177 45.72 -20.32 -30.87
N VAL D 178 45.91 -21.02 -29.76
CA VAL D 178 46.55 -20.46 -28.57
C VAL D 178 47.48 -21.51 -27.97
N ASN D 179 48.74 -21.14 -27.76
CA ASN D 179 49.77 -22.01 -27.20
C ASN D 179 49.99 -23.27 -28.04
N GLY D 180 49.50 -23.29 -29.28
CA GLY D 180 49.70 -24.42 -30.16
C GLY D 180 48.57 -25.42 -30.13
N LYS D 181 47.34 -24.95 -29.94
CA LYS D 181 46.15 -25.78 -29.95
C LYS D 181 45.17 -25.23 -30.98
N THR D 182 44.00 -25.86 -31.07
CA THR D 182 42.95 -25.45 -31.99
C THR D 182 41.63 -25.42 -31.23
N VAL D 183 41.12 -24.21 -30.98
CA VAL D 183 39.86 -24.01 -30.28
C VAL D 183 38.92 -23.20 -31.18
N THR D 184 37.70 -23.69 -31.34
CA THR D 184 36.73 -23.10 -32.27
C THR D 184 35.51 -22.63 -31.47
N VAL D 185 35.55 -21.39 -31.01
CA VAL D 185 34.40 -20.82 -30.30
C VAL D 185 33.31 -20.47 -31.29
N SER D 186 32.06 -20.48 -30.82
CA SER D 186 30.93 -20.20 -31.68
C SER D 186 29.72 -19.84 -30.83
N LEU D 187 29.02 -18.78 -31.23
CA LEU D 187 27.83 -18.34 -30.49
C LEU D 187 26.77 -19.42 -30.45
N ARG D 188 26.67 -20.24 -31.50
CA ARG D 188 25.65 -21.28 -31.53
C ARG D 188 25.92 -22.33 -30.46
N GLU D 189 27.16 -22.80 -30.36
CA GLU D 189 27.49 -23.75 -29.30
C GLU D 189 27.40 -23.12 -27.92
N LEU D 190 27.73 -21.83 -27.81
CA LEU D 190 27.57 -21.15 -26.53
C LEU D 190 26.11 -21.14 -26.09
N LYS D 191 25.20 -20.81 -27.01
CA LYS D 191 23.78 -20.83 -26.68
C LYS D 191 23.30 -22.23 -26.36
N LYS D 192 23.82 -23.24 -27.05
CA LYS D 192 23.46 -24.61 -26.76
C LYS D 192 23.86 -24.99 -25.33
N LYS D 193 25.09 -24.63 -24.95
CA LYS D 193 25.55 -24.93 -23.59
C LYS D 193 24.75 -24.16 -22.56
N LEU D 194 24.37 -22.91 -22.87
CA LEU D 194 23.56 -22.13 -21.95
C LEU D 194 22.20 -22.78 -21.73
N TYR D 195 21.57 -23.23 -22.83
CA TYR D 195 20.27 -23.89 -22.69
C TYR D 195 20.38 -25.18 -21.89
N LEU D 196 21.46 -25.94 -22.10
CA LEU D 196 21.63 -27.17 -21.33
C LEU D 196 21.83 -26.87 -19.86
N CYS D 197 22.64 -25.85 -19.54
CA CYS D 197 22.83 -25.46 -18.14
C CYS D 197 21.52 -25.02 -17.51
N LEU D 198 20.70 -24.27 -18.25
CA LEU D 198 19.44 -23.80 -17.69
C LEU D 198 18.48 -24.96 -17.47
N MET D 199 18.47 -25.94 -18.38
CA MET D 199 17.67 -27.14 -18.15
C MET D 199 18.16 -27.88 -16.91
N SER D 200 19.48 -27.88 -16.68
CA SER D 200 20.02 -28.52 -15.48
C SER D 200 19.55 -27.80 -14.22
N VAL D 201 19.61 -26.47 -14.22
CA VAL D 201 19.15 -25.71 -13.06
C VAL D 201 17.67 -25.95 -12.82
N ASN D 202 16.88 -26.03 -13.89
CA ASN D 202 15.46 -26.31 -13.76
C ASN D 202 15.22 -27.66 -13.12
N ALA D 203 15.88 -28.70 -13.64
CA ALA D 203 15.72 -30.04 -13.07
C ALA D 203 16.14 -30.07 -11.60
N LEU D 204 17.23 -29.39 -11.27
CA LEU D 204 17.68 -29.33 -9.88
C LEU D 204 16.63 -28.69 -9.00
N GLU D 205 16.28 -27.43 -9.28
CA GLU D 205 15.32 -26.71 -8.45
C GLU D 205 13.95 -27.35 -8.43
N ALA D 206 13.62 -28.22 -9.38
CA ALA D 206 12.29 -28.82 -9.43
C ALA D 206 12.22 -30.24 -8.91
N ILE D 207 13.34 -30.94 -8.76
CA ILE D 207 13.29 -32.36 -8.41
C ILE D 207 14.03 -32.67 -7.12
N ARG D 208 15.33 -32.38 -7.10
CA ARG D 208 16.17 -32.80 -5.98
C ARG D 208 15.66 -32.20 -4.66
N PHE D 209 15.54 -30.88 -4.62
CA PHE D 209 15.06 -30.22 -3.42
C PHE D 209 13.68 -30.71 -3.04
N TYR D 210 12.85 -31.08 -4.02
CA TYR D 210 11.50 -31.51 -3.67
C TYR D 210 11.50 -32.91 -3.05
N VAL D 211 12.40 -33.79 -3.50
CA VAL D 211 12.56 -35.07 -2.81
C VAL D 211 13.04 -34.84 -1.39
N SER D 212 13.99 -33.91 -1.22
CA SER D 212 14.50 -33.63 0.12
C SER D 212 13.41 -33.09 1.03
N PHE D 213 12.56 -32.21 0.50
CA PHE D 213 11.48 -31.63 1.28
C PHE D 213 10.42 -32.69 1.61
N ALA D 214 10.15 -33.60 0.67
CA ALA D 214 9.22 -34.67 0.96
C ALA D 214 9.74 -35.57 2.06
N CYS D 215 11.04 -35.86 2.06
CA CYS D 215 11.60 -36.67 3.13
C CYS D 215 11.49 -35.95 4.48
N SER D 216 11.90 -34.67 4.53
CA SER D 216 11.85 -33.94 5.78
C SER D 216 10.43 -33.76 6.29
N PHE D 217 9.45 -33.63 5.38
CA PHE D 217 8.08 -33.42 5.81
C PHE D 217 7.40 -34.72 6.22
N ALA D 218 7.70 -35.82 5.52
CA ALA D 218 7.27 -37.12 6.01
C ALA D 218 7.85 -37.41 7.38
N PHE D 219 9.05 -36.90 7.65
CA PHE D 219 9.61 -37.00 9.00
C PHE D 219 8.81 -36.18 9.99
N ALA D 220 8.58 -34.89 9.67
CA ALA D 220 7.86 -34.00 10.57
C ALA D 220 6.39 -34.38 10.76
N GLU D 221 5.83 -35.22 9.88
CA GLU D 221 4.44 -35.64 10.05
C GLU D 221 4.24 -36.43 11.32
N ARG D 222 5.25 -37.18 11.75
CA ARG D 222 5.20 -37.97 12.98
C ARG D 222 5.31 -37.12 14.25
N GLU D 223 5.27 -35.79 14.10
CA GLU D 223 5.37 -34.85 15.22
C GLU D 223 6.77 -34.86 15.83
N LEU D 224 7.78 -34.99 14.97
CA LEU D 224 9.18 -34.79 15.36
C LEU D 224 9.81 -33.76 14.42
N MET D 225 10.74 -32.98 14.97
CA MET D 225 11.51 -32.00 14.19
C MET D 225 10.59 -30.93 13.60
N GLU D 226 9.84 -30.27 14.48
CA GLU D 226 8.92 -29.22 14.03
C GLU D 226 9.68 -27.97 13.59
N GLY D 227 10.82 -27.68 14.20
CA GLY D 227 11.65 -26.58 13.71
C GLY D 227 12.13 -26.83 12.30
N ASN D 228 12.58 -28.06 12.02
CA ASN D 228 12.94 -28.41 10.66
C ASN D 228 11.73 -28.32 9.74
N ALA D 229 10.55 -28.71 10.23
CA ALA D 229 9.34 -28.57 9.42
C ALA D 229 9.15 -27.13 8.98
N LYS D 230 9.22 -26.19 9.92
CA LYS D 230 9.02 -24.79 9.59
C LYS D 230 10.08 -24.28 8.62
N ILE D 231 11.34 -24.58 8.90
CA ILE D 231 12.41 -24.07 8.06
C ILE D 231 12.31 -24.62 6.64
N ILE D 232 12.03 -25.92 6.52
CA ILE D 232 11.93 -26.52 5.20
C ILE D 232 10.67 -26.04 4.48
N ARG D 233 9.63 -25.65 5.22
CA ARG D 233 8.48 -25.03 4.58
C ARG D 233 8.86 -23.69 3.95
N LEU D 234 9.57 -22.86 4.71
CA LEU D 234 10.03 -21.58 4.18
C LEU D 234 10.93 -21.79 2.95
N ILE D 235 11.82 -22.78 3.02
CA ILE D 235 12.73 -23.02 1.92
C ILE D 235 12.00 -23.58 0.71
N ALA D 236 10.97 -24.40 0.91
CA ALA D 236 10.18 -24.87 -0.22
C ALA D 236 9.43 -23.74 -0.88
N ARG D 237 8.97 -22.76 -0.10
CA ARG D 237 8.36 -21.56 -0.68
C ARG D 237 9.35 -20.83 -1.58
N ASP D 238 10.53 -20.52 -1.03
CA ASP D 238 11.53 -19.80 -1.82
C ASP D 238 11.92 -20.59 -3.07
N GLU D 239 12.00 -21.91 -2.96
CA GLU D 239 12.41 -22.71 -4.11
C GLU D 239 11.32 -22.83 -5.16
N ALA D 240 10.04 -22.84 -4.76
CA ALA D 240 8.98 -22.76 -5.75
C ALA D 240 9.04 -21.45 -6.51
N LEU D 241 9.38 -20.37 -5.81
CA LEU D 241 9.57 -19.09 -6.49
C LEU D 241 10.70 -19.19 -7.52
N HIS D 242 11.86 -19.70 -7.10
CA HIS D 242 12.99 -19.85 -8.01
C HIS D 242 12.63 -20.72 -9.21
N LEU D 243 11.90 -21.81 -8.98
CA LEU D 243 11.48 -22.70 -10.05
C LEU D 243 10.61 -21.98 -11.07
N THR D 244 9.64 -21.19 -10.60
CA THR D 244 8.80 -20.45 -11.53
C THR D 244 9.63 -19.47 -12.36
N GLY D 245 10.58 -18.79 -11.71
CA GLY D 245 11.45 -17.88 -12.45
C GLY D 245 12.21 -18.59 -13.56
N THR D 246 12.83 -19.73 -13.23
CA THR D 246 13.62 -20.45 -14.22
C THR D 246 12.74 -21.02 -15.34
N GLN D 247 11.55 -21.51 -15.01
CA GLN D 247 10.67 -22.04 -16.04
C GLN D 247 10.24 -20.95 -17.01
N HIS D 248 9.91 -19.76 -16.49
CA HIS D 248 9.56 -18.67 -17.40
C HIS D 248 10.75 -18.23 -18.23
N MET D 249 11.96 -18.28 -17.66
CA MET D 249 13.15 -17.99 -18.45
C MET D 249 13.28 -18.96 -19.62
N LEU D 250 13.15 -20.26 -19.34
CA LEU D 250 13.26 -21.26 -20.40
C LEU D 250 12.19 -21.09 -21.46
N ASN D 251 10.96 -20.76 -21.05
CA ASN D 251 9.90 -20.58 -22.03
C ASN D 251 10.14 -19.35 -22.89
N LEU D 252 10.59 -18.25 -22.28
CA LEU D 252 10.85 -17.05 -23.06
C LEU D 252 12.02 -17.24 -24.00
N LEU D 253 12.94 -18.15 -23.67
CA LEU D 253 14.01 -18.47 -24.62
C LEU D 253 13.50 -19.35 -25.75
N ARG D 254 12.88 -20.49 -25.40
CA ARG D 254 12.57 -21.51 -26.39
C ARG D 254 11.40 -21.12 -27.29
N SER D 255 10.50 -20.27 -26.82
CA SER D 255 9.29 -19.98 -27.60
C SER D 255 9.57 -19.11 -28.83
N GLY D 256 10.82 -18.79 -29.12
CA GLY D 256 11.12 -17.98 -30.28
C GLY D 256 10.70 -16.54 -30.19
N ALA D 257 10.34 -16.06 -28.99
CA ALA D 257 9.92 -14.67 -28.83
C ALA D 257 11.11 -13.73 -28.72
N ASP D 258 12.25 -14.22 -28.24
CA ASP D 258 13.45 -13.41 -28.05
C ASP D 258 14.54 -13.68 -29.09
N ASP D 259 14.78 -14.95 -29.42
CA ASP D 259 15.79 -15.31 -30.41
C ASP D 259 15.36 -16.53 -31.22
N PRO D 260 15.12 -16.38 -32.52
CA PRO D 260 14.86 -17.56 -33.36
C PRO D 260 16.03 -18.52 -33.42
N GLU D 261 17.26 -17.99 -33.34
CA GLU D 261 18.42 -18.85 -33.18
C GLU D 261 18.26 -19.73 -31.95
N MET D 262 17.85 -19.14 -30.83
CA MET D 262 17.63 -19.91 -29.60
C MET D 262 16.52 -20.93 -29.77
N ALA D 263 15.46 -20.56 -30.52
CA ALA D 263 14.39 -21.51 -30.78
C ALA D 263 14.90 -22.73 -31.53
N GLU D 264 15.69 -22.50 -32.58
CA GLU D 264 16.23 -23.61 -33.36
C GLU D 264 17.20 -24.45 -32.54
N ILE D 265 18.00 -23.80 -31.70
CA ILE D 265 18.95 -24.54 -30.87
C ILE D 265 18.22 -25.41 -29.85
N ALA D 266 17.13 -24.88 -29.26
CA ALA D 266 16.33 -25.70 -28.36
C ALA D 266 15.69 -26.86 -29.09
N GLU D 267 15.19 -26.62 -30.31
CA GLU D 267 14.63 -27.71 -31.10
C GLU D 267 15.69 -28.75 -31.46
N GLU D 268 16.96 -28.36 -31.47
CA GLU D 268 18.04 -29.31 -31.70
C GLU D 268 18.37 -30.10 -30.44
N CYS D 269 18.42 -29.43 -29.29
CA CYS D 269 18.90 -30.03 -28.04
C CYS D 269 17.79 -30.58 -27.16
N LYS D 270 16.55 -30.63 -27.67
CA LYS D 270 15.47 -31.29 -26.94
C LYS D 270 15.88 -32.66 -26.40
N GLN D 271 16.64 -33.43 -27.19
CA GLN D 271 17.02 -34.77 -26.78
C GLN D 271 17.93 -34.74 -25.56
N GLU D 272 18.94 -33.87 -25.57
CA GLU D 272 19.83 -33.75 -24.43
C GLU D 272 19.06 -33.28 -23.19
N CYS D 273 18.13 -32.36 -23.36
CA CYS D 273 17.34 -31.91 -22.22
C CYS D 273 16.53 -33.06 -21.62
N TYR D 274 15.81 -33.80 -22.47
CA TYR D 274 14.99 -34.92 -22.01
C TYR D 274 15.84 -35.96 -21.28
N ASP D 275 16.99 -36.31 -21.87
CA ASP D 275 17.84 -37.33 -21.26
C ASP D 275 18.45 -36.85 -19.96
N LEU D 276 18.79 -35.55 -19.86
CA LEU D 276 19.26 -35.00 -18.60
C LEU D 276 18.20 -35.13 -17.52
N PHE D 277 16.95 -34.79 -17.86
CA PHE D 277 15.86 -34.92 -16.91
C PHE D 277 15.72 -36.35 -16.42
N VAL D 278 15.72 -37.31 -17.36
CA VAL D 278 15.52 -38.71 -16.98
C VAL D 278 16.68 -39.21 -16.13
N GLN D 279 17.90 -38.84 -16.49
CA GLN D 279 19.06 -39.27 -15.72
C GLN D 279 19.03 -38.70 -14.31
N ALA D 280 18.62 -37.44 -14.18
CA ALA D 280 18.49 -36.84 -12.85
C ALA D 280 17.46 -37.60 -12.02
N ALA D 281 16.30 -37.89 -12.60
CA ALA D 281 15.27 -38.61 -11.85
C ALA D 281 15.75 -39.99 -11.41
N GLN D 282 16.47 -40.69 -12.30
CA GLN D 282 16.98 -42.01 -11.91
C GLN D 282 18.03 -41.88 -10.81
N GLN D 283 18.84 -40.83 -10.84
CA GLN D 283 19.77 -40.60 -9.74
C GLN D 283 19.03 -40.38 -8.43
N GLU D 284 17.91 -39.66 -8.48
CA GLU D 284 17.12 -39.46 -7.26
C GLU D 284 16.62 -40.78 -6.70
N LYS D 285 16.06 -41.63 -7.57
CA LYS D 285 15.50 -42.88 -7.05
C LYS D 285 16.60 -43.83 -6.56
N ASP D 286 17.79 -43.81 -7.18
CA ASP D 286 18.88 -44.63 -6.65
C ASP D 286 19.38 -44.08 -5.31
N TRP D 287 19.47 -42.75 -5.17
CA TRP D 287 19.76 -42.17 -3.87
C TRP D 287 18.76 -42.60 -2.82
N ALA D 288 17.49 -42.68 -3.19
CA ALA D 288 16.47 -43.16 -2.25
C ALA D 288 16.69 -44.63 -1.90
N ASP D 289 17.01 -45.45 -2.90
CA ASP D 289 17.30 -46.86 -2.63
C ASP D 289 18.42 -47.02 -1.62
N TYR D 290 19.53 -46.29 -1.80
CA TYR D 290 20.59 -46.36 -0.82
C TYR D 290 20.17 -45.75 0.51
N LEU D 291 19.31 -44.73 0.48
CA LEU D 291 18.80 -44.15 1.71
C LEU D 291 18.11 -45.20 2.57
N PHE D 292 17.29 -46.04 1.95
CA PHE D 292 16.56 -47.08 2.68
C PHE D 292 17.40 -48.36 2.77
N ARG D 293 18.56 -48.22 3.42
CA ARG D 293 19.50 -49.32 3.61
C ARG D 293 19.17 -50.16 4.83
N ASP D 294 18.82 -49.51 5.95
CA ASP D 294 18.47 -50.21 7.17
C ASP D 294 17.00 -50.63 7.20
N GLY D 295 16.37 -50.74 6.04
CA GLY D 295 14.96 -51.05 5.96
C GLY D 295 14.16 -49.92 5.34
N SER D 296 13.35 -49.24 6.15
CA SER D 296 12.60 -48.10 5.68
C SER D 296 12.43 -47.13 6.83
N MET D 297 11.92 -45.94 6.52
CA MET D 297 11.79 -44.88 7.51
C MET D 297 10.58 -45.15 8.39
N ILE D 298 10.18 -44.14 9.17
CA ILE D 298 9.09 -44.28 10.13
C ILE D 298 7.75 -44.04 9.44
N GLY D 299 7.16 -45.11 8.90
CA GLY D 299 5.87 -45.01 8.25
C GLY D 299 5.94 -44.67 6.77
N LEU D 300 6.73 -45.42 6.02
CA LEU D 300 6.85 -45.25 4.57
C LEU D 300 7.63 -46.43 4.02
N ASN D 301 7.76 -46.46 2.69
CA ASN D 301 8.52 -47.49 1.98
C ASN D 301 9.26 -46.79 0.84
N LYS D 302 9.79 -47.59 -0.08
CA LYS D 302 10.45 -47.04 -1.26
C LYS D 302 9.49 -46.77 -2.40
N ASP D 303 8.40 -47.54 -2.49
CA ASP D 303 7.46 -47.37 -3.59
C ASP D 303 6.80 -46.00 -3.55
N ILE D 304 6.37 -45.56 -2.37
CA ILE D 304 5.68 -44.28 -2.26
C ILE D 304 6.59 -43.14 -2.68
N LEU D 305 7.83 -43.15 -2.21
CA LEU D 305 8.74 -42.05 -2.54
C LEU D 305 9.15 -42.12 -4.02
N CYS D 306 9.30 -43.32 -4.57
CA CYS D 306 9.61 -43.44 -5.99
C CYS D 306 8.48 -42.90 -6.85
N GLN D 307 7.24 -43.24 -6.51
CA GLN D 307 6.09 -42.70 -7.25
C GLN D 307 5.98 -41.19 -7.05
N TYR D 308 6.37 -40.68 -5.89
CA TYR D 308 6.39 -39.23 -5.69
C TYR D 308 7.41 -38.56 -6.62
N VAL D 309 8.61 -39.12 -6.71
CA VAL D 309 9.62 -38.58 -7.61
C VAL D 309 9.13 -38.63 -9.06
N GLU D 310 8.50 -39.75 -9.43
CA GLU D 310 7.91 -39.86 -10.76
C GLU D 310 6.90 -38.75 -11.00
N TYR D 311 5.97 -38.57 -10.06
CA TYR D 311 4.96 -37.51 -10.19
C TYR D 311 5.59 -36.15 -10.39
N ILE D 312 6.52 -35.78 -9.51
CA ILE D 312 7.08 -34.43 -9.57
C ILE D 312 7.86 -34.22 -10.86
N THR D 313 8.67 -35.20 -11.27
CA THR D 313 9.47 -35.01 -12.47
C THR D 313 8.58 -34.97 -13.71
N ASN D 314 7.52 -35.79 -13.76
CA ASN D 314 6.64 -35.76 -14.92
C ASN D 314 5.87 -34.45 -14.99
N ILE D 315 5.42 -33.93 -13.86
CA ILE D 315 4.68 -32.67 -13.87
C ILE D 315 5.59 -31.52 -14.30
N ARG D 316 6.79 -31.45 -13.71
CA ARG D 316 7.70 -30.37 -14.09
C ARG D 316 8.11 -30.48 -15.56
N MET D 317 8.28 -31.70 -16.06
CA MET D 317 8.65 -31.89 -17.46
C MET D 317 7.51 -31.43 -18.38
N GLN D 318 6.29 -31.92 -18.13
CA GLN D 318 5.16 -31.52 -18.96
C GLN D 318 4.92 -30.02 -18.86
N ALA D 319 5.31 -29.39 -17.75
CA ALA D 319 5.13 -27.95 -17.60
C ALA D 319 6.16 -27.17 -18.41
N VAL D 320 7.43 -27.57 -18.32
CA VAL D 320 8.49 -26.84 -19.04
C VAL D 320 8.40 -27.06 -20.54
N GLY D 321 7.56 -27.99 -21.00
CA GLY D 321 7.39 -28.21 -22.42
C GLY D 321 8.25 -29.31 -23.00
N LEU D 322 8.17 -30.50 -22.41
CA LEU D 322 8.86 -31.68 -22.93
C LEU D 322 7.90 -32.86 -22.88
N ASP D 323 8.36 -34.01 -23.37
CA ASP D 323 7.54 -35.20 -23.39
C ASP D 323 7.30 -35.72 -21.97
N LEU D 324 6.46 -36.74 -21.85
CA LEU D 324 6.23 -37.40 -20.58
C LEU D 324 6.98 -38.72 -20.55
N PRO D 325 7.90 -38.92 -19.62
CA PRO D 325 8.70 -40.16 -19.60
C PRO D 325 8.15 -41.26 -18.70
N PHE D 326 6.94 -41.13 -18.17
CA PHE D 326 6.41 -42.12 -17.25
C PHE D 326 4.92 -42.29 -17.50
N GLN D 327 4.37 -43.39 -16.96
CA GLN D 327 2.94 -43.65 -16.99
C GLN D 327 2.35 -43.10 -15.68
N THR D 328 1.76 -41.92 -15.77
CA THR D 328 1.29 -41.20 -14.58
C THR D 328 0.12 -41.93 -13.93
N ARG D 329 0.05 -41.84 -12.61
CA ARG D 329 -1.09 -42.34 -11.84
C ARG D 329 -1.46 -41.26 -10.82
N SER D 330 -2.31 -41.62 -9.87
CA SER D 330 -2.79 -40.65 -8.89
C SER D 330 -1.66 -40.24 -7.93
N ASN D 331 -1.90 -39.14 -7.24
CA ASN D 331 -0.94 -38.61 -6.27
C ASN D 331 -0.70 -39.62 -5.15
N PRO D 332 0.52 -40.12 -4.98
CA PRO D 332 0.76 -41.14 -3.95
C PRO D 332 0.86 -40.56 -2.54
N ILE D 333 1.36 -39.34 -2.42
CA ILE D 333 1.67 -38.75 -1.12
C ILE D 333 0.96 -37.40 -0.99
N PRO D 334 -0.38 -37.39 -1.02
CA PRO D 334 -1.10 -36.12 -1.18
C PRO D 334 -0.72 -35.04 -0.18
N TRP D 335 -0.58 -35.40 1.10
CA TRP D 335 -0.35 -34.40 2.13
C TRP D 335 0.89 -33.57 1.86
N ILE D 336 1.87 -34.13 1.12
CA ILE D 336 3.09 -33.37 0.85
C ILE D 336 2.75 -32.06 0.14
N ASN D 337 1.82 -32.11 -0.83
CA ASN D 337 1.49 -30.93 -1.60
C ASN D 337 0.69 -29.92 -0.77
N THR D 338 0.23 -30.30 0.41
CA THR D 338 -0.43 -29.38 1.32
C THR D 338 0.45 -28.99 2.49
N TRP D 339 1.77 -29.21 2.38
CA TRP D 339 2.69 -28.81 3.43
C TRP D 339 3.72 -27.79 2.99
N LEU D 340 3.96 -27.64 1.69
CA LEU D 340 5.04 -26.80 1.18
C LEU D 340 4.58 -25.39 0.82
N VAL D 341 3.48 -25.25 0.08
CA VAL D 341 2.90 -23.93 -0.24
C VAL D 341 1.45 -23.94 0.19
N SER D 342 1.08 -22.98 1.03
CA SER D 342 -0.29 -22.85 1.53
C SER D 342 -1.00 -21.68 0.86
PA TTP E . -14.36 22.30 3.98
O1A TTP E . -15.30 21.33 4.66
O2A TTP E . -15.09 23.13 2.96
O3A TTP E . -13.58 23.20 5.07
PB TTP E . -13.90 24.77 5.24
O1B TTP E . -13.79 25.16 6.68
O2B TTP E . -15.24 25.15 4.67
O3B TTP E . -12.69 25.43 4.40
PG TTP E . -12.80 26.94 3.86
O1G TTP E . -12.80 27.89 5.02
O2G TTP E . -11.61 27.24 2.97
O3G TTP E . -14.07 27.10 3.06
O5' TTP E . -13.15 21.50 3.29
C5' TTP E . -12.90 21.69 1.90
C4' TTP E . -11.64 20.93 1.50
O4' TTP E . -10.60 21.23 2.43
C3' TTP E . -11.86 19.43 1.54
O3' TTP E . -11.81 18.92 0.21
C2' TTP E . -10.72 18.86 2.36
C1' TTP E . -9.83 20.05 2.71
N1 TTP E . -9.45 20.04 4.12
C2 TTP E . -8.43 19.18 4.56
O2 TTP E . -7.87 18.41 3.75
N3 TTP E . -8.06 19.15 5.85
C4 TTP E . -8.63 19.95 6.74
O4 TTP E . -8.27 19.93 7.94
C5 TTP E . -9.70 20.88 6.30
C5M TTP E . -10.37 21.80 7.28
C6 TTP E . -10.07 20.87 4.96
MG MG F . -16.20 25.60 2.95
PB GDP G . 2.53 17.05 22.63
O1B GDP G . 4.03 17.11 22.70
O2B GDP G . 2.05 18.06 21.61
O3B GDP G . 1.94 17.40 23.98
O3A GDP G . 2.05 15.59 22.18
PA GDP G . 2.12 14.35 23.20
O1A GDP G . 3.42 13.61 23.05
O2A GDP G . 1.87 14.77 24.62
O5' GDP G . 0.89 13.45 22.67
C5' GDP G . -0.26 13.30 23.48
C4' GDP G . -1.38 12.80 22.58
O4' GDP G . -1.39 13.57 21.38
C3' GDP G . -1.12 11.37 22.18
O3' GDP G . -2.01 10.52 22.89
C2' GDP G . -1.39 11.30 20.70
O2' GDP G . -2.65 10.66 20.49
C1' GDP G . -1.50 12.74 20.23
N9 GDP G . -0.38 13.04 19.30
C8 GDP G . 0.90 13.25 19.64
N7 GDP G . 1.68 13.52 18.56
C5 GDP G . 0.88 13.49 17.49
C6 GDP G . 1.05 13.69 16.03
O6 GDP G . 2.16 13.95 15.55
N1 GDP G . -0.03 13.56 15.25
C2 GDP G . -1.25 13.28 15.75
N2 GDP G . -2.29 13.18 14.89
N3 GDP G . -1.47 13.09 17.07
C4 GDP G . -0.47 13.18 17.97
PA TTP H . -23.80 -5.70 7.87
O1A TTP H . -23.99 -5.72 9.37
O2A TTP H . -24.00 -4.30 7.32
O3A TTP H . -24.75 -6.75 7.12
PB TTP H . -26.11 -7.33 7.75
O1B TTP H . -26.44 -6.70 9.09
O2B TTP H . -27.27 -7.17 6.79
O3B TTP H . -25.74 -8.88 7.92
PG TTP H . -26.08 -9.66 9.28
O1G TTP H . -25.32 -9.01 10.42
O2G TTP H . -25.65 -11.10 9.15
O3G TTP H . -27.56 -9.59 9.55
O5' TTP H . -22.34 -6.25 7.49
C5' TTP H . -21.40 -6.55 8.52
C4' TTP H . -20.04 -6.82 7.92
O4' TTP H . -20.19 -7.59 6.73
C3' TTP H . -19.36 -5.52 7.52
O3' TTP H . -18.28 -5.24 8.41
C2' TTP H . -18.83 -5.74 6.12
C1' TTP H . -19.24 -7.17 5.75
N1 TTP H . -19.82 -7.21 4.41
C2 TTP H . -19.03 -7.62 3.33
O2 TTP H . -17.85 -7.95 3.54
N3 TTP H . -19.51 -7.68 2.08
C4 TTP H . -20.78 -7.35 1.83
O4 TTP H . -21.23 -7.41 0.67
C5 TTP H . -21.64 -6.90 2.96
C5M TTP H . -23.08 -6.52 2.71
C6 TTP H . -21.11 -6.85 4.23
MG MG I . -24.24 -7.88 9.03
FE1 FEO J . 27.64 0.30 -1.20
FE2 FEO J . 25.08 1.45 -2.49
O FEO J . 25.86 0.52 -1.18
FE1 FEO K . 16.76 -22.13 -4.83
FE2 FEO K . 17.94 -23.02 -2.11
O FEO K . 16.75 -22.04 -3.03
#